data_1TLB
#
_entry.id   1TLB
#
_cell.length_a   232.773
_cell.length_b   65.238
_cell.length_c   166.071
_cell.angle_alpha   90.00
_cell.angle_beta   107.85
_cell.angle_gamma   90.00
#
_symmetry.space_group_name_H-M   'C 1 2 1'
#
loop_
_entity.id
_entity.type
_entity.pdbx_description
1 polymer 'Coproporphyrinogen III oxidase'
2 non-polymer 'SULFATE ION'
3 water water
#
_entity_poly.entity_id   1
_entity_poly.type   'polypeptide(L)'
_entity_poly.pdbx_seq_one_letter_code
;APQDPRNLPIRQQMEALIRRKQAEITQGLESIDTVKFHADTWTRGNDGGGGTSMVIQDGTTFEKGGVNVSVVYGQLSPAA
VSAMKADHKNLRLPEDPKTGLPVTDGVKFFACGLSMVIHPVNPHAPTTHLNYRYFETWNQDGTPQTWWFGGGADLTPSYL
YEEDGQLFHQLHKDALDKHDTALYPRFKKWCDEYFYITHRKETRGIGGIFFDDYDERDPQEILKMVEDCFDAFLPSYLTI
VKRRKDMPYTKEEQQWQAIRRGRYVEFNLIYDRGTQFGLRTPGSRVESILMSLPEHASWLYNHHPAPGSREAKLLEVTTK
PREWVK
;
_entity_poly.pdbx_strand_id   A,D,Q,S,U,W
#
loop_
_chem_comp.id
_chem_comp.type
_chem_comp.name
_chem_comp.formula
SO4 non-polymer 'SULFATE ION' 'O4 S -2'
#
# COMPACT_ATOMS: atom_id res chain seq x y z
N ALA A 1 51.92 -26.22 20.38
CA ALA A 1 51.77 -27.70 20.07
C ALA A 1 50.26 -27.98 20.06
N PRO A 2 49.68 -28.99 20.74
CA PRO A 2 50.24 -30.30 21.17
C PRO A 2 50.70 -31.29 20.09
N GLN A 3 51.76 -32.04 20.46
CA GLN A 3 52.56 -32.84 19.53
C GLN A 3 52.10 -34.30 19.42
N ASP A 4 51.32 -34.75 20.40
CA ASP A 4 50.81 -36.14 20.48
C ASP A 4 50.53 -36.86 19.14
N PRO A 5 51.50 -37.62 18.63
CA PRO A 5 51.49 -38.06 17.21
C PRO A 5 50.31 -38.90 16.80
N ARG A 6 49.68 -39.56 17.77
CA ARG A 6 48.76 -40.61 17.41
C ARG A 6 47.68 -40.08 16.46
N ASN A 7 47.20 -38.87 16.72
CA ASN A 7 46.09 -38.29 15.95
C ASN A 7 46.36 -36.94 15.31
N LEU A 8 47.59 -36.47 15.53
CA LEU A 8 48.09 -35.22 14.97
C LEU A 8 47.83 -35.00 13.45
N PRO A 9 47.93 -36.02 12.57
CA PRO A 9 47.46 -35.83 11.18
C PRO A 9 46.06 -35.19 11.06
N ILE A 10 45.04 -35.85 11.63
CA ILE A 10 43.66 -35.34 11.62
C ILE A 10 43.54 -33.93 12.24
N ARG A 11 44.32 -33.68 13.28
CA ARG A 11 44.33 -32.37 13.91
C ARG A 11 44.80 -31.30 12.94
N GLN A 12 45.86 -31.62 12.20
CA GLN A 12 46.42 -30.62 11.28
C GLN A 12 45.61 -30.44 9.98
N GLN A 13 44.95 -31.50 9.52
CA GLN A 13 44.13 -31.43 8.30
C GLN A 13 42.70 -30.85 8.50
N MET A 14 42.28 -30.76 9.77
CA MET A 14 41.01 -30.15 10.13
C MET A 14 41.26 -28.66 10.23
N GLU A 15 42.35 -28.28 10.90
CA GLU A 15 42.78 -26.87 10.98
C GLU A 15 42.93 -26.27 9.58
N ALA A 16 43.61 -27.01 8.71
CA ALA A 16 43.83 -26.62 7.32
C ALA A 16 42.55 -26.61 6.52
N LEU A 17 41.59 -27.43 6.91
CA LEU A 17 40.34 -27.45 6.19
C LEU A 17 39.52 -26.21 6.54
N ILE A 18 39.52 -25.85 7.80
CA ILE A 18 38.71 -24.74 8.27
C ILE A 18 39.31 -23.36 7.88
N ARG A 19 40.63 -23.29 7.77
CA ARG A 19 41.31 -22.11 7.25
C ARG A 19 41.01 -21.93 5.77
N ARG A 20 41.02 -23.02 5.00
CA ARG A 20 40.68 -22.91 3.56
C ARG A 20 39.24 -22.44 3.33
N LYS A 21 38.33 -22.99 4.12
CA LYS A 21 36.94 -22.65 3.96
C LYS A 21 36.57 -21.30 4.52
N GLN A 22 37.32 -20.79 5.52
CA GLN A 22 37.16 -19.41 6.03
C GLN A 22 37.28 -18.39 4.91
N ALA A 23 38.37 -18.54 4.15
CA ALA A 23 38.68 -17.81 2.91
C ALA A 23 37.59 -17.97 1.87
N GLU A 24 37.32 -19.22 1.56
CA GLU A 24 36.35 -19.52 0.52
C GLU A 24 34.97 -18.99 0.90
N ILE A 25 34.58 -19.14 2.15
CA ILE A 25 33.26 -18.59 2.53
C ILE A 25 33.11 -17.06 2.56
N THR A 26 34.11 -16.33 3.11
CA THR A 26 34.13 -14.86 3.16
C THR A 26 34.11 -14.31 1.75
N GLN A 27 34.95 -14.88 0.91
CA GLN A 27 35.01 -14.49 -0.52
C GLN A 27 33.63 -14.61 -1.19
N GLY A 28 32.97 -15.73 -0.92
CA GLY A 28 31.65 -15.96 -1.44
C GLY A 28 30.53 -15.10 -0.90
N LEU A 29 30.56 -14.77 0.39
CA LEU A 29 29.61 -13.79 0.93
C LEU A 29 29.87 -12.37 0.36
N GLU A 30 31.13 -12.04 0.17
CA GLU A 30 31.54 -10.73 -0.31
C GLU A 30 31.01 -10.50 -1.68
N SER A 31 30.87 -11.55 -2.47
CA SER A 31 30.41 -11.43 -3.84
C SER A 31 28.98 -11.01 -4.02
N ILE A 32 28.22 -10.86 -2.95
CA ILE A 32 26.82 -10.38 -3.03
C ILE A 32 26.64 -9.26 -1.98
N ASP A 33 27.76 -8.65 -1.62
CA ASP A 33 27.79 -7.41 -0.85
C ASP A 33 28.81 -6.46 -1.54
N THR A 34 29.07 -5.30 -0.93
CA THR A 34 29.97 -4.28 -1.45
C THR A 34 31.04 -3.96 -0.44
N VAL A 35 31.12 -4.75 0.59
CA VAL A 35 32.04 -4.55 1.71
C VAL A 35 32.77 -5.90 1.85
N LYS A 36 34.03 -5.81 2.35
CA LYS A 36 34.90 -6.97 2.65
C LYS A 36 34.96 -7.23 4.15
N PHE A 37 35.17 -8.52 4.44
CA PHE A 37 35.61 -9.00 5.73
C PHE A 37 36.97 -8.47 6.10
N HIS A 38 37.06 -8.03 7.36
CA HIS A 38 38.24 -7.56 7.98
C HIS A 38 38.78 -8.70 8.90
N ALA A 39 40.10 -8.97 8.89
CA ALA A 39 40.80 -9.96 9.79
C ALA A 39 41.27 -9.47 11.16
N ASP A 40 40.87 -10.13 12.23
CA ASP A 40 41.79 -10.17 13.33
C ASP A 40 42.11 -11.42 14.15
N THR A 41 43.38 -11.53 14.45
CA THR A 41 43.93 -12.77 14.89
C THR A 41 44.26 -12.50 16.33
N TRP A 42 44.13 -13.50 17.18
CA TRP A 42 44.27 -13.33 18.63
C TRP A 42 44.88 -14.63 19.15
N THR A 43 45.40 -14.56 20.37
CA THR A 43 45.91 -15.75 21.07
C THR A 43 45.31 -15.82 22.45
N ARG A 44 45.30 -17.02 23.00
CA ARG A 44 44.67 -17.20 24.35
C ARG A 44 45.38 -16.55 25.55
N GLY A 45 46.69 -16.42 25.50
CA GLY A 45 47.49 -16.19 26.70
C GLY A 45 48.38 -17.41 26.65
N ASN A 46 49.63 -17.17 26.30
CA ASN A 46 50.26 -18.04 25.33
C ASN A 46 50.51 -19.47 25.78
N ASP A 47 50.90 -20.17 24.72
CA ASP A 47 50.65 -21.55 24.50
C ASP A 47 49.25 -22.06 24.72
N GLY A 48 48.25 -21.19 24.66
CA GLY A 48 46.86 -21.62 24.71
C GLY A 48 46.21 -21.85 23.34
N GLY A 49 46.94 -21.53 22.28
CA GLY A 49 46.34 -21.40 20.95
C GLY A 49 45.69 -20.04 20.74
N GLY A 50 44.85 -19.98 19.73
CA GLY A 50 44.06 -18.79 19.45
C GLY A 50 43.27 -18.98 18.17
N GLY A 51 42.88 -17.88 17.55
CA GLY A 51 42.19 -17.98 16.28
C GLY A 51 42.32 -16.74 15.42
N THR A 52 41.73 -16.84 14.23
CA THR A 52 41.57 -15.72 13.32
C THR A 52 40.08 -15.47 13.18
N SER A 53 39.66 -14.26 13.52
CA SER A 53 38.28 -13.79 13.30
C SER A 53 38.19 -12.91 12.02
N MET A 54 37.25 -13.24 11.17
CA MET A 54 36.92 -12.45 9.98
C MET A 54 35.57 -11.81 10.26
N VAL A 55 35.45 -10.50 10.05
CA VAL A 55 34.20 -9.81 10.36
C VAL A 55 33.76 -8.88 9.27
N ILE A 56 32.47 -8.90 8.96
CA ILE A 56 31.81 -7.94 8.07
C ILE A 56 30.78 -7.11 8.82
N GLN A 57 30.76 -5.81 8.52
CA GLN A 57 29.89 -4.86 9.23
C GLN A 57 29.28 -3.85 8.29
N ASP A 58 28.05 -3.44 8.50
CA ASP A 58 27.52 -2.32 7.71
C ASP A 58 27.67 -2.56 6.20
N GLY A 59 27.46 -3.78 5.75
CA GLY A 59 27.34 -4.03 4.33
C GLY A 59 26.01 -3.52 3.78
N THR A 60 25.82 -3.66 2.49
CA THR A 60 24.56 -3.39 1.85
C THR A 60 23.68 -4.61 1.94
N THR A 61 24.29 -5.78 2.01
CA THR A 61 23.53 -7.02 2.14
C THR A 61 23.49 -7.55 3.59
N PHE A 62 24.68 -7.62 4.19
CA PHE A 62 24.92 -8.19 5.49
C PHE A 62 25.19 -7.06 6.48
N GLU A 63 24.28 -6.88 7.40
CA GLU A 63 24.53 -5.95 8.49
C GLU A 63 25.67 -6.33 9.44
N LYS A 64 25.82 -7.64 9.72
CA LYS A 64 26.87 -8.20 10.61
C LYS A 64 27.06 -9.69 10.34
N GLY A 65 28.29 -10.12 10.44
CA GLY A 65 28.66 -11.45 10.03
C GLY A 65 30.06 -11.81 10.53
N GLY A 66 30.23 -13.02 11.03
CA GLY A 66 31.54 -13.40 11.49
C GLY A 66 31.78 -14.77 10.96
N VAL A 67 33.03 -15.03 10.62
CA VAL A 67 33.49 -16.34 10.29
C VAL A 67 34.81 -16.54 11.06
N ASN A 68 34.70 -17.22 12.16
CA ASN A 68 35.77 -17.37 13.13
C ASN A 68 36.37 -18.74 13.07
N VAL A 69 37.69 -18.80 12.99
CA VAL A 69 38.46 -20.05 13.14
C VAL A 69 39.23 -19.98 14.47
N SER A 70 39.29 -21.13 15.15
CA SER A 70 39.69 -21.21 16.55
C SER A 70 40.44 -22.52 16.72
N VAL A 71 41.69 -22.43 17.17
CA VAL A 71 42.50 -23.64 17.40
C VAL A 71 43.03 -23.51 18.82
N VAL A 72 42.56 -24.34 19.70
CA VAL A 72 42.70 -24.06 21.10
C VAL A 72 43.11 -25.34 21.90
N TYR A 73 44.00 -25.17 22.86
CA TYR A 73 44.60 -26.35 23.56
C TYR A 73 45.08 -26.01 24.96
N GLY A 74 44.92 -27.01 25.86
CA GLY A 74 45.53 -27.07 27.20
C GLY A 74 44.72 -27.72 28.33
N GLN A 75 44.77 -27.07 29.49
CA GLN A 75 44.06 -27.47 30.69
C GLN A 75 42.54 -27.34 30.46
N LEU A 76 41.77 -28.38 30.74
CA LEU A 76 40.33 -28.36 30.56
C LEU A 76 39.64 -27.88 31.86
N SER A 77 39.02 -26.71 31.81
CA SER A 77 38.39 -26.14 32.98
C SER A 77 37.12 -26.95 33.32
N PRO A 78 36.98 -27.32 34.59
CA PRO A 78 35.71 -27.88 35.11
C PRO A 78 34.47 -27.04 34.73
N ALA A 79 34.61 -25.71 34.81
CA ALA A 79 33.51 -24.79 34.57
C ALA A 79 32.90 -24.99 33.18
N ALA A 80 33.75 -25.33 32.21
CA ALA A 80 33.38 -25.41 30.80
C ALA A 80 33.04 -26.81 30.27
N VAL A 81 33.36 -27.86 31.04
CA VAL A 81 33.16 -29.30 30.68
C VAL A 81 31.78 -29.70 30.12
N SER A 82 30.72 -29.21 30.76
CA SER A 82 29.36 -29.61 30.43
C SER A 82 28.85 -29.10 29.05
N ALA A 83 29.48 -27.99 28.61
CA ALA A 83 29.22 -27.33 27.33
C ALA A 83 30.22 -27.69 26.21
N MET A 84 31.21 -28.56 26.51
CA MET A 84 32.14 -29.14 25.48
C MET A 84 31.49 -30.03 24.44
N LYS A 85 30.55 -30.85 24.93
CA LYS A 85 29.80 -31.83 24.12
C LYS A 85 28.43 -32.05 24.72
N ALA A 86 27.61 -32.83 24.02
CA ALA A 86 26.27 -33.20 24.48
C ALA A 86 26.30 -34.18 25.66
N ASP A 87 27.14 -35.21 25.55
CA ASP A 87 27.29 -36.22 26.60
C ASP A 87 28.68 -36.14 27.22
N HIS A 88 28.78 -35.25 28.20
CA HIS A 88 29.93 -35.11 29.07
C HIS A 88 29.91 -36.17 30.16
N LYS A 89 30.46 -37.26 29.91
CA LYS A 89 30.31 -38.53 30.65
C LYS A 89 31.06 -39.70 29.98
N ASN A 90 31.33 -39.60 28.68
CA ASN A 90 32.29 -40.48 28.03
C ASN A 90 33.64 -40.33 28.72
N LEU A 91 33.86 -39.31 29.45
CA LEU A 91 35.13 -38.77 29.92
C LEU A 91 35.25 -39.07 31.40
N ARG A 92 35.48 -38.05 32.22
CA ARG A 92 35.28 -38.10 33.67
C ARG A 92 36.48 -38.71 34.39
N LEU A 93 36.74 -38.15 35.57
CA LEU A 93 37.62 -38.72 36.61
C LEU A 93 36.98 -38.27 37.93
N PRO A 94 37.15 -39.04 39.01
CA PRO A 94 36.78 -38.58 40.38
C PRO A 94 37.91 -37.80 41.12
N GLU A 95 38.48 -36.80 40.44
CA GLU A 95 39.60 -36.02 41.00
C GLU A 95 39.08 -35.13 42.16
N ASP A 96 39.24 -35.65 43.39
CA ASP A 96 38.58 -35.19 44.66
C ASP A 96 38.81 -33.74 45.22
N PRO A 97 38.00 -32.75 44.78
CA PRO A 97 38.11 -31.35 45.27
C PRO A 97 38.25 -31.28 46.79
N LYS A 98 39.39 -30.74 47.23
CA LYS A 98 40.06 -31.11 48.50
C LYS A 98 39.23 -31.02 49.80
N THR A 99 38.20 -30.15 49.81
CA THR A 99 37.27 -30.04 50.97
C THR A 99 35.92 -30.78 50.68
N GLY A 100 35.02 -30.13 49.93
CA GLY A 100 33.69 -30.69 49.58
C GLY A 100 33.11 -30.33 48.20
N LEU A 101 33.72 -30.85 47.12
CA LEU A 101 33.06 -31.08 45.80
C LEU A 101 33.50 -32.47 45.22
N PRO A 102 32.61 -33.22 44.52
CA PRO A 102 33.03 -34.33 43.61
C PRO A 102 32.87 -34.10 42.07
N VAL A 103 33.78 -34.73 41.28
CA VAL A 103 33.56 -35.05 39.81
C VAL A 103 34.69 -34.63 38.76
N THR A 104 35.30 -33.41 38.86
CA THR A 104 36.14 -32.77 37.76
C THR A 104 37.52 -32.21 38.23
N ASP A 105 38.58 -32.27 37.42
CA ASP A 105 39.87 -31.52 37.71
C ASP A 105 40.82 -31.20 36.51
N GLY A 106 41.82 -32.08 36.29
CA GLY A 106 43.12 -31.69 35.69
C GLY A 106 43.43 -32.48 34.45
N VAL A 107 42.83 -32.02 33.34
CA VAL A 107 42.79 -32.71 32.05
C VAL A 107 43.35 -31.77 30.96
N LYS A 108 43.88 -32.37 29.86
CA LYS A 108 44.34 -31.65 28.65
C LYS A 108 43.40 -31.98 27.47
N PHE A 109 43.07 -31.28 26.85
CA PHE A 109 42.12 -31.07 25.70
C PHE A 109 42.64 -30.26 24.49
N PHE A 110 42.07 -30.53 23.31
CA PHE A 110 42.27 -29.69 22.15
C PHE A 110 40.97 -29.58 21.33
N ALA A 111 40.63 -28.36 20.89
CA ALA A 111 39.50 -28.14 20.00
C ALA A 111 39.95 -27.27 18.86
N CYS A 112 39.51 -27.66 17.68
CA CYS A 112 39.65 -26.84 16.52
C CYS A 112 38.40 -26.79 15.60
N GLY A 113 37.78 -25.59 15.52
CA GLY A 113 36.60 -25.36 14.66
C GLY A 113 36.32 -23.98 14.07
N LEU A 114 35.49 -24.01 13.04
CA LEU A 114 34.97 -22.79 12.41
C LEU A 114 33.58 -22.47 12.89
N SER A 115 33.35 -21.21 13.19
CA SER A 115 32.07 -20.74 13.65
C SER A 115 31.62 -19.48 12.86
N MET A 116 30.38 -19.48 12.44
CA MET A 116 29.93 -18.51 11.47
C MET A 116 28.53 -18.13 11.80
N VAL A 117 28.28 -16.84 11.91
CA VAL A 117 26.92 -16.26 11.97
C VAL A 117 26.84 -15.01 11.04
N ILE A 118 25.82 -15.01 10.17
CA ILE A 118 25.51 -13.97 9.20
C ILE A 118 24.10 -13.48 9.44
N HIS A 119 23.97 -12.19 9.68
CA HIS A 119 22.70 -11.52 9.77
C HIS A 119 22.63 -10.50 8.64
N PRO A 120 21.77 -10.76 7.67
CA PRO A 120 21.38 -9.74 6.68
C PRO A 120 20.57 -8.53 7.19
N VAL A 121 20.68 -7.48 6.38
CA VAL A 121 19.99 -6.19 6.60
C VAL A 121 18.48 -6.43 6.42
N ASN A 122 18.12 -7.06 5.29
CA ASN A 122 16.73 -7.19 4.87
C ASN A 122 16.01 -8.29 5.66
N PRO A 123 14.87 -7.93 6.28
CA PRO A 123 14.13 -8.85 7.10
C PRO A 123 13.73 -10.12 6.40
N HIS A 124 13.64 -10.09 5.07
CA HIS A 124 13.29 -11.24 4.23
C HIS A 124 14.46 -12.15 3.97
N ALA A 125 15.62 -11.71 4.34
CA ALA A 125 16.79 -12.49 4.11
C ALA A 125 17.18 -13.08 5.45
N PRO A 126 17.33 -14.41 5.52
CA PRO A 126 17.48 -15.06 6.80
C PRO A 126 18.93 -15.05 7.36
N THR A 127 18.98 -15.07 8.67
CA THR A 127 20.17 -15.32 9.45
C THR A 127 20.52 -16.79 9.23
N THR A 128 21.81 -17.07 9.33
CA THR A 128 22.30 -18.40 9.20
C THR A 128 23.52 -18.59 10.12
N HIS A 129 23.79 -19.87 10.38
CA HIS A 129 24.86 -20.31 11.27
C HIS A 129 25.37 -21.64 10.79
N LEU A 130 26.68 -21.82 10.96
CA LEU A 130 27.39 -22.96 10.47
C LEU A 130 28.57 -23.18 11.38
N ASN A 131 28.87 -24.44 11.69
CA ASN A 131 30.00 -24.76 12.57
C ASN A 131 30.44 -26.15 12.20
N TYR A 132 31.75 -26.34 12.17
CA TYR A 132 32.37 -27.63 12.07
C TYR A 132 33.60 -27.57 12.95
N ARG A 133 33.72 -28.56 13.83
CA ARG A 133 34.78 -28.60 14.84
C ARG A 133 35.23 -30.06 15.06
N TYR A 134 36.38 -30.19 15.70
CA TYR A 134 36.97 -31.43 16.14
C TYR A 134 37.45 -31.21 17.57
N PHE A 135 37.05 -32.06 18.50
CA PHE A 135 37.67 -32.06 19.82
C PHE A 135 38.58 -33.28 20.02
N GLU A 136 39.49 -33.13 20.97
CA GLU A 136 40.30 -34.22 21.49
C GLU A 136 40.57 -34.03 22.96
N THR A 137 40.48 -35.12 23.72
CA THR A 137 40.85 -35.15 25.13
C THR A 137 41.92 -36.22 25.39
N TRP A 138 42.75 -35.94 26.40
CA TRP A 138 43.83 -36.83 26.90
C TRP A 138 43.74 -37.05 28.41
N ASN A 139 44.07 -38.28 28.83
CA ASN A 139 44.11 -38.64 30.24
C ASN A 139 45.25 -37.95 30.97
N GLN A 140 45.04 -37.76 32.28
CA GLN A 140 45.98 -37.00 33.16
C GLN A 140 47.44 -37.50 33.06
N ASP A 141 47.61 -38.80 32.81
CA ASP A 141 48.93 -39.37 32.49
C ASP A 141 49.46 -39.03 31.06
N GLY A 142 48.68 -38.27 30.29
CA GLY A 142 49.08 -37.86 28.92
C GLY A 142 48.63 -38.79 27.80
N THR A 143 47.76 -39.74 28.10
CA THR A 143 47.33 -40.74 27.12
C THR A 143 46.06 -40.29 26.43
N PRO A 144 45.90 -40.63 25.14
CA PRO A 144 44.58 -40.51 24.46
C PRO A 144 43.37 -40.96 25.29
N GLN A 145 42.23 -40.31 25.06
CA GLN A 145 40.96 -40.63 25.75
C GLN A 145 39.80 -40.70 24.77
N THR A 146 39.42 -39.57 24.17
CA THR A 146 38.50 -39.59 23.02
C THR A 146 38.83 -38.50 22.06
N TRP A 147 38.07 -38.51 20.99
CA TRP A 147 38.02 -37.42 20.07
C TRP A 147 36.62 -37.39 19.51
N TRP A 148 36.22 -36.25 18.96
CA TRP A 148 34.92 -36.15 18.28
C TRP A 148 34.78 -34.89 17.39
N PHE A 149 33.91 -35.01 16.40
CA PHE A 149 33.57 -33.97 15.52
C PHE A 149 32.21 -33.53 15.94
N GLY A 150 31.94 -32.25 15.64
CA GLY A 150 30.61 -31.69 15.66
C GLY A 150 30.48 -30.68 14.54
N GLY A 151 29.25 -30.28 14.36
CA GLY A 151 28.93 -29.25 13.40
C GLY A 151 27.50 -29.37 12.91
N GLY A 152 27.31 -28.96 11.66
CA GLY A 152 26.01 -28.62 11.09
C GLY A 152 25.89 -27.16 10.63
N ALA A 153 24.79 -26.90 9.93
CA ALA A 153 24.35 -25.56 9.63
C ALA A 153 22.85 -25.52 9.71
N ASP A 154 22.35 -24.29 9.89
CA ASP A 154 20.98 -24.04 10.12
C ASP A 154 20.59 -22.62 9.70
N LEU A 155 19.28 -22.43 9.52
CA LEU A 155 18.74 -21.27 8.85
C LEU A 155 17.69 -20.63 9.72
N THR A 156 17.75 -19.31 9.86
CA THR A 156 16.87 -18.57 10.76
C THR A 156 16.12 -17.39 10.09
N PRO A 157 15.05 -17.73 9.38
CA PRO A 157 14.18 -16.73 8.77
C PRO A 157 13.32 -16.03 9.79
N SER A 158 12.94 -14.80 9.49
CA SER A 158 11.91 -14.12 10.22
C SER A 158 10.59 -14.15 9.43
N TYR A 159 10.70 -14.24 8.11
CA TYR A 159 9.58 -14.46 7.16
C TYR A 159 9.95 -15.71 6.40
N LEU A 160 9.05 -16.69 6.39
CA LEU A 160 9.31 -18.00 5.85
C LEU A 160 9.08 -18.10 4.35
N TYR A 161 10.01 -18.78 3.65
CA TYR A 161 9.86 -19.14 2.23
C TYR A 161 10.22 -20.61 2.03
N GLU A 162 9.23 -21.39 1.62
CA GLU A 162 9.37 -22.83 1.55
C GLU A 162 10.55 -23.14 0.67
N GLU A 163 10.69 -22.36 -0.40
CA GLU A 163 11.74 -22.61 -1.40
C GLU A 163 13.11 -22.47 -0.80
N ASP A 164 13.25 -21.57 0.18
CA ASP A 164 14.52 -21.37 0.89
C ASP A 164 14.80 -22.55 1.81
N GLY A 165 13.82 -22.93 2.60
CA GLY A 165 14.04 -24.00 3.54
C GLY A 165 14.34 -25.27 2.81
N GLN A 166 13.58 -25.49 1.73
CA GLN A 166 13.77 -26.68 0.90
C GLN A 166 15.18 -26.79 0.36
N LEU A 167 15.64 -25.71 -0.26
CA LEU A 167 16.97 -25.71 -0.92
C LEU A 167 18.08 -25.90 0.11
N PHE A 168 17.93 -25.19 1.23
CA PHE A 168 18.88 -25.32 2.35
C PHE A 168 18.93 -26.76 2.94
N HIS A 169 17.79 -27.32 3.29
CA HIS A 169 17.78 -28.69 3.78
C HIS A 169 18.29 -29.68 2.71
N GLN A 170 17.79 -29.58 1.46
CA GLN A 170 18.23 -30.50 0.37
C GLN A 170 19.76 -30.62 0.14
N LEU A 171 20.44 -29.47 0.19
CA LEU A 171 21.81 -29.48 -0.28
C LEU A 171 22.64 -30.13 0.77
N HIS A 172 22.25 -29.91 2.01
CA HIS A 172 22.91 -30.54 3.18
C HIS A 172 22.56 -32.06 3.30
N LYS A 173 21.28 -32.38 3.03
CA LYS A 173 20.84 -33.77 2.83
C LYS A 173 21.69 -34.39 1.72
N ASP A 174 21.60 -33.80 0.53
CA ASP A 174 22.44 -34.25 -0.59
C ASP A 174 23.86 -34.58 -0.15
N ALA A 175 24.47 -33.72 0.69
CA ALA A 175 25.86 -33.84 1.10
C ALA A 175 26.01 -35.04 2.01
N LEU A 176 25.11 -35.12 2.98
CA LEU A 176 25.10 -36.23 3.94
C LEU A 176 24.83 -37.57 3.23
N ASP A 177 23.88 -37.60 2.30
CA ASP A 177 23.55 -38.80 1.52
C ASP A 177 24.73 -39.44 0.71
N LYS A 178 25.77 -38.66 0.42
CA LYS A 178 26.98 -39.20 -0.24
C LYS A 178 27.75 -40.08 0.74
N HIS A 179 27.51 -39.88 2.03
CA HIS A 179 28.26 -40.59 3.04
C HIS A 179 27.47 -41.75 3.60
N ASP A 180 26.32 -41.45 4.22
CA ASP A 180 25.35 -42.48 4.66
C ASP A 180 23.98 -41.86 4.67
N THR A 181 23.02 -42.40 3.92
CA THR A 181 21.62 -41.86 3.89
C THR A 181 20.88 -41.83 5.24
N ALA A 182 21.33 -42.58 6.22
CA ALA A 182 20.71 -42.42 7.53
C ALA A 182 21.16 -41.13 8.32
N LEU A 183 22.27 -40.48 7.90
CA LEU A 183 22.78 -39.28 8.61
C LEU A 183 21.85 -38.07 8.65
N TYR A 184 21.08 -37.84 7.60
CA TYR A 184 20.25 -36.61 7.53
C TYR A 184 18.88 -36.54 8.22
N PRO A 185 18.13 -37.62 8.33
CA PRO A 185 16.94 -37.57 9.23
C PRO A 185 17.41 -37.56 10.67
N ARG A 186 18.59 -38.09 10.87
CA ARG A 186 19.18 -38.13 12.18
C ARG A 186 19.67 -36.75 12.62
N PHE A 187 20.54 -36.12 11.83
CA PHE A 187 21.06 -34.79 12.14
C PHE A 187 20.01 -33.69 11.93
N LYS A 188 19.13 -33.84 10.96
CA LYS A 188 17.97 -32.95 10.87
C LYS A 188 17.20 -32.85 12.20
N LYS A 189 16.63 -33.97 12.67
CA LYS A 189 15.81 -34.01 13.89
C LYS A 189 16.59 -33.44 15.11
N TRP A 190 17.86 -33.80 15.20
CA TRP A 190 18.71 -33.24 16.21
C TRP A 190 18.70 -31.69 16.15
N CYS A 191 18.89 -31.13 14.95
CA CYS A 191 18.89 -29.67 14.75
C CYS A 191 17.63 -29.04 15.30
N ASP A 192 16.53 -29.74 15.08
CA ASP A 192 15.20 -29.32 15.57
C ASP A 192 15.09 -29.19 17.08
N GLU A 193 15.81 -30.08 17.78
CA GLU A 193 15.82 -30.15 19.21
C GLU A 193 16.89 -29.24 19.76
N TYR A 194 18.08 -29.30 19.19
CA TYR A 194 19.14 -28.50 19.78
C TYR A 194 18.82 -26.99 19.88
N PHE A 195 18.21 -26.41 18.86
CA PHE A 195 17.96 -24.96 18.82
C PHE A 195 16.59 -24.60 19.32
N TYR A 196 16.05 -25.44 20.20
CA TYR A 196 14.78 -25.14 20.94
C TYR A 196 15.01 -24.18 22.11
N ILE A 197 14.31 -23.06 22.08
CA ILE A 197 14.38 -22.04 23.13
C ILE A 197 13.33 -22.47 24.15
N THR A 198 13.81 -23.34 25.03
CA THR A 198 12.96 -24.03 25.99
C THR A 198 11.90 -23.13 26.57
N HIS A 199 12.33 -22.01 27.18
CA HIS A 199 11.36 -21.08 27.79
C HIS A 199 10.42 -20.38 26.83
N ARG A 200 10.74 -20.34 25.52
CA ARG A 200 9.78 -19.79 24.51
C ARG A 200 8.94 -20.85 23.80
N LYS A 201 9.22 -22.11 24.07
CA LYS A 201 8.52 -23.26 23.43
C LYS A 201 8.58 -23.13 21.89
N GLU A 202 9.78 -22.88 21.40
CA GLU A 202 9.99 -22.76 19.96
C GLU A 202 11.43 -22.80 19.63
N THR A 203 11.75 -23.31 18.44
CA THR A 203 13.06 -23.08 17.87
C THR A 203 13.27 -21.62 17.45
N ARG A 204 14.54 -21.28 17.27
CA ARG A 204 14.90 -19.96 16.74
C ARG A 204 14.66 -19.85 15.22
N GLY A 205 14.82 -20.94 14.50
CA GLY A 205 14.68 -20.96 13.07
C GLY A 205 13.97 -22.19 12.54
N ILE A 206 14.46 -22.76 11.43
CA ILE A 206 13.88 -23.92 10.78
C ILE A 206 14.87 -25.00 10.57
N GLY A 207 15.99 -24.89 11.24
CA GLY A 207 16.96 -25.98 11.26
C GLY A 207 17.82 -26.21 10.01
N GLY A 208 18.23 -27.47 9.91
CA GLY A 208 19.23 -27.91 9.01
C GLY A 208 19.69 -29.23 9.62
N ILE A 209 20.99 -29.39 9.72
CA ILE A 209 21.61 -30.54 10.25
C ILE A 209 22.44 -30.06 11.42
N PHE A 210 22.50 -30.95 12.43
CA PHE A 210 23.27 -30.74 13.64
C PHE A 210 23.80 -32.13 14.10
N PHE A 211 25.10 -32.19 14.44
CA PHE A 211 25.71 -33.36 15.06
C PHE A 211 26.77 -32.89 16.03
N ASP A 212 27.05 -33.74 17.05
CA ASP A 212 28.07 -33.49 18.08
C ASP A 212 28.56 -34.88 18.61
N ASP A 213 29.63 -34.92 19.39
CA ASP A 213 30.19 -36.21 19.89
C ASP A 213 30.21 -37.30 18.78
N TYR A 214 30.47 -36.91 17.54
CA TYR A 214 30.47 -37.85 16.43
C TYR A 214 31.86 -38.36 16.18
N ASP A 215 32.06 -39.58 16.67
CA ASP A 215 33.23 -40.40 16.45
C ASP A 215 32.82 -41.75 15.84
N GLU A 216 31.90 -41.76 14.90
CA GLU A 216 31.39 -43.04 14.33
C GLU A 216 31.90 -43.54 12.99
N ARG A 217 33.04 -43.06 12.53
CA ARG A 217 33.70 -43.54 11.30
C ARG A 217 35.17 -43.29 11.50
N ASP A 218 35.98 -43.59 10.50
CA ASP A 218 37.37 -43.15 10.52
C ASP A 218 37.35 -41.61 10.50
N PRO A 219 38.13 -40.98 11.36
CA PRO A 219 38.15 -39.54 11.40
C PRO A 219 38.45 -38.91 9.99
N GLN A 220 39.21 -39.64 9.16
CA GLN A 220 39.36 -39.31 7.72
C GLN A 220 38.06 -39.32 6.92
N GLU A 221 37.15 -40.21 7.29
CA GLU A 221 35.89 -40.25 6.62
C GLU A 221 34.96 -39.16 7.12
N ILE A 222 35.09 -38.83 8.41
CA ILE A 222 34.29 -37.76 8.99
C ILE A 222 34.78 -36.44 8.37
N LEU A 223 36.08 -36.31 8.16
CA LEU A 223 36.62 -35.15 7.45
C LEU A 223 36.10 -34.95 6.02
N LYS A 224 35.84 -35.99 5.27
CA LYS A 224 35.36 -35.75 3.95
C LYS A 224 33.86 -35.40 4.01
N MET A 225 33.19 -35.80 5.09
CA MET A 225 31.76 -35.48 5.29
C MET A 225 31.62 -34.01 5.69
N VAL A 226 32.50 -33.59 6.58
CA VAL A 226 32.62 -32.17 6.94
C VAL A 226 32.84 -31.25 5.72
N GLU A 227 33.85 -31.56 4.93
CA GLU A 227 34.15 -30.86 3.66
C GLU A 227 32.91 -30.77 2.75
N ASP A 228 32.20 -31.87 2.63
CA ASP A 228 31.04 -31.88 1.79
C ASP A 228 29.92 -31.02 2.36
N CYS A 229 29.84 -31.00 3.67
CA CYS A 229 28.78 -30.28 4.35
C CYS A 229 29.08 -28.81 4.13
N PHE A 230 30.35 -28.41 4.40
CA PHE A 230 30.82 -27.02 4.09
C PHE A 230 30.24 -26.62 2.75
N ASP A 231 30.42 -27.47 1.73
CA ASP A 231 29.97 -27.20 0.30
C ASP A 231 28.48 -27.09 0.00
N ALA A 232 27.66 -27.48 0.94
CA ALA A 232 26.25 -27.23 0.82
C ALA A 232 25.88 -25.80 1.20
N PHE A 233 26.70 -25.10 1.98
CA PHE A 233 26.29 -23.78 2.50
C PHE A 233 26.20 -22.70 1.40
N LEU A 234 27.24 -22.53 0.62
CA LEU A 234 27.35 -21.31 -0.28
C LEU A 234 26.34 -21.36 -1.42
N PRO A 235 26.21 -22.49 -2.14
CA PRO A 235 25.13 -22.68 -3.12
C PRO A 235 23.71 -22.56 -2.56
N SER A 236 23.53 -22.83 -1.29
CA SER A 236 22.21 -22.60 -0.70
C SER A 236 22.14 -21.18 -0.16
N TYR A 237 23.12 -20.77 0.63
CA TYR A 237 22.95 -19.44 1.27
C TYR A 237 22.95 -18.25 0.29
N LEU A 238 23.86 -18.31 -0.69
CA LEU A 238 24.04 -17.18 -1.61
C LEU A 238 22.79 -17.03 -2.42
N THR A 239 22.32 -18.19 -2.90
CA THR A 239 21.11 -18.27 -3.74
C THR A 239 19.94 -17.66 -3.01
N ILE A 240 19.67 -18.18 -1.82
CA ILE A 240 18.66 -17.58 -0.93
C ILE A 240 18.79 -16.07 -0.69
N VAL A 241 19.96 -15.59 -0.34
CA VAL A 241 20.09 -14.13 -0.06
C VAL A 241 19.94 -13.26 -1.33
N LYS A 242 20.52 -13.72 -2.46
CA LYS A 242 20.31 -12.98 -3.73
C LYS A 242 18.82 -12.71 -3.99
N ARG A 243 18.01 -13.73 -3.78
CA ARG A 243 16.58 -13.54 -4.04
C ARG A 243 15.74 -12.88 -2.98
N ARG A 244 16.30 -12.63 -1.78
CA ARG A 244 15.60 -11.89 -0.66
C ARG A 244 16.11 -10.51 -0.32
N LYS A 245 17.38 -10.23 -0.60
CA LYS A 245 17.99 -8.97 -0.19
C LYS A 245 17.34 -7.71 -0.76
N ASP A 246 16.64 -7.84 -1.89
CA ASP A 246 16.00 -6.70 -2.56
C ASP A 246 14.47 -6.75 -2.53
N MET A 247 13.98 -7.84 -1.97
CA MET A 247 12.59 -7.86 -1.61
C MET A 247 12.22 -6.61 -0.88
N PRO A 248 11.05 -6.06 -1.21
CA PRO A 248 10.58 -4.82 -0.51
C PRO A 248 10.28 -5.12 0.97
N TYR A 249 10.37 -4.13 1.84
CA TYR A 249 10.08 -4.38 3.25
C TYR A 249 9.60 -3.12 4.00
N THR A 250 8.96 -3.34 5.15
CA THR A 250 8.28 -2.29 5.87
C THR A 250 8.87 -2.14 7.25
N LYS A 251 8.49 -1.12 7.98
CA LYS A 251 8.96 -0.94 9.35
C LYS A 251 8.48 -2.05 10.27
N GLU A 252 7.43 -2.73 9.87
CA GLU A 252 6.77 -3.70 10.71
C GLU A 252 7.48 -5.03 10.51
N GLU A 253 7.98 -5.21 9.29
CA GLU A 253 8.79 -6.38 8.99
C GLU A 253 10.23 -6.28 9.64
N GLN A 254 10.78 -5.09 9.67
CA GLN A 254 11.92 -4.83 10.49
C GLN A 254 11.70 -5.06 11.96
N GLN A 255 10.57 -4.63 12.50
CA GLN A 255 10.31 -4.81 13.90
C GLN A 255 10.33 -6.33 14.27
N TRP A 256 9.73 -7.12 13.40
CA TRP A 256 9.59 -8.54 13.58
C TRP A 256 10.92 -9.24 13.42
N GLN A 257 11.74 -8.75 12.48
CA GLN A 257 13.14 -9.22 12.38
C GLN A 257 13.90 -8.99 13.70
N ALA A 258 13.71 -7.82 14.28
CA ALA A 258 14.39 -7.45 15.50
C ALA A 258 13.93 -8.36 16.66
N ILE A 259 12.62 -8.55 16.78
CA ILE A 259 12.04 -9.48 17.74
C ILE A 259 12.56 -10.88 17.59
N ARG A 260 12.62 -11.43 16.38
CA ARG A 260 13.24 -12.76 16.20
C ARG A 260 14.73 -12.69 16.50
N ARG A 261 15.32 -11.53 16.29
CA ARG A 261 16.68 -11.37 16.69
C ARG A 261 16.84 -11.47 18.21
N GLY A 262 15.94 -10.85 18.94
CA GLY A 262 15.85 -11.02 20.38
C GLY A 262 15.74 -12.49 20.80
N ARG A 263 14.88 -13.24 20.10
CA ARG A 263 14.81 -14.68 20.27
C ARG A 263 16.20 -15.34 20.07
N TYR A 264 16.92 -14.87 19.08
CA TYR A 264 18.27 -15.36 18.75
C TYR A 264 19.27 -15.06 19.89
N VAL A 265 19.17 -13.89 20.48
CA VAL A 265 20.01 -13.56 21.63
C VAL A 265 19.71 -14.50 22.83
N GLU A 266 18.43 -14.61 23.18
CA GLU A 266 18.04 -15.50 24.21
C GLU A 266 18.60 -16.93 23.98
N PHE A 267 18.61 -17.41 22.73
CA PHE A 267 19.08 -18.74 22.54
C PHE A 267 20.57 -18.75 22.83
N ASN A 268 21.28 -17.81 22.19
CA ASN A 268 22.75 -17.88 22.17
C ASN A 268 23.29 -17.68 23.54
N LEU A 269 22.60 -16.90 24.40
CA LEU A 269 23.07 -16.56 25.75
C LEU A 269 22.63 -17.53 26.83
N ILE A 270 21.51 -18.23 26.64
CA ILE A 270 21.02 -19.14 27.66
C ILE A 270 21.33 -20.57 27.29
N TYR A 271 21.06 -21.02 26.07
CA TYR A 271 21.18 -22.49 25.80
C TYR A 271 22.33 -22.91 24.92
N ASP A 272 22.91 -22.00 24.13
CA ASP A 272 24.03 -22.36 23.23
C ASP A 272 25.30 -22.80 23.98
N ARG A 273 25.73 -24.04 23.72
CA ARG A 273 26.96 -24.56 24.30
C ARG A 273 28.27 -24.04 23.73
N GLY A 274 28.31 -23.78 22.42
CA GLY A 274 29.51 -23.17 21.83
C GLY A 274 29.79 -21.88 22.58
N THR A 275 28.74 -21.10 22.73
CA THR A 275 28.90 -19.86 23.43
C THR A 275 29.36 -20.09 24.84
N GLN A 276 28.69 -20.98 25.55
CA GLN A 276 29.06 -21.33 26.97
C GLN A 276 30.51 -21.81 27.04
N PHE A 277 30.90 -22.69 26.13
CA PHE A 277 32.25 -23.21 26.12
C PHE A 277 33.22 -22.07 26.03
N GLY A 278 33.07 -21.27 24.99
CA GLY A 278 33.93 -20.17 24.76
C GLY A 278 34.01 -19.23 25.94
N LEU A 279 32.87 -18.78 26.44
CA LEU A 279 32.83 -17.83 27.59
C LEU A 279 33.53 -18.39 28.87
N ARG A 280 33.73 -19.71 28.93
CA ARG A 280 34.21 -20.39 30.11
C ARG A 280 35.59 -21.00 29.87
N THR A 281 36.10 -20.95 28.65
CA THR A 281 37.50 -21.29 28.50
C THR A 281 38.42 -20.07 28.61
N PRO A 282 39.28 -20.13 29.63
CA PRO A 282 40.28 -19.09 29.91
C PRO A 282 40.97 -18.47 28.68
N GLY A 283 41.04 -17.14 28.67
CA GLY A 283 41.76 -16.45 27.62
C GLY A 283 41.03 -16.19 26.31
N SER A 284 39.97 -16.95 26.04
CA SER A 284 39.17 -16.81 24.80
C SER A 284 38.79 -15.34 24.49
N ARG A 285 38.69 -15.00 23.22
CA ARG A 285 38.27 -13.65 22.89
C ARG A 285 36.75 -13.48 22.94
N VAL A 286 36.29 -12.76 23.94
CA VAL A 286 34.85 -12.44 24.07
C VAL A 286 34.30 -11.82 22.78
N GLU A 287 34.99 -10.84 22.21
CA GLU A 287 34.55 -10.19 20.97
C GLU A 287 34.28 -11.21 19.88
N SER A 288 35.09 -12.24 19.79
CA SER A 288 34.90 -13.26 18.79
C SER A 288 33.70 -14.20 19.10
N ILE A 289 33.65 -14.70 20.32
CA ILE A 289 32.55 -15.58 20.71
C ILE A 289 31.21 -14.84 20.51
N LEU A 290 31.22 -13.56 20.79
CA LEU A 290 29.97 -12.83 20.87
C LEU A 290 29.64 -12.17 19.54
N MET A 291 30.47 -12.40 18.54
CA MET A 291 30.17 -11.96 17.18
C MET A 291 28.93 -12.67 16.62
N SER A 292 28.43 -13.68 17.33
CA SER A 292 27.21 -14.35 16.90
C SER A 292 25.96 -13.47 17.07
N LEU A 293 26.06 -12.48 17.95
CA LEU A 293 24.92 -11.67 18.32
C LEU A 293 24.65 -10.61 17.27
N PRO A 294 23.40 -10.34 16.93
CA PRO A 294 23.11 -9.31 15.91
C PRO A 294 23.48 -7.93 16.40
N GLU A 295 23.57 -6.94 15.48
CA GLU A 295 23.95 -5.58 15.84
C GLU A 295 22.79 -4.98 16.59
N HIS A 296 21.61 -5.47 16.29
CA HIS A 296 20.39 -4.97 16.92
C HIS A 296 19.43 -6.09 17.19
N ALA A 297 18.67 -5.87 18.27
CA ALA A 297 17.57 -6.70 18.59
C ALA A 297 16.55 -5.94 19.43
N SER A 298 15.32 -6.43 19.45
CA SER A 298 14.27 -5.86 20.28
C SER A 298 13.52 -6.94 21.07
N TRP A 299 13.01 -6.52 22.22
CA TRP A 299 12.03 -7.25 23.03
C TRP A 299 10.79 -6.43 23.27
N LEU A 300 9.65 -6.93 22.81
CA LEU A 300 8.35 -6.34 23.18
C LEU A 300 7.56 -7.16 24.23
N TYR A 301 6.91 -6.45 25.15
CA TYR A 301 6.13 -7.11 26.21
C TYR A 301 4.92 -7.77 25.61
N ASN A 302 4.84 -9.09 25.78
CA ASN A 302 3.67 -9.84 25.42
C ASN A 302 3.21 -9.63 23.98
N HIS A 303 4.13 -9.71 23.07
CA HIS A 303 3.79 -9.57 21.67
C HIS A 303 3.22 -10.90 21.02
N HIS A 304 2.09 -10.80 20.30
CA HIS A 304 1.61 -11.93 19.46
C HIS A 304 1.21 -11.48 18.09
N PRO A 305 1.78 -12.13 17.08
CA PRO A 305 1.52 -11.70 15.73
C PRO A 305 0.03 -11.83 15.46
N ALA A 306 -0.52 -10.90 14.67
CA ALA A 306 -1.94 -10.99 14.23
C ALA A 306 -2.17 -12.36 13.64
N PRO A 307 -3.37 -12.90 13.80
CA PRO A 307 -3.61 -14.30 13.44
C PRO A 307 -3.65 -14.46 11.93
N GLY A 308 -3.32 -15.65 11.47
CA GLY A 308 -3.20 -15.89 10.05
C GLY A 308 -2.05 -15.18 9.32
N SER A 309 -1.39 -14.25 10.01
CA SER A 309 -0.24 -13.48 9.45
C SER A 309 0.96 -14.38 9.09
N ARG A 310 1.88 -13.83 8.30
CA ARG A 310 3.21 -14.45 8.07
C ARG A 310 4.07 -14.61 9.34
N GLU A 311 4.02 -13.64 10.24
CA GLU A 311 4.70 -13.76 11.50
C GLU A 311 4.22 -15.05 12.28
N ALA A 312 2.91 -15.20 12.39
CA ALA A 312 2.28 -16.39 12.97
C ALA A 312 2.64 -17.63 12.18
N LYS A 313 2.79 -17.47 10.87
CA LYS A 313 3.13 -18.63 10.09
C LYS A 313 4.53 -19.08 10.39
N LEU A 314 5.40 -18.16 10.83
CA LEU A 314 6.76 -18.54 11.24
C LEU A 314 6.60 -19.28 12.55
N LEU A 315 5.83 -18.73 13.48
CA LEU A 315 5.68 -19.37 14.77
C LEU A 315 5.07 -20.74 14.64
N GLU A 316 4.22 -20.94 13.64
CA GLU A 316 3.69 -22.26 13.46
C GLU A 316 4.80 -23.25 13.32
N VAL A 317 5.85 -22.87 12.59
CA VAL A 317 6.86 -23.84 12.13
C VAL A 317 7.92 -23.99 13.22
N THR A 318 7.96 -22.99 14.03
CA THR A 318 9.00 -22.83 15.01
C THR A 318 8.55 -23.54 16.35
N THR A 319 7.24 -23.68 16.55
CA THR A 319 6.68 -24.48 17.64
C THR A 319 6.55 -25.96 17.27
N LYS A 320 6.12 -26.22 16.03
CA LYS A 320 6.12 -27.58 15.48
C LYS A 320 6.99 -27.66 14.21
N PRO A 321 8.24 -28.06 14.34
CA PRO A 321 9.06 -28.16 13.18
C PRO A 321 8.55 -29.14 12.13
N ARG A 322 8.75 -28.79 10.87
CA ARG A 322 8.26 -29.54 9.77
C ARG A 322 9.41 -30.04 8.93
N GLU A 323 9.06 -30.61 7.79
CA GLU A 323 10.06 -31.16 6.89
C GLU A 323 10.15 -30.27 5.66
N TRP A 324 11.27 -30.37 4.96
CA TRP A 324 11.55 -29.47 3.83
C TRP A 324 12.11 -30.18 2.61
N VAL A 325 12.42 -31.45 2.77
CA VAL A 325 13.10 -32.22 1.74
C VAL A 325 12.18 -33.19 0.89
N LYS A 326 12.79 -33.76 -0.16
CA LYS A 326 12.12 -34.70 -1.06
C LYS A 326 12.83 -36.07 -1.06
N ALA B 1 -2.44 -22.10 49.03
CA ALA B 1 -2.62 -21.04 50.11
C ALA B 1 -1.30 -20.29 50.29
N PRO B 2 -0.24 -20.86 50.93
CA PRO B 2 -0.25 -21.71 52.18
C PRO B 2 -0.66 -21.08 53.53
N GLN B 3 -1.38 -21.87 54.32
CA GLN B 3 -2.07 -21.41 55.52
C GLN B 3 -1.23 -21.73 56.77
N ASP B 4 -0.13 -22.44 56.60
CA ASP B 4 0.83 -22.72 57.67
C ASP B 4 1.08 -21.56 58.63
N PRO B 5 0.60 -21.67 59.88
CA PRO B 5 0.41 -20.51 60.72
C PRO B 5 1.66 -19.80 61.24
N ARG B 6 2.77 -20.48 61.38
CA ARG B 6 3.86 -19.90 62.16
C ARG B 6 4.23 -18.51 61.64
N ASN B 7 4.54 -18.47 60.32
CA ASN B 7 4.95 -17.25 59.63
C ASN B 7 3.91 -16.71 58.65
N LEU B 8 2.71 -17.28 58.67
CA LEU B 8 1.62 -16.74 57.86
C LEU B 8 1.51 -15.17 57.91
N PRO B 9 1.51 -14.56 59.09
CA PRO B 9 1.35 -13.08 59.18
C PRO B 9 2.37 -12.28 58.35
N ILE B 10 3.65 -12.58 58.49
CA ILE B 10 4.69 -11.95 57.68
C ILE B 10 4.45 -12.08 56.18
N ARG B 11 4.21 -13.32 55.74
CA ARG B 11 3.84 -13.62 54.37
C ARG B 11 2.71 -12.75 53.84
N GLN B 12 1.68 -12.54 54.65
CA GLN B 12 0.50 -11.76 54.32
C GLN B 12 0.76 -10.27 54.40
N GLN B 13 1.72 -9.86 55.23
CA GLN B 13 2.06 -8.48 55.40
C GLN B 13 3.08 -8.10 54.32
N MET B 14 4.16 -8.87 54.17
CA MET B 14 5.07 -8.63 53.04
C MET B 14 4.18 -8.36 51.81
N GLU B 15 3.20 -9.23 51.60
CA GLU B 15 2.38 -9.16 50.43
C GLU B 15 1.61 -7.83 50.37
N ALA B 16 0.94 -7.53 51.48
CA ALA B 16 0.22 -6.26 51.63
C ALA B 16 1.14 -5.07 51.30
N LEU B 17 2.38 -5.11 51.80
CA LEU B 17 3.37 -4.08 51.56
C LEU B 17 3.74 -3.93 50.06
N ILE B 18 4.06 -5.04 49.40
CA ILE B 18 4.57 -5.01 48.05
C ILE B 18 3.51 -4.57 47.05
N ARG B 19 2.25 -4.77 47.38
CA ARG B 19 1.17 -4.39 46.49
C ARG B 19 0.92 -2.93 46.68
N ARG B 20 1.15 -2.42 47.90
CA ARG B 20 1.01 -0.98 48.16
C ARG B 20 2.11 -0.22 47.44
N LYS B 21 3.33 -0.71 47.54
CA LYS B 21 4.42 -0.14 46.80
C LYS B 21 4.18 -0.26 45.29
N GLN B 22 3.64 -1.40 44.85
CA GLN B 22 3.48 -1.57 43.44
C GLN B 22 2.61 -0.48 42.92
N ALA B 23 1.55 -0.21 43.66
CA ALA B 23 0.57 0.82 43.31
C ALA B 23 1.15 2.24 43.41
N GLU B 24 1.94 2.49 44.42
CA GLU B 24 2.40 3.85 44.60
C GLU B 24 3.64 4.19 43.76
N ILE B 25 4.59 3.27 43.70
CA ILE B 25 5.62 3.31 42.66
C ILE B 25 5.15 3.49 41.20
N THR B 26 4.22 2.66 40.73
CA THR B 26 3.68 2.91 39.38
C THR B 26 3.04 4.29 39.26
N GLN B 27 2.26 4.70 40.27
CA GLN B 27 1.68 6.04 40.27
C GLN B 27 2.75 7.11 40.16
N GLY B 28 3.86 6.90 40.86
CA GLY B 28 4.98 7.82 40.83
C GLY B 28 5.55 7.96 39.43
N LEU B 29 5.86 6.83 38.82
CA LEU B 29 6.51 6.85 37.52
C LEU B 29 5.54 7.46 36.48
N GLU B 30 4.25 7.16 36.57
CA GLU B 30 3.26 7.75 35.61
C GLU B 30 3.16 9.28 35.69
N SER B 31 3.63 9.83 36.83
CA SER B 31 3.52 11.25 37.15
C SER B 31 4.55 12.07 36.37
N ILE B 32 5.83 11.66 36.42
CA ILE B 32 6.88 12.21 35.51
C ILE B 32 6.87 11.59 34.09
N ASP B 33 5.71 11.19 33.59
CA ASP B 33 5.56 10.67 32.23
C ASP B 33 4.14 11.04 31.75
N THR B 34 3.74 10.67 30.54
CA THR B 34 2.38 10.95 30.10
C THR B 34 1.77 9.70 29.50
N VAL B 35 2.16 8.57 30.07
CA VAL B 35 1.57 7.30 29.72
C VAL B 35 1.40 6.53 31.03
N LYS B 36 0.46 5.59 31.01
CA LYS B 36 0.04 4.84 32.18
C LYS B 36 0.48 3.36 32.13
N PHE B 37 0.75 2.79 33.31
CA PHE B 37 0.99 1.35 33.43
C PHE B 37 -0.18 0.45 33.06
N HIS B 38 0.13 -0.65 32.37
CA HIS B 38 -0.85 -1.69 32.06
C HIS B 38 -0.65 -2.85 33.00
N ALA B 39 -1.66 -3.08 33.82
CA ALA B 39 -1.74 -4.21 34.72
C ALA B 39 -2.24 -5.47 34.05
N ASP B 40 -1.53 -6.57 34.28
CA ASP B 40 -2.20 -7.85 34.12
C ASP B 40 -1.78 -8.91 35.13
N THR B 41 -2.80 -9.64 35.53
CA THR B 41 -2.76 -10.50 36.69
C THR B 41 -2.80 -11.95 36.17
N TRP B 42 -1.81 -12.73 36.57
CA TRP B 42 -1.64 -14.05 35.98
C TRP B 42 -1.53 -15.14 37.04
N THR B 43 -1.73 -16.36 36.61
CA THR B 43 -1.82 -17.46 37.51
C THR B 43 -0.74 -18.49 37.14
N ARG B 44 -0.12 -19.10 38.14
CA ARG B 44 1.06 -19.89 37.87
C ARG B 44 0.74 -21.27 37.27
N GLY B 45 -0.54 -21.59 37.15
CA GLY B 45 -0.97 -22.94 36.92
C GLY B 45 -1.34 -23.40 38.32
N ASN B 46 -2.59 -23.81 38.47
CA ASN B 46 -3.35 -23.56 39.73
C ASN B 46 -2.85 -24.14 41.09
N ASP B 47 -3.08 -23.30 42.10
CA ASP B 47 -2.49 -23.49 43.41
C ASP B 47 -0.95 -23.38 43.45
N GLY B 48 -0.41 -22.74 42.40
CA GLY B 48 1.00 -22.39 42.35
C GLY B 48 1.19 -20.92 42.69
N GLY B 49 0.09 -20.22 42.80
CA GLY B 49 0.11 -18.81 43.02
C GLY B 49 0.03 -18.04 41.71
N GLY B 50 0.65 -16.88 41.74
CA GLY B 50 0.43 -15.99 40.63
C GLY B 50 1.13 -14.71 40.84
N GLY B 51 0.55 -13.66 40.30
CA GLY B 51 1.26 -12.43 40.15
C GLY B 51 0.40 -11.43 39.46
N THR B 52 0.69 -10.17 39.78
CA THR B 52 0.21 -9.01 39.08
C THR B 52 1.37 -8.25 38.44
N SER B 53 1.48 -8.39 37.11
CA SER B 53 2.53 -7.69 36.35
C SER B 53 1.99 -6.37 35.84
N MET B 54 2.86 -5.37 35.88
CA MET B 54 2.55 -3.99 35.46
C MET B 54 3.66 -3.41 34.57
N VAL B 55 3.28 -3.19 33.32
CA VAL B 55 4.20 -2.84 32.25
C VAL B 55 3.86 -1.47 31.69
N ILE B 56 4.88 -0.61 31.59
CA ILE B 56 4.74 0.70 30.89
C ILE B 56 5.62 0.73 29.69
N GLN B 57 5.02 1.18 28.59
CA GLN B 57 5.73 1.23 27.31
C GLN B 57 5.34 2.41 26.42
N ASP B 58 6.28 2.84 25.59
CA ASP B 58 5.99 3.69 24.46
C ASP B 58 5.45 5.00 24.99
N GLY B 59 6.07 5.51 26.06
CA GLY B 59 5.72 6.82 26.65
C GLY B 59 6.85 7.81 26.43
N THR B 60 6.74 9.00 26.99
CA THR B 60 7.67 10.10 26.71
C THR B 60 8.90 10.03 27.57
N THR B 61 8.75 9.56 28.79
CA THR B 61 9.86 9.47 29.72
C THR B 61 10.47 8.08 29.68
N PHE B 62 9.63 7.05 29.74
CA PHE B 62 10.06 5.68 29.87
C PHE B 62 9.72 4.85 28.66
N GLU B 63 10.74 4.17 28.12
CA GLU B 63 10.55 3.37 26.92
C GLU B 63 9.96 2.00 27.22
N LYS B 64 10.58 1.32 28.17
CA LYS B 64 10.01 0.10 28.63
C LYS B 64 10.23 0.04 30.14
N GLY B 65 9.17 -0.27 30.87
CA GLY B 65 9.33 -0.54 32.29
C GLY B 65 8.30 -1.44 32.91
N GLY B 66 8.75 -2.40 33.74
CA GLY B 66 7.79 -3.20 34.52
C GLY B 66 7.90 -3.22 36.05
N VAL B 67 6.75 -3.21 36.71
CA VAL B 67 6.65 -3.41 38.16
C VAL B 67 5.88 -4.70 38.48
N ASN B 68 6.64 -5.77 38.75
CA ASN B 68 6.02 -7.08 38.90
C ASN B 68 5.87 -7.40 40.35
N VAL B 69 4.66 -7.79 40.69
CA VAL B 69 4.37 -8.37 42.00
C VAL B 69 3.95 -9.83 41.76
N SER B 70 4.46 -10.69 42.62
CA SER B 70 4.52 -12.10 42.38
C SER B 70 4.36 -12.80 43.74
N VAL B 71 3.24 -13.51 43.93
CA VAL B 71 3.04 -14.36 45.13
C VAL B 71 2.89 -15.84 44.73
N VAL B 72 3.91 -16.63 45.08
CA VAL B 72 4.18 -17.92 44.41
C VAL B 72 4.50 -19.06 45.44
N TYR B 73 4.04 -20.28 45.21
CA TYR B 73 4.25 -21.37 46.22
C TYR B 73 4.01 -22.73 45.63
N GLY B 74 4.69 -23.73 46.18
CA GLY B 74 4.43 -25.15 45.83
C GLY B 74 5.66 -26.02 45.79
N GLN B 75 5.56 -27.08 44.99
CA GLN B 75 6.74 -27.90 44.66
C GLN B 75 7.94 -27.06 44.13
N LEU B 76 9.06 -27.23 44.83
CA LEU B 76 10.35 -26.68 44.44
C LEU B 76 11.13 -27.67 43.58
N SER B 77 11.29 -27.33 42.30
CA SER B 77 12.01 -28.16 41.32
C SER B 77 13.51 -28.19 41.55
N PRO B 78 14.20 -29.31 41.32
CA PRO B 78 15.68 -29.35 41.44
C PRO B 78 16.37 -28.15 40.87
N ALA B 79 15.95 -27.78 39.65
CA ALA B 79 16.63 -26.78 38.81
C ALA B 79 16.47 -25.35 39.30
N ALA B 80 15.35 -25.06 39.97
CA ALA B 80 15.05 -23.72 40.42
C ALA B 80 15.96 -23.27 41.58
N VAL B 81 16.80 -24.19 42.06
CA VAL B 81 17.30 -24.14 43.43
C VAL B 81 18.54 -23.30 43.60
N SER B 82 19.58 -23.61 42.82
CA SER B 82 20.84 -22.83 42.76
C SER B 82 20.65 -21.32 42.50
N ALA B 83 19.54 -20.98 41.84
CA ALA B 83 19.13 -19.63 41.58
C ALA B 83 18.09 -19.09 42.57
N MET B 84 17.70 -19.86 43.58
CA MET B 84 16.83 -19.30 44.67
C MET B 84 17.50 -18.22 45.55
N LYS B 85 18.80 -18.46 45.84
CA LYS B 85 19.51 -17.82 46.94
C LYS B 85 20.94 -17.72 46.53
N ALA B 86 21.67 -16.84 47.22
CA ALA B 86 23.12 -16.80 47.14
C ALA B 86 23.66 -18.16 47.55
N ASP B 87 23.39 -18.55 48.79
CA ASP B 87 23.96 -19.78 49.33
C ASP B 87 22.88 -20.79 49.70
N HIS B 88 22.67 -21.73 48.80
CA HIS B 88 21.69 -22.79 48.96
C HIS B 88 22.38 -24.01 49.61
N LYS B 89 22.38 -24.65 50.29
CA LYS B 89 23.28 -25.49 51.12
C LYS B 89 22.74 -25.46 52.54
N ASN B 90 22.23 -24.29 52.91
CA ASN B 90 21.52 -24.13 54.16
C ASN B 90 20.18 -24.85 54.06
N LEU B 91 19.99 -25.59 53.26
CA LEU B 91 18.71 -26.20 52.94
C LEU B 91 18.79 -27.75 52.92
N ARG B 92 19.84 -28.28 52.28
CA ARG B 92 20.24 -29.72 52.26
C ARG B 92 19.25 -30.71 51.57
N LEU B 93 19.62 -32.00 51.61
CA LEU B 93 18.77 -33.26 51.43
C LEU B 93 19.46 -34.35 50.53
N PRO B 94 19.75 -35.55 51.12
CA PRO B 94 19.83 -36.80 50.34
C PRO B 94 18.50 -37.59 50.29
N GLU B 95 18.61 -38.83 49.80
CA GLU B 95 17.62 -39.94 49.98
C GLU B 95 17.90 -41.10 48.98
N ASP B 96 19.00 -41.82 49.25
CA ASP B 96 19.63 -42.83 48.34
C ASP B 96 18.69 -43.98 47.93
N PRO B 97 18.23 -43.99 46.67
CA PRO B 97 17.64 -45.22 46.09
C PRO B 97 18.72 -46.28 45.76
N LYS B 98 18.27 -47.51 45.44
CA LYS B 98 19.13 -48.66 45.01
C LYS B 98 20.37 -48.26 44.18
N THR B 99 21.58 -48.43 44.74
CA THR B 99 22.88 -47.89 44.17
C THR B 99 22.88 -46.42 43.62
N GLY B 100 21.71 -45.78 43.56
CA GLY B 100 21.47 -44.51 42.89
C GLY B 100 21.24 -43.31 43.82
N LEU B 101 20.80 -42.20 43.20
CA LEU B 101 21.11 -40.82 43.61
C LEU B 101 20.44 -40.35 44.92
N PRO B 102 21.26 -40.11 45.99
CA PRO B 102 20.85 -39.27 47.15
C PRO B 102 20.11 -37.95 46.86
N VAL B 103 20.80 -36.92 46.35
CA VAL B 103 20.36 -35.47 46.52
C VAL B 103 18.87 -35.07 46.14
N THR B 104 18.12 -34.83 47.20
CA THR B 104 16.79 -34.17 47.18
C THR B 104 15.59 -34.89 46.57
N ASP B 105 15.01 -34.29 45.51
CA ASP B 105 13.57 -34.45 45.19
C ASP B 105 12.69 -33.50 46.05
N GLY B 106 11.52 -34.04 46.41
CA GLY B 106 10.35 -33.26 46.80
C GLY B 106 10.42 -32.57 48.15
N VAL B 107 10.22 -31.21 48.09
CA VAL B 107 9.99 -30.22 49.22
C VAL B 107 9.17 -28.95 48.77
N LYS B 108 8.57 -28.20 49.70
CA LYS B 108 7.63 -27.10 49.33
C LYS B 108 8.01 -25.65 49.72
N PHE B 109 7.64 -24.64 48.61
CA PHE B 109 8.23 -23.27 48.81
C PHE B 109 7.19 -22.19 48.66
N PHE B 110 7.54 -21.03 49.19
CA PHE B 110 6.76 -19.85 49.03
C PHE B 110 7.77 -18.73 48.70
N ALA B 111 7.40 -17.88 47.76
CA ALA B 111 8.13 -16.67 47.42
C ALA B 111 7.08 -15.60 47.24
N CYS B 112 7.17 -14.48 47.97
CA CYS B 112 6.49 -13.27 47.55
C CYS B 112 7.43 -12.07 47.41
N GLY B 113 7.16 -11.27 46.37
CA GLY B 113 8.10 -10.27 45.91
C GLY B 113 7.55 -9.25 44.95
N LEU B 114 8.23 -8.11 44.99
CA LEU B 114 8.10 -7.12 43.96
C LEU B 114 9.42 -7.11 43.16
N SER B 115 9.29 -7.21 41.86
CA SER B 115 10.47 -7.00 40.95
C SER B 115 10.28 -5.82 39.96
N MET B 116 11.33 -5.01 39.80
CA MET B 116 11.20 -3.81 38.95
C MET B 116 12.44 -3.56 38.08
N VAL B 117 12.22 -3.10 36.85
CA VAL B 117 13.25 -2.62 35.93
C VAL B 117 12.59 -1.56 35.05
N ILE B 118 13.26 -0.41 35.01
CA ILE B 118 12.83 0.75 34.26
C ILE B 118 13.92 1.18 33.26
N HIS B 119 13.52 1.35 32.02
CA HIS B 119 14.42 1.73 30.94
C HIS B 119 13.92 2.99 30.28
N PRO B 120 14.46 4.14 30.67
CA PRO B 120 14.10 5.40 30.04
C PRO B 120 14.39 5.54 28.51
N VAL B 121 13.67 6.45 27.87
CA VAL B 121 13.93 6.78 26.47
C VAL B 121 15.31 7.44 26.40
N ASN B 122 15.52 8.43 27.25
CA ASN B 122 16.68 9.27 27.12
C ASN B 122 17.93 8.54 27.55
N PRO B 123 18.93 8.45 26.66
CA PRO B 123 20.24 7.88 27.02
C PRO B 123 20.82 8.44 28.29
N HIS B 124 20.48 9.69 28.61
CA HIS B 124 20.99 10.35 29.84
C HIS B 124 20.18 10.01 31.08
N ALA B 125 18.98 9.49 30.84
CA ALA B 125 18.07 8.99 31.86
C ALA B 125 18.36 7.51 32.11
N PRO B 126 18.91 7.17 33.28
CA PRO B 126 19.45 5.86 33.57
C PRO B 126 18.45 4.73 33.83
N THR B 127 18.89 3.52 33.52
CA THR B 127 18.13 2.35 33.83
C THR B 127 18.22 2.09 35.33
N THR B 128 17.12 1.59 35.90
CA THR B 128 17.11 1.17 37.30
C THR B 128 16.42 -0.20 37.51
N HIS B 129 16.92 -0.94 38.50
CA HIS B 129 16.33 -2.20 38.98
C HIS B 129 16.11 -2.20 40.50
N LEU B 130 14.97 -2.78 40.89
CA LEU B 130 14.57 -2.88 42.29
C LEU B 130 13.82 -4.19 42.50
N ASN B 131 14.11 -4.75 43.66
CA ASN B 131 13.59 -6.02 44.09
C ASN B 131 13.52 -6.08 45.64
N TYR B 132 12.34 -6.37 46.17
CA TYR B 132 12.23 -6.83 47.56
C TYR B 132 11.36 -8.06 47.59
N ARG B 133 11.85 -9.08 48.28
CA ARG B 133 11.08 -10.32 48.36
C ARG B 133 11.29 -11.07 49.68
N TYR B 134 10.29 -11.89 49.96
CA TYR B 134 10.36 -12.90 50.97
C TYR B 134 10.18 -14.30 50.33
N PHE B 135 11.03 -15.20 50.82
CA PHE B 135 11.12 -16.59 50.45
C PHE B 135 10.96 -17.50 51.69
N GLU B 136 10.19 -18.58 51.53
CA GLU B 136 10.03 -19.56 52.62
C GLU B 136 10.09 -20.98 52.07
N THR B 137 10.61 -21.87 52.92
CA THR B 137 10.60 -23.32 52.66
C THR B 137 10.14 -24.22 53.83
N TRP B 138 9.54 -25.33 53.42
CA TRP B 138 9.15 -26.41 54.31
C TRP B 138 10.00 -27.66 54.13
N ASN B 139 10.18 -28.33 55.26
CA ASN B 139 10.81 -29.63 55.29
C ASN B 139 9.86 -30.62 54.62
N GLN B 140 10.46 -31.71 54.17
CA GLN B 140 9.74 -32.88 53.64
C GLN B 140 8.55 -33.37 54.50
N ASP B 141 8.66 -33.23 55.81
CA ASP B 141 7.63 -33.63 56.75
C ASP B 141 6.52 -32.60 56.88
N GLY B 142 6.71 -31.42 56.28
CA GLY B 142 5.70 -30.32 56.32
C GLY B 142 6.01 -29.23 57.33
N THR B 143 7.08 -29.40 58.10
CA THR B 143 7.41 -28.39 59.13
C THR B 143 8.23 -27.27 58.52
N PRO B 144 8.20 -26.13 59.21
CA PRO B 144 8.96 -24.95 58.77
C PRO B 144 10.46 -25.20 58.73
N GLN B 145 11.07 -24.84 57.61
CA GLN B 145 12.51 -24.94 57.44
C GLN B 145 13.05 -23.51 57.59
N THR B 146 13.06 -22.73 56.51
CA THR B 146 13.53 -21.36 56.57
C THR B 146 12.61 -20.42 55.83
N TRP B 147 12.85 -19.16 56.18
CA TRP B 147 12.51 -18.02 55.42
C TRP B 147 13.76 -17.07 55.38
N TRP B 148 13.78 -16.17 54.38
CA TRP B 148 14.75 -15.07 54.32
C TRP B 148 14.20 -13.96 53.43
N PHE B 149 14.86 -12.81 53.49
CA PHE B 149 14.59 -11.70 52.60
C PHE B 149 15.81 -11.49 51.69
N GLY B 150 15.53 -11.05 50.46
CA GLY B 150 16.54 -10.63 49.52
C GLY B 150 16.04 -9.35 48.87
N GLY B 151 16.96 -8.48 48.45
CA GLY B 151 16.47 -7.29 47.77
C GLY B 151 17.44 -6.19 47.46
N GLY B 152 16.89 -5.02 47.21
CA GLY B 152 17.68 -3.79 47.04
C GLY B 152 17.41 -3.12 45.70
N ALA B 153 18.28 -2.17 45.36
CA ALA B 153 18.11 -1.36 44.15
C ALA B 153 19.47 -0.86 43.69
N ASP B 154 19.58 -0.65 42.38
CA ASP B 154 20.83 -0.29 41.73
C ASP B 154 20.59 0.61 40.52
N LEU B 155 21.66 1.17 40.00
CA LEU B 155 21.54 2.21 38.98
C LEU B 155 22.44 1.91 37.82
N THR B 156 21.92 2.23 36.64
CA THR B 156 22.56 1.79 35.44
C THR B 156 22.48 2.90 34.40
N PRO B 157 23.38 3.90 34.54
CA PRO B 157 23.52 4.95 33.57
C PRO B 157 24.37 4.45 32.44
N SER B 158 24.16 5.03 31.26
CA SER B 158 25.09 4.91 30.14
C SER B 158 26.06 6.09 30.15
N TYR B 159 25.49 7.24 30.56
CA TYR B 159 26.20 8.49 30.82
C TYR B 159 26.13 8.79 32.29
N LEU B 160 27.33 8.85 32.86
CA LEU B 160 27.60 9.06 34.24
C LEU B 160 27.42 10.53 34.66
N TYR B 161 26.70 10.72 35.77
CA TYR B 161 26.56 12.03 36.39
C TYR B 161 26.68 11.80 37.88
N GLU B 162 27.77 12.31 38.46
CA GLU B 162 28.16 11.97 39.82
C GLU B 162 27.09 12.28 40.87
N GLU B 163 26.24 13.26 40.57
CA GLU B 163 25.18 13.73 41.49
C GLU B 163 24.04 12.69 41.56
N ASP B 164 23.89 11.92 40.48
CA ASP B 164 22.89 10.89 40.42
C ASP B 164 23.31 9.70 41.27
N GLY B 165 24.58 9.33 41.18
CA GLY B 165 25.11 8.20 41.96
C GLY B 165 25.08 8.49 43.45
N GLN B 166 25.47 9.72 43.78
CA GLN B 166 25.50 10.21 45.16
C GLN B 166 24.08 10.27 45.76
N LEU B 167 23.15 10.80 44.99
CA LEU B 167 21.79 10.85 45.45
C LEU B 167 21.25 9.42 45.77
N PHE B 168 21.46 8.51 44.80
CA PHE B 168 20.86 7.19 44.78
C PHE B 168 21.43 6.38 45.91
N HIS B 169 22.76 6.33 46.00
CA HIS B 169 23.42 5.63 47.11
C HIS B 169 23.07 6.21 48.50
N GLN B 170 23.16 7.53 48.62
CA GLN B 170 22.83 8.24 49.86
C GLN B 170 21.43 7.89 50.37
N LEU B 171 20.40 8.10 49.54
CA LEU B 171 19.02 7.86 49.98
C LEU B 171 18.76 6.41 50.44
N HIS B 172 19.46 5.47 49.80
CA HIS B 172 19.41 4.05 50.16
C HIS B 172 20.27 3.79 51.41
N LYS B 173 21.43 4.45 51.48
CA LYS B 173 22.22 4.46 52.74
C LYS B 173 21.38 5.01 53.93
N ASP B 174 20.66 6.09 53.72
CA ASP B 174 19.81 6.61 54.78
C ASP B 174 18.76 5.57 55.22
N ALA B 175 18.12 4.91 54.25
CA ALA B 175 17.04 3.96 54.57
C ALA B 175 17.61 2.91 55.51
N LEU B 176 18.87 2.48 55.28
CA LEU B 176 19.53 1.41 56.08
C LEU B 176 20.29 1.89 57.32
N ASP B 177 20.66 3.18 57.32
CA ASP B 177 21.30 3.78 58.50
C ASP B 177 20.33 3.75 59.72
N LYS B 178 19.06 4.07 59.44
CA LYS B 178 17.97 3.75 60.34
C LYS B 178 18.13 2.40 61.07
N HIS B 179 18.49 1.35 60.36
CA HIS B 179 18.33 0.01 60.93
C HIS B 179 19.61 -0.49 61.50
N ASP B 180 20.69 -0.23 60.78
CA ASP B 180 22.02 -0.55 61.26
C ASP B 180 22.95 0.04 60.20
N THR B 181 23.67 1.08 60.62
CA THR B 181 24.71 1.74 59.83
C THR B 181 25.67 0.80 59.07
N ALA B 182 25.95 -0.38 59.60
CA ALA B 182 26.92 -1.33 59.01
C ALA B 182 26.43 -2.11 57.77
N LEU B 183 25.12 -2.07 57.54
CA LEU B 183 24.48 -2.83 56.47
C LEU B 183 24.87 -2.23 55.11
N TYR B 184 24.80 -0.90 55.02
CA TYR B 184 25.09 -0.21 53.76
C TYR B 184 26.43 -0.53 53.10
N PRO B 185 27.56 -0.42 53.79
CA PRO B 185 28.83 -0.80 53.19
C PRO B 185 28.88 -2.28 52.81
N ARG B 186 28.12 -3.07 53.54
CA ARG B 186 28.05 -4.50 53.30
C ARG B 186 27.24 -4.79 52.02
N PHE B 187 26.08 -4.18 51.93
CA PHE B 187 25.14 -4.37 50.85
C PHE B 187 25.60 -3.66 49.59
N LYS B 188 26.44 -2.64 49.75
CA LYS B 188 26.89 -1.80 48.66
C LYS B 188 27.92 -2.53 47.84
N LYS B 189 28.89 -3.10 48.55
CA LYS B 189 29.90 -3.91 47.90
C LYS B 189 29.27 -5.17 47.29
N TRP B 190 28.32 -5.77 48.01
CA TRP B 190 27.51 -6.90 47.48
C TRP B 190 26.89 -6.52 46.14
N CYS B 191 26.29 -5.36 46.09
CA CYS B 191 25.78 -4.82 44.84
C CYS B 191 26.85 -4.69 43.71
N ASP B 192 28.08 -4.27 44.07
CA ASP B 192 29.18 -4.18 43.11
C ASP B 192 29.56 -5.54 42.64
N GLU B 193 29.43 -6.54 43.49
CA GLU B 193 29.91 -7.88 43.14
C GLU B 193 28.93 -8.71 42.28
N TYR B 194 27.64 -8.62 42.61
CA TYR B 194 26.61 -9.47 42.00
C TYR B 194 26.34 -9.08 40.55
N PHE B 195 26.35 -7.75 40.30
CA PHE B 195 26.19 -7.17 38.97
C PHE B 195 27.45 -7.04 38.12
N TYR B 196 28.46 -7.82 38.43
CA TYR B 196 29.64 -7.97 37.59
C TYR B 196 29.36 -8.93 36.42
N ILE B 197 29.65 -8.48 35.20
CA ILE B 197 29.51 -9.28 33.95
C ILE B 197 30.84 -9.96 33.73
N THR B 198 31.02 -11.06 34.41
CA THR B 198 32.31 -11.73 34.43
C THR B 198 33.05 -11.66 33.09
N HIS B 199 32.39 -12.03 31.98
CA HIS B 199 33.07 -12.15 30.69
C HIS B 199 33.37 -10.77 30.09
N ARG B 200 32.70 -9.75 30.56
CA ARG B 200 33.04 -8.39 30.14
C ARG B 200 33.95 -7.63 31.14
N LYS B 201 34.25 -8.22 32.32
CA LYS B 201 35.16 -7.59 33.31
C LYS B 201 34.70 -6.19 33.79
N GLU B 202 33.42 -6.11 34.11
CA GLU B 202 32.81 -4.85 34.43
C GLU B 202 31.42 -5.12 34.90
N THR B 203 30.92 -4.25 35.78
CA THR B 203 29.53 -4.31 36.17
C THR B 203 28.63 -3.69 35.12
N ARG B 204 27.34 -4.00 35.22
CA ARG B 204 26.35 -3.41 34.32
C ARG B 204 26.10 -1.88 34.50
N GLY B 205 26.23 -1.40 35.74
CA GLY B 205 26.03 0.01 36.08
C GLY B 205 26.98 0.44 37.21
N ILE B 206 26.44 1.33 38.07
CA ILE B 206 27.12 1.89 39.26
C ILE B 206 26.53 1.38 40.55
N GLY B 207 25.71 0.33 40.46
CA GLY B 207 25.23 -0.40 41.64
C GLY B 207 24.30 0.38 42.58
N GLY B 208 24.51 0.16 43.86
CA GLY B 208 23.59 0.62 44.93
C GLY B 208 23.66 -0.44 46.04
N ILE B 209 22.50 -0.98 46.43
CA ILE B 209 22.49 -2.08 47.43
C ILE B 209 21.77 -3.33 46.91
N PHE B 210 22.32 -4.46 47.34
CA PHE B 210 21.79 -5.76 47.10
C PHE B 210 22.07 -6.54 48.37
N PHE B 211 21.06 -7.24 48.88
CA PHE B 211 21.31 -8.32 49.83
C PHE B 211 20.46 -9.51 49.43
N ASP B 212 20.97 -10.69 49.79
CA ASP B 212 20.23 -11.95 49.69
C ASP B 212 20.31 -12.69 51.02
N ASP B 213 19.61 -13.81 51.16
CA ASP B 213 19.82 -14.81 52.23
C ASP B 213 19.65 -14.28 53.64
N TYR B 214 18.78 -13.28 53.78
CA TYR B 214 18.83 -12.41 54.95
C TYR B 214 17.73 -12.74 55.97
N ASP B 215 18.18 -13.17 57.15
CA ASP B 215 17.25 -13.48 58.25
C ASP B 215 17.78 -13.02 59.63
N GLU B 216 18.65 -12.01 59.61
CA GLU B 216 19.49 -11.66 60.77
C GLU B 216 18.76 -10.98 61.88
N ARG B 217 17.66 -10.31 61.59
CA ARG B 217 16.82 -9.74 62.61
C ARG B 217 15.49 -10.42 62.49
N ASP B 218 14.55 -10.08 63.36
CA ASP B 218 13.27 -10.78 63.28
C ASP B 218 12.45 -10.15 62.13
N PRO B 219 11.66 -11.00 61.43
CA PRO B 219 11.01 -10.63 60.19
C PRO B 219 10.22 -9.33 60.25
N GLN B 220 9.46 -9.17 61.34
CA GLN B 220 8.79 -7.89 61.68
C GLN B 220 9.70 -6.67 61.57
N GLU B 221 10.96 -6.83 62.01
CA GLU B 221 11.97 -5.77 61.98
C GLU B 221 12.52 -5.57 60.57
N ILE B 222 12.83 -6.70 59.92
CA ILE B 222 13.25 -6.74 58.51
C ILE B 222 12.22 -6.04 57.60
N LEU B 223 10.93 -6.28 57.84
CA LEU B 223 9.86 -5.65 57.06
C LEU B 223 9.84 -4.13 57.11
N LYS B 224 10.20 -3.58 58.27
CA LYS B 224 10.36 -2.13 58.41
C LYS B 224 11.59 -1.69 57.63
N MET B 225 12.70 -2.40 57.77
CA MET B 225 13.85 -2.11 56.93
C MET B 225 13.47 -2.08 55.42
N VAL B 226 12.76 -3.12 54.98
CA VAL B 226 12.41 -3.32 53.58
C VAL B 226 11.56 -2.17 53.11
N GLU B 227 10.77 -1.60 54.03
CA GLU B 227 9.82 -0.52 53.72
C GLU B 227 10.46 0.88 53.69
N ASP B 228 11.44 1.06 54.58
CA ASP B 228 12.36 2.18 54.45
C ASP B 228 13.09 2.15 53.12
N CYS B 229 13.59 0.99 52.71
CA CYS B 229 14.31 0.95 51.45
C CYS B 229 13.39 1.37 50.30
N PHE B 230 12.21 0.79 50.28
CA PHE B 230 11.26 1.07 49.22
C PHE B 230 11.23 2.56 49.00
N ASP B 231 11.08 3.32 50.09
CA ASP B 231 10.90 4.79 50.06
C ASP B 231 12.14 5.60 49.62
N ALA B 232 13.31 4.96 49.67
CA ALA B 232 14.53 5.53 49.11
C ALA B 232 14.48 5.58 47.59
N PHE B 233 13.60 4.77 46.98
CA PHE B 233 13.57 4.66 45.55
C PHE B 233 13.06 5.90 44.84
N LEU B 234 11.78 6.18 45.02
CA LEU B 234 11.07 7.14 44.18
C LEU B 234 11.64 8.60 44.27
N PRO B 235 11.98 9.06 45.49
CA PRO B 235 12.65 10.35 45.64
C PRO B 235 14.11 10.48 45.06
N SER B 236 14.86 9.38 44.92
CA SER B 236 16.06 9.43 44.08
C SER B 236 15.65 9.34 42.59
N TYR B 237 15.27 8.16 42.13
CA TYR B 237 15.03 7.94 40.69
C TYR B 237 14.14 9.00 40.02
N LEU B 238 13.16 9.56 40.71
CA LEU B 238 12.23 10.48 40.04
C LEU B 238 12.91 11.82 39.87
N THR B 239 13.76 12.10 40.87
CA THR B 239 14.57 13.31 40.93
C THR B 239 15.65 13.17 39.84
N ILE B 240 16.32 12.03 39.84
CA ILE B 240 17.29 11.66 38.81
C ILE B 240 16.74 11.72 37.39
N VAL B 241 15.49 11.30 37.19
CA VAL B 241 14.94 11.20 35.84
C VAL B 241 14.38 12.53 35.36
N LYS B 242 13.72 13.29 36.26
CA LYS B 242 13.12 14.59 35.92
C LYS B 242 14.10 15.59 35.32
N ARG B 243 15.39 15.35 35.53
CA ARG B 243 16.45 16.27 35.19
C ARG B 243 17.37 15.81 34.06
N ARG B 244 17.29 14.51 33.72
CA ARG B 244 17.96 13.93 32.57
C ARG B 244 16.98 13.66 31.47
N LYS B 245 15.71 13.49 31.84
CA LYS B 245 14.69 13.12 30.87
C LYS B 245 14.70 14.11 29.68
N ASP B 246 15.12 15.36 29.93
CA ASP B 246 15.04 16.37 28.91
C ASP B 246 16.40 16.84 28.44
N MET B 247 17.49 16.21 28.87
CA MET B 247 18.80 16.56 28.28
C MET B 247 18.75 16.26 26.82
N PRO B 248 19.49 17.01 26.02
CA PRO B 248 19.56 16.73 24.58
C PRO B 248 20.38 15.50 24.30
N TYR B 249 20.11 14.77 23.22
CA TYR B 249 21.03 13.69 22.82
C TYR B 249 21.24 13.43 21.32
N THR B 250 22.43 12.96 21.02
CA THR B 250 22.72 12.55 19.66
C THR B 250 22.37 11.09 19.41
N LYS B 251 22.37 10.76 18.12
CA LYS B 251 22.25 9.41 17.67
C LYS B 251 23.40 8.56 18.19
N GLU B 252 24.54 9.17 18.44
CA GLU B 252 25.70 8.42 18.90
C GLU B 252 25.66 8.12 20.38
N GLU B 253 25.07 9.03 21.16
CA GLU B 253 24.79 8.78 22.55
C GLU B 253 23.71 7.69 22.65
N GLN B 254 22.75 7.76 21.72
CA GLN B 254 21.75 6.71 21.57
C GLN B 254 22.32 5.33 21.21
N GLN B 255 23.32 5.30 20.34
CA GLN B 255 24.02 4.07 20.11
C GLN B 255 24.73 3.57 21.38
N TRP B 256 25.21 4.47 22.21
CA TRP B 256 25.93 4.02 23.40
C TRP B 256 24.90 3.49 24.45
N GLN B 257 23.82 4.26 24.69
CA GLN B 257 22.65 3.65 25.37
C GLN B 257 22.34 2.22 24.83
N ALA B 258 22.39 2.00 23.53
CA ALA B 258 22.06 0.68 22.95
C ALA B 258 23.10 -0.39 23.27
N ILE B 259 24.38 -0.01 23.22
CA ILE B 259 25.46 -0.89 23.61
C ILE B 259 25.41 -1.27 25.08
N ARG B 260 25.08 -0.33 25.95
CA ARG B 260 24.97 -0.59 27.39
C ARG B 260 23.71 -1.36 27.73
N ARG B 261 22.63 -1.19 26.97
CA ARG B 261 21.50 -2.14 26.96
C ARG B 261 21.88 -3.58 26.52
N GLY B 262 22.84 -3.70 25.61
CA GLY B 262 23.31 -5.01 25.20
C GLY B 262 24.01 -5.69 26.35
N ARG B 263 24.92 -4.96 27.01
CA ARG B 263 25.56 -5.40 28.27
C ARG B 263 24.54 -5.85 29.35
N TYR B 264 23.45 -5.11 29.45
CA TYR B 264 22.43 -5.43 30.44
C TYR B 264 21.73 -6.79 30.13
N VAL B 265 21.34 -6.98 28.86
CA VAL B 265 20.87 -8.26 28.36
C VAL B 265 21.81 -9.38 28.74
N GLU B 266 23.10 -9.20 28.43
CA GLU B 266 24.14 -10.16 28.80
C GLU B 266 24.08 -10.54 30.25
N PHE B 267 24.05 -9.56 31.12
CA PHE B 267 23.89 -9.86 32.53
C PHE B 267 22.58 -10.60 32.83
N ASN B 268 21.44 -10.03 32.49
CA ASN B 268 20.21 -10.73 32.74
C ASN B 268 20.17 -12.20 32.29
N LEU B 269 20.68 -12.53 31.11
CA LEU B 269 20.51 -13.91 30.54
C LEU B 269 21.59 -14.90 30.94
N ILE B 270 22.68 -14.42 31.50
CA ILE B 270 23.76 -15.26 31.89
C ILE B 270 23.91 -15.28 33.42
N TYR B 271 23.81 -14.15 34.11
CA TYR B 271 24.22 -14.14 35.53
C TYR B 271 23.12 -13.93 36.56
N ASP B 272 22.06 -13.21 36.19
CA ASP B 272 20.91 -12.91 37.07
C ASP B 272 20.05 -14.10 37.52
N ARG B 273 20.10 -14.34 38.83
CA ARG B 273 19.37 -15.44 39.47
C ARG B 273 17.86 -15.32 39.47
N GLY B 274 17.36 -14.10 39.62
CA GLY B 274 15.92 -13.77 39.57
C GLY B 274 15.33 -14.21 38.24
N THR B 275 16.08 -13.98 37.18
CA THR B 275 15.70 -14.44 35.85
C THR B 275 15.75 -15.95 35.75
N GLN B 276 16.91 -16.52 36.10
CA GLN B 276 17.01 -17.99 36.21
C GLN B 276 15.86 -18.62 37.01
N PHE B 277 15.57 -18.10 38.21
CA PHE B 277 14.57 -18.67 39.09
C PHE B 277 13.20 -18.73 38.45
N GLY B 278 12.78 -17.62 37.83
CA GLY B 278 11.48 -17.56 37.18
C GLY B 278 11.38 -18.45 35.94
N LEU B 279 12.46 -18.53 35.15
CA LEU B 279 12.41 -19.32 33.91
C LEU B 279 12.51 -20.78 34.24
N ARG B 280 13.01 -21.09 35.43
CA ARG B 280 13.13 -22.48 35.85
C ARG B 280 12.13 -22.90 36.88
N THR B 281 11.13 -22.07 37.16
CA THR B 281 10.03 -22.50 37.97
C THR B 281 8.84 -22.78 37.06
N PRO B 282 8.40 -24.04 37.02
CA PRO B 282 7.24 -24.43 36.21
C PRO B 282 6.08 -23.45 36.31
N GLY B 283 5.56 -23.10 35.15
CA GLY B 283 4.38 -22.23 35.01
C GLY B 283 4.50 -20.77 35.39
N SER B 284 5.69 -20.30 35.79
CA SER B 284 5.94 -18.84 35.87
C SER B 284 5.77 -18.19 34.50
N ARG B 285 5.20 -16.99 34.48
CA ARG B 285 4.86 -16.31 33.21
C ARG B 285 6.12 -15.69 32.57
N VAL B 286 6.56 -16.24 31.44
CA VAL B 286 7.82 -15.84 30.79
C VAL B 286 7.90 -14.37 30.47
N GLU B 287 6.76 -13.81 30.05
CA GLU B 287 6.66 -12.40 29.63
C GLU B 287 6.77 -11.45 30.80
N SER B 288 6.40 -11.95 31.99
CA SER B 288 6.62 -11.22 33.23
C SER B 288 8.08 -11.20 33.55
N ILE B 289 8.73 -12.36 33.56
CA ILE B 289 10.16 -12.41 33.91
C ILE B 289 10.99 -11.53 32.97
N LEU B 290 10.76 -11.66 31.68
CA LEU B 290 11.68 -11.10 30.68
C LEU B 290 11.30 -9.70 30.25
N MET B 291 10.36 -9.11 30.95
CA MET B 291 10.08 -7.68 30.87
C MET B 291 11.26 -6.82 31.31
N SER B 292 12.25 -7.42 31.94
CA SER B 292 13.42 -6.68 32.38
C SER B 292 14.33 -6.38 31.22
N LEU B 293 14.08 -7.02 30.08
CA LEU B 293 14.83 -6.82 28.84
C LEU B 293 14.42 -5.53 28.17
N PRO B 294 15.42 -4.69 27.80
CA PRO B 294 15.15 -3.41 27.12
C PRO B 294 14.34 -3.64 25.87
N GLU B 295 13.56 -2.66 25.46
CA GLU B 295 12.91 -2.80 24.17
C GLU B 295 13.89 -2.97 23.04
N HIS B 296 15.05 -2.32 23.17
CA HIS B 296 16.10 -2.35 22.13
C HIS B 296 17.47 -2.53 22.75
N ALA B 297 18.31 -3.31 22.10
CA ALA B 297 19.73 -3.42 22.46
C ALA B 297 20.54 -3.59 21.18
N SER B 298 21.84 -3.26 21.27
CA SER B 298 22.79 -3.44 20.20
C SER B 298 24.06 -4.08 20.67
N TRP B 299 24.68 -4.80 19.72
CA TRP B 299 25.98 -5.40 19.91
C TRP B 299 26.84 -4.93 18.79
N LEU B 300 27.88 -4.15 19.08
CA LEU B 300 28.89 -3.83 18.03
C LEU B 300 30.13 -4.55 18.31
N TYR B 301 30.78 -4.95 17.23
CA TYR B 301 32.01 -5.68 17.28
C TYR B 301 33.24 -4.82 17.68
N ASN B 302 34.00 -5.28 18.66
CA ASN B 302 35.28 -4.66 19.04
C ASN B 302 35.10 -3.17 19.14
N HIS B 303 34.12 -2.77 19.91
CA HIS B 303 33.80 -1.37 20.08
C HIS B 303 34.57 -0.80 21.26
N HIS B 304 35.20 0.35 21.04
CA HIS B 304 36.01 1.02 22.08
C HIS B 304 35.71 2.52 22.07
N PRO B 305 35.29 3.03 23.22
CA PRO B 305 35.24 4.48 23.43
C PRO B 305 36.63 5.13 23.23
N ALA B 306 36.61 6.34 22.68
CA ALA B 306 37.84 7.08 22.51
C ALA B 306 38.39 7.39 23.92
N PRO B 307 39.71 7.39 24.05
CA PRO B 307 40.35 7.79 25.29
C PRO B 307 39.88 9.18 25.78
N GLY B 308 39.64 9.23 27.11
CA GLY B 308 39.06 10.40 27.78
C GLY B 308 37.61 10.76 27.46
N SER B 309 36.96 10.06 26.51
CA SER B 309 35.52 10.30 26.20
C SER B 309 34.60 10.07 27.41
N ARG B 310 33.46 10.74 27.48
CA ARG B 310 32.43 10.39 28.48
C ARG B 310 32.15 8.88 28.51
N GLU B 311 32.01 8.27 27.34
CA GLU B 311 31.77 6.84 27.21
C GLU B 311 32.82 6.01 27.97
N ALA B 312 34.09 6.36 27.77
CA ALA B 312 35.22 5.75 28.51
C ALA B 312 35.16 6.02 30.01
N LYS B 313 34.58 7.15 30.40
CA LYS B 313 34.46 7.46 31.83
C LYS B 313 33.56 6.44 32.56
N LEU B 314 32.42 6.10 31.95
CA LEU B 314 31.60 4.97 32.40
C LEU B 314 32.48 3.80 32.68
N LEU B 315 33.24 3.38 31.69
CA LEU B 315 34.01 2.13 31.82
C LEU B 315 34.99 2.13 32.98
N GLU B 316 35.43 3.31 33.40
CA GLU B 316 36.42 3.43 34.47
C GLU B 316 35.73 3.02 35.73
N VAL B 317 34.47 3.41 35.86
CA VAL B 317 33.66 3.17 37.06
C VAL B 317 33.08 1.74 37.07
N THR B 318 32.94 1.22 35.87
CA THR B 318 32.28 -0.01 35.56
C THR B 318 33.27 -1.14 35.75
N THR B 319 34.52 -0.89 35.41
CA THR B 319 35.56 -1.91 35.55
C THR B 319 36.17 -1.84 36.94
N LYS B 320 36.05 -0.67 37.58
CA LYS B 320 36.57 -0.50 38.94
C LYS B 320 35.65 0.43 39.76
N PRO B 321 34.77 -0.16 40.56
CA PRO B 321 33.77 0.61 41.29
C PRO B 321 34.37 1.49 42.38
N ARG B 322 33.60 2.51 42.74
CA ARG B 322 34.03 3.54 43.65
C ARG B 322 32.91 3.85 44.60
N GLU B 323 33.18 4.77 45.52
CA GLU B 323 32.19 5.24 46.51
C GLU B 323 31.34 6.41 46.02
N TRP B 324 30.14 6.54 46.58
CA TRP B 324 29.22 7.61 46.17
C TRP B 324 28.64 8.36 47.36
N VAL B 325 29.08 8.01 48.56
CA VAL B 325 28.71 8.80 49.73
C VAL B 325 29.99 9.16 50.49
N LYS B 326 29.97 10.33 51.13
CA LYS B 326 31.17 10.94 51.76
C LYS B 326 31.19 10.64 53.26
N ALA C 1 37.90 37.79 -32.77
CA ALA C 1 37.82 37.79 -31.28
C ALA C 1 37.97 39.23 -30.74
N PRO C 2 37.05 39.63 -29.83
CA PRO C 2 36.97 41.00 -29.33
C PRO C 2 38.30 41.50 -28.86
N GLN C 3 38.74 42.63 -29.42
CA GLN C 3 39.99 43.27 -28.97
C GLN C 3 39.70 44.33 -27.92
N ASP C 4 38.43 44.65 -27.69
CA ASP C 4 38.14 45.64 -26.65
C ASP C 4 39.09 45.45 -25.43
N PRO C 5 40.00 46.38 -25.19
CA PRO C 5 40.99 46.22 -24.07
C PRO C 5 40.50 46.21 -22.63
N ARG C 6 39.27 46.56 -22.33
CA ARG C 6 38.90 46.80 -20.93
C ARG C 6 39.04 45.49 -20.09
N ASN C 7 38.45 44.40 -20.60
CA ASN C 7 38.52 43.11 -19.93
C ASN C 7 39.29 42.07 -20.77
N LEU C 8 39.93 42.49 -21.86
CA LEU C 8 40.70 41.55 -22.65
C LEU C 8 41.66 40.69 -21.79
N PRO C 9 42.41 41.32 -20.87
CA PRO C 9 43.30 40.56 -19.98
C PRO C 9 42.63 39.42 -19.27
N ILE C 10 41.45 39.63 -18.68
CA ILE C 10 40.66 38.50 -18.12
C ILE C 10 40.21 37.38 -19.13
N ARG C 11 39.81 37.78 -20.35
CA ARG C 11 39.46 36.78 -21.41
C ARG C 11 40.68 35.91 -21.73
N GLN C 12 41.86 36.54 -21.78
CA GLN C 12 43.10 35.84 -22.18
C GLN C 12 43.51 34.86 -21.13
N GLN C 13 43.28 35.24 -19.86
CA GLN C 13 43.66 34.46 -18.69
C GLN C 13 42.73 33.30 -18.41
N MET C 14 41.43 33.56 -18.42
CA MET C 14 40.42 32.45 -18.46
C MET C 14 40.69 31.47 -19.60
N GLU C 15 40.94 31.98 -20.80
CA GLU C 15 41.22 31.04 -21.88
C GLU C 15 42.45 30.20 -21.49
N ALA C 16 43.52 30.84 -21.03
CA ALA C 16 44.73 30.06 -20.64
C ALA C 16 44.43 29.02 -19.55
N LEU C 17 43.69 29.42 -18.53
CA LEU C 17 43.31 28.47 -17.45
C LEU C 17 42.50 27.26 -18.00
N ILE C 18 41.47 27.52 -18.80
CA ILE C 18 40.62 26.42 -19.24
C ILE C 18 41.40 25.43 -20.11
N ARG C 19 42.28 25.91 -20.98
CA ARG C 19 42.98 25.01 -21.85
C ARG C 19 43.94 24.12 -21.07
N ARG C 20 44.54 24.75 -20.05
CA ARG C 20 45.43 24.07 -19.12
C ARG C 20 44.68 23.00 -18.32
N LYS C 21 43.51 23.34 -17.81
CA LYS C 21 42.79 22.37 -17.01
C LYS C 21 42.28 21.22 -17.90
N GLN C 22 41.93 21.53 -19.13
CA GLN C 22 41.46 20.51 -20.05
C GLN C 22 42.59 19.52 -20.16
N ALA C 23 43.80 20.04 -20.38
CA ALA C 23 44.97 19.14 -20.53
C ALA C 23 45.22 18.25 -19.29
N GLU C 24 45.19 18.86 -18.14
CA GLU C 24 45.44 18.20 -16.91
C GLU C 24 44.33 17.25 -16.52
N ILE C 25 43.09 17.65 -16.72
CA ILE C 25 41.96 16.77 -16.46
C ILE C 25 41.92 15.56 -17.38
N THR C 26 42.12 15.79 -18.68
CA THR C 26 42.12 14.64 -19.58
C THR C 26 43.23 13.66 -19.24
N GLN C 27 44.44 14.17 -19.05
CA GLN C 27 45.54 13.29 -18.60
C GLN C 27 45.27 12.59 -17.28
N GLY C 28 44.70 13.32 -16.34
CA GLY C 28 44.28 12.69 -15.09
C GLY C 28 43.31 11.60 -15.24
N LEU C 29 42.27 11.79 -16.04
CA LEU C 29 41.31 10.72 -16.30
C LEU C 29 41.93 9.54 -16.99
N GLU C 30 42.80 9.85 -17.93
CA GLU C 30 43.53 8.80 -18.61
C GLU C 30 44.42 7.93 -17.72
N SER C 31 44.92 8.44 -16.62
CA SER C 31 45.80 7.66 -15.73
C SER C 31 45.03 6.53 -15.09
N ILE C 32 43.69 6.60 -15.13
CA ILE C 32 42.86 5.50 -14.59
C ILE C 32 42.02 4.71 -15.64
N ASP C 33 42.50 4.74 -16.87
CA ASP C 33 41.82 4.06 -17.97
C ASP C 33 42.88 3.52 -18.90
N THR C 34 42.42 2.72 -19.86
CA THR C 34 43.30 1.98 -20.77
C THR C 34 43.36 2.61 -22.16
N VAL C 35 43.02 3.89 -22.29
CA VAL C 35 42.69 4.53 -23.57
C VAL C 35 42.93 6.05 -23.43
N LYS C 36 43.02 6.74 -24.56
CA LYS C 36 43.32 8.19 -24.60
C LYS C 36 42.21 9.05 -25.24
N PHE C 37 41.98 10.22 -24.65
CA PHE C 37 41.19 11.24 -25.33
C PHE C 37 41.58 11.45 -26.80
N HIS C 38 40.56 11.46 -27.63
CA HIS C 38 40.67 11.89 -28.99
C HIS C 38 40.19 13.36 -29.05
N ALA C 39 41.02 14.23 -29.63
CA ALA C 39 40.75 15.63 -29.85
C ALA C 39 40.21 15.95 -31.27
N ASP C 40 39.08 16.67 -31.28
CA ASP C 40 38.48 17.25 -32.45
C ASP C 40 38.31 18.73 -32.27
N THR C 41 39.13 19.47 -33.00
CA THR C 41 39.17 20.93 -32.97
C THR C 41 38.20 21.42 -34.02
N TRP C 42 37.51 22.50 -33.75
CA TRP C 42 36.38 22.85 -34.59
C TRP C 42 36.14 24.35 -34.55
N THR C 43 35.44 24.83 -35.56
CA THR C 43 35.08 26.22 -35.62
C THR C 43 33.61 26.48 -35.86
N ARG C 44 33.16 27.64 -35.40
CA ARG C 44 31.80 28.06 -35.63
C ARG C 44 31.61 28.42 -37.08
N GLY C 45 32.74 28.87 -37.69
CA GLY C 45 32.88 29.31 -39.06
C GLY C 45 32.06 30.53 -39.19
N ASN C 46 32.60 31.69 -39.55
CA ASN C 46 33.30 32.50 -38.52
C ASN C 46 32.79 33.92 -38.78
N ASP C 47 33.54 34.96 -38.48
CA ASP C 47 34.57 35.04 -37.46
C ASP C 47 33.85 34.69 -36.13
N GLY C 48 33.63 33.40 -35.84
CA GLY C 48 32.72 32.94 -34.79
C GLY C 48 33.39 32.18 -33.65
N GLY C 49 34.67 31.94 -33.80
CA GLY C 49 35.44 31.19 -32.79
C GLY C 49 35.31 29.71 -33.03
N GLY C 50 35.28 28.94 -31.94
CA GLY C 50 35.42 27.47 -32.04
C GLY C 50 35.84 26.89 -30.71
N GLY C 51 36.59 25.80 -30.78
CA GLY C 51 36.88 25.01 -29.62
C GLY C 51 37.60 23.75 -29.99
N THR C 52 37.77 22.89 -28.99
CA THR C 52 38.42 21.61 -29.12
C THR C 52 37.69 20.71 -28.15
N SER C 53 37.21 19.59 -28.66
CA SER C 53 36.44 18.68 -27.88
C SER C 53 37.35 17.47 -27.71
N MET C 54 37.41 16.90 -26.53
CA MET C 54 38.22 15.72 -26.32
C MET C 54 37.32 14.61 -25.82
N VAL C 55 37.27 13.48 -26.52
CA VAL C 55 36.35 12.40 -26.16
C VAL C 55 37.09 11.15 -25.87
N ILE C 56 36.69 10.50 -24.82
CA ILE C 56 37.24 9.19 -24.47
C ILE C 56 36.16 8.17 -24.57
N GLN C 57 36.45 6.97 -25.04
CA GLN C 57 35.36 5.97 -25.16
C GLN C 57 35.91 4.57 -25.25
N ASP C 58 35.02 3.60 -24.98
CA ASP C 58 35.39 2.20 -24.92
C ASP C 58 36.59 1.91 -24.02
N GLY C 59 36.74 2.70 -22.95
CA GLY C 59 37.80 2.46 -22.04
C GLY C 59 37.28 1.26 -21.34
N THR C 60 38.16 0.59 -20.61
CA THR C 60 37.68 -0.27 -19.53
C THR C 60 37.07 0.57 -18.38
N THR C 61 37.46 1.81 -18.20
CA THR C 61 36.86 2.63 -17.12
C THR C 61 35.73 3.54 -17.60
N PHE C 62 36.05 4.43 -18.53
CA PHE C 62 35.04 5.40 -19.02
C PHE C 62 34.34 4.95 -20.33
N GLU C 63 33.07 4.67 -20.21
CA GLU C 63 32.23 4.39 -21.34
C GLU C 63 32.30 5.51 -22.37
N LYS C 64 32.10 6.72 -21.87
CA LYS C 64 31.92 7.87 -22.69
C LYS C 64 32.19 9.06 -21.78
N GLY C 65 33.16 9.87 -22.20
CA GLY C 65 33.57 11.11 -21.55
C GLY C 65 33.92 12.22 -22.59
N GLY C 66 33.58 13.45 -22.28
CA GLY C 66 34.05 14.58 -23.06
C GLY C 66 34.59 15.68 -22.19
N VAL C 67 35.66 16.31 -22.65
CA VAL C 67 36.20 17.48 -21.95
C VAL C 67 36.35 18.56 -23.00
N ASN C 68 35.40 19.51 -23.01
CA ASN C 68 35.32 20.51 -24.05
C ASN C 68 35.85 21.83 -23.58
N VAL C 69 36.51 22.51 -24.49
CA VAL C 69 36.81 23.90 -24.31
C VAL C 69 36.26 24.64 -25.52
N SER C 70 35.75 25.85 -25.25
CA SER C 70 35.29 26.70 -26.33
C SER C 70 35.44 28.16 -26.05
N VAL C 71 35.78 28.83 -27.14
CA VAL C 71 36.05 30.23 -27.16
C VAL C 71 35.29 30.80 -28.35
N VAL C 72 34.12 31.35 -28.02
CA VAL C 72 33.08 31.62 -29.01
C VAL C 72 32.66 33.05 -28.82
N TYR C 73 32.30 33.73 -29.90
CA TYR C 73 32.01 35.18 -29.85
C TYR C 73 31.23 35.58 -31.10
N GLY C 74 30.57 36.74 -30.99
CA GLY C 74 29.98 37.45 -32.10
C GLY C 74 28.57 37.89 -31.79
N GLN C 75 27.69 37.74 -32.76
CA GLN C 75 26.33 38.19 -32.64
C GLN C 75 25.50 37.31 -31.70
N LEU C 76 24.76 37.97 -30.81
CA LEU C 76 23.90 37.27 -29.86
C LEU C 76 22.50 37.07 -30.45
N SER C 77 22.18 35.79 -30.74
CA SER C 77 20.83 35.39 -31.13
C SER C 77 19.80 35.59 -30.00
N PRO C 78 18.68 36.26 -30.26
CA PRO C 78 17.57 36.31 -29.25
C PRO C 78 17.15 34.91 -28.74
N ALA C 79 17.19 33.92 -29.64
CA ALA C 79 16.90 32.50 -29.32
C ALA C 79 17.80 31.89 -28.26
N ALA C 80 19.04 32.35 -28.16
CA ALA C 80 20.02 31.83 -27.21
C ALA C 80 19.92 32.48 -25.84
N VAL C 81 19.34 33.68 -25.78
CA VAL C 81 19.45 34.52 -24.59
C VAL C 81 18.98 33.91 -23.25
N SER C 82 17.75 33.38 -23.23
CA SER C 82 17.20 32.80 -22.01
C SER C 82 18.08 31.70 -21.42
N ALA C 83 18.82 30.99 -22.28
CA ALA C 83 19.68 29.90 -21.85
C ALA C 83 21.08 30.33 -21.34
N MET C 84 21.49 31.58 -21.59
CA MET C 84 22.89 32.07 -21.34
C MET C 84 23.35 32.08 -19.90
N LYS C 85 22.38 32.15 -19.00
CA LYS C 85 22.58 32.85 -17.75
C LYS C 85 21.31 32.68 -16.98
N ALA C 86 21.40 32.70 -15.66
CA ALA C 86 20.25 32.44 -14.80
C ALA C 86 19.16 33.48 -15.06
N ASP C 87 19.45 34.73 -14.71
CA ASP C 87 18.53 35.82 -14.89
C ASP C 87 19.05 36.65 -16.04
N HIS C 88 18.22 36.74 -17.05
CA HIS C 88 18.54 37.38 -18.31
C HIS C 88 17.70 38.61 -18.37
N LYS C 89 17.60 39.35 -17.52
CA LYS C 89 16.91 40.65 -17.54
C LYS C 89 17.80 41.81 -17.12
N ASN C 90 18.91 41.52 -16.43
CA ASN C 90 19.91 42.55 -16.20
C ASN C 90 20.58 42.90 -17.53
N LEU C 91 20.46 42.36 -18.56
CA LEU C 91 20.98 42.88 -19.85
C LEU C 91 19.92 43.89 -20.31
N ARG C 92 19.25 43.63 -21.43
CA ARG C 92 17.82 43.97 -21.56
C ARG C 92 17.31 43.84 -22.97
N LEU C 93 16.21 44.56 -23.20
CA LEU C 93 15.83 45.13 -24.50
C LEU C 93 14.88 44.24 -25.30
N PRO C 94 13.68 44.74 -25.57
CA PRO C 94 13.03 44.45 -26.85
C PRO C 94 13.66 45.22 -28.02
N GLU C 95 14.95 44.96 -28.34
CA GLU C 95 15.61 45.61 -29.49
C GLU C 95 14.82 45.00 -30.65
N ASP C 96 14.23 45.90 -31.43
CA ASP C 96 13.01 45.62 -32.20
C ASP C 96 13.24 44.52 -33.30
N PRO C 97 12.50 43.41 -33.17
CA PRO C 97 12.32 42.43 -34.29
C PRO C 97 11.00 42.64 -35.08
N LYS C 98 10.57 43.92 -35.13
CA LYS C 98 9.66 44.53 -36.14
C LYS C 98 8.28 43.87 -36.33
N THR C 99 8.25 42.73 -37.05
CA THR C 99 6.99 41.96 -37.32
C THR C 99 6.20 41.63 -36.02
N GLY C 100 6.84 40.93 -35.07
CA GLY C 100 6.20 40.76 -33.76
C GLY C 100 6.67 39.74 -32.75
N LEU C 101 8.00 39.57 -32.60
CA LEU C 101 8.60 38.87 -31.42
C LEU C 101 9.49 39.79 -30.60
N PRO C 102 9.04 41.04 -30.29
CA PRO C 102 9.88 42.00 -29.52
C PRO C 102 10.14 41.66 -28.06
N VAL C 103 11.38 41.91 -27.66
CA VAL C 103 11.99 41.62 -26.33
C VAL C 103 13.48 41.14 -26.51
N THR C 104 13.96 41.09 -27.77
CA THR C 104 15.26 40.51 -28.15
C THR C 104 15.75 40.85 -29.65
N ASP C 105 17.08 40.99 -29.91
CA ASP C 105 17.71 41.28 -31.30
C ASP C 105 19.30 41.29 -31.29
N GLY C 106 19.95 42.44 -31.55
CA GLY C 106 21.30 42.47 -32.17
C GLY C 106 22.38 43.13 -31.33
N VAL C 107 22.96 42.29 -30.43
CA VAL C 107 24.05 42.62 -29.44
C VAL C 107 25.30 41.63 -29.43
N LYS C 108 26.48 42.10 -28.99
CA LYS C 108 27.70 41.24 -29.07
C LYS C 108 28.07 40.61 -27.77
N PHE C 109 28.52 39.64 -27.80
CA PHE C 109 28.88 38.62 -26.74
C PHE C 109 30.18 37.82 -26.95
N PHE C 110 30.75 37.37 -25.86
CA PHE C 110 31.93 36.52 -25.84
C PHE C 110 31.74 35.47 -24.77
N ALA C 111 32.20 34.26 -25.03
CA ALA C 111 32.07 33.17 -24.04
C ALA C 111 33.21 32.18 -24.19
N CYS C 112 33.88 31.92 -23.07
CA CYS C 112 34.84 30.83 -23.02
C CYS C 112 34.70 30.10 -21.71
N GLY C 113 34.64 28.80 -21.88
CA GLY C 113 34.45 27.91 -20.80
C GLY C 113 34.93 26.54 -21.22
N LEU C 114 35.12 25.74 -20.18
CA LEU C 114 35.36 24.32 -20.25
C LEU C 114 34.06 23.68 -19.76
N SER C 115 33.57 22.75 -20.58
CA SER C 115 32.48 21.88 -20.13
C SER C 115 32.94 20.44 -20.21
N MET C 116 32.50 19.63 -19.25
CA MET C 116 32.87 18.21 -19.18
C MET C 116 31.83 17.35 -18.53
N VAL C 117 31.57 16.21 -19.12
CA VAL C 117 30.69 15.19 -18.56
C VAL C 117 31.39 13.83 -18.76
N ILE C 118 31.42 13.00 -17.71
CA ILE C 118 32.07 11.65 -17.75
C ILE C 118 31.15 10.54 -17.27
N HIS C 119 31.06 9.45 -18.02
CA HIS C 119 30.08 8.38 -17.78
C HIS C 119 30.82 7.06 -17.68
N PRO C 120 31.09 6.63 -16.45
CA PRO C 120 31.78 5.40 -16.23
C PRO C 120 31.04 4.24 -16.69
N VAL C 121 31.78 3.22 -17.04
CA VAL C 121 31.19 1.97 -17.48
C VAL C 121 30.48 1.35 -16.27
N ASN C 122 31.10 1.41 -15.10
CA ASN C 122 30.72 0.56 -14.00
C ASN C 122 29.54 1.25 -13.30
N PRO C 123 28.42 0.54 -13.07
CA PRO C 123 27.28 1.13 -12.35
C PRO C 123 27.60 1.81 -11.03
N HIS C 124 28.69 1.36 -10.43
CA HIS C 124 29.07 1.84 -9.10
C HIS C 124 29.90 3.07 -9.18
N ALA C 125 30.49 3.32 -10.33
CA ALA C 125 31.29 4.50 -10.51
C ALA C 125 30.42 5.62 -11.05
N PRO C 126 30.39 6.78 -10.40
CA PRO C 126 29.46 7.86 -10.77
C PRO C 126 29.79 8.69 -11.99
N THR C 127 28.73 9.04 -12.70
CA THR C 127 28.80 10.13 -13.74
C THR C 127 29.15 11.40 -12.98
N THR C 128 29.88 12.29 -13.62
CA THR C 128 30.09 13.64 -13.07
C THR C 128 30.06 14.64 -14.21
N HIS C 129 29.93 15.91 -13.84
CA HIS C 129 29.85 17.00 -14.76
C HIS C 129 30.57 18.13 -14.10
N LEU C 130 31.20 18.96 -14.92
CA LEU C 130 31.92 20.10 -14.42
C LEU C 130 31.92 21.10 -15.51
N ASN C 131 31.86 22.38 -15.14
CA ASN C 131 31.82 23.50 -16.11
C ASN C 131 32.42 24.69 -15.41
N TYR C 132 33.35 25.40 -16.01
CA TYR C 132 33.63 26.77 -15.56
C TYR C 132 33.73 27.74 -16.76
N ARG C 133 33.16 28.95 -16.63
CA ARG C 133 33.03 29.79 -17.79
C ARG C 133 32.94 31.28 -17.57
N TYR C 134 33.31 31.99 -18.64
CA TYR C 134 33.22 33.43 -18.66
C TYR C 134 32.44 33.98 -19.87
N PHE C 135 31.52 34.89 -19.59
CA PHE C 135 30.71 35.55 -20.59
C PHE C 135 30.88 37.04 -20.46
N GLU C 136 30.91 37.69 -21.64
CA GLU C 136 30.98 39.13 -21.70
C GLU C 136 30.03 39.60 -22.76
N THR C 137 29.38 40.73 -22.48
CA THR C 137 28.44 41.38 -23.39
C THR C 137 28.87 42.83 -23.71
N TRP C 138 28.47 43.28 -24.90
CA TRP C 138 28.72 44.65 -25.38
C TRP C 138 27.43 45.38 -25.84
N ASN C 139 27.37 46.68 -25.60
CA ASN C 139 26.26 47.49 -26.09
C ASN C 139 26.33 47.55 -27.61
N GLN C 140 25.18 47.76 -28.21
CA GLN C 140 25.03 47.83 -29.64
C GLN C 140 26.11 48.76 -30.19
N ASP C 141 26.41 49.83 -29.44
CA ASP C 141 27.43 50.80 -29.84
C ASP C 141 28.91 50.34 -29.61
N GLY C 142 29.13 49.17 -29.01
CA GLY C 142 30.47 48.61 -28.76
C GLY C 142 31.07 48.96 -27.40
N THR C 143 30.24 49.55 -26.54
CA THR C 143 30.63 49.78 -25.15
C THR C 143 30.62 48.45 -24.41
N PRO C 144 31.50 48.30 -23.44
CA PRO C 144 31.30 47.30 -22.37
C PRO C 144 29.92 47.38 -21.66
N GLN C 145 29.42 46.23 -21.22
CA GLN C 145 28.07 46.11 -20.68
C GLN C 145 28.08 45.22 -19.41
N THR C 146 28.26 43.91 -19.56
CA THR C 146 28.60 43.08 -18.40
C THR C 146 29.57 42.02 -18.76
N TRP C 147 29.99 41.37 -17.69
CA TRP C 147 30.60 40.10 -17.75
C TRP C 147 30.07 39.32 -16.57
N TRP C 148 30.18 38.01 -16.62
CA TRP C 148 29.95 37.22 -15.45
C TRP C 148 30.70 35.92 -15.54
N PHE C 149 30.80 35.22 -14.42
CA PHE C 149 31.27 33.85 -14.41
C PHE C 149 30.14 32.88 -14.11
N GLY C 150 30.34 31.63 -14.50
CA GLY C 150 29.41 30.59 -14.12
C GLY C 150 30.12 29.31 -14.02
N GLY C 151 29.54 28.34 -13.30
CA GLY C 151 30.22 27.07 -13.10
C GLY C 151 29.83 26.22 -11.93
N GLY C 152 30.68 25.20 -11.74
CA GLY C 152 30.57 24.21 -10.67
C GLY C 152 30.74 22.77 -11.18
N ALA C 153 30.52 21.84 -10.27
CA ALA C 153 30.67 20.45 -10.57
C ALA C 153 29.71 19.72 -9.66
N ASP C 154 29.24 18.59 -10.15
CA ASP C 154 28.23 17.86 -9.44
C ASP C 154 28.41 16.42 -9.72
N LEU C 155 27.78 15.62 -8.88
CA LEU C 155 28.03 14.16 -8.95
C LEU C 155 26.77 13.39 -9.08
N THR C 156 26.83 12.28 -9.83
CA THR C 156 25.64 11.56 -10.23
C THR C 156 25.79 10.03 -10.11
N PRO C 157 25.59 9.50 -8.91
CA PRO C 157 25.71 8.04 -8.70
C PRO C 157 24.38 7.36 -9.05
N SER C 158 24.50 6.10 -9.43
CA SER C 158 23.38 5.17 -9.46
C SER C 158 23.23 4.45 -8.08
N TYR C 159 24.35 4.18 -7.45
CA TYR C 159 24.44 3.51 -6.19
C TYR C 159 25.15 4.50 -5.28
N LEU C 160 24.49 4.92 -4.22
CA LEU C 160 25.04 5.86 -3.27
C LEU C 160 26.21 5.25 -2.55
N TYR C 161 27.30 5.98 -2.39
CA TYR C 161 28.30 5.66 -1.35
C TYR C 161 28.54 6.90 -0.55
N GLU C 162 28.39 6.84 0.78
CA GLU C 162 28.47 8.03 1.66
C GLU C 162 29.74 8.77 1.42
N GLU C 163 30.84 8.04 1.43
CA GLU C 163 32.15 8.67 1.47
C GLU C 163 32.48 9.41 0.17
N ASP C 164 32.04 8.85 -0.95
CA ASP C 164 32.10 9.50 -2.27
C ASP C 164 31.46 10.87 -2.27
N GLY C 165 30.22 10.90 -1.81
CA GLY C 165 29.45 12.17 -1.68
C GLY C 165 30.07 13.14 -0.71
N GLN C 166 30.46 12.66 0.44
CA GLN C 166 31.27 13.45 1.38
C GLN C 166 32.49 14.07 0.73
N LEU C 167 33.33 13.27 0.13
CA LEU C 167 34.63 13.82 -0.37
C LEU C 167 34.44 14.86 -1.46
N PHE C 168 33.59 14.52 -2.42
CA PHE C 168 33.22 15.41 -3.54
C PHE C 168 32.70 16.74 -3.06
N HIS C 169 31.82 16.76 -2.07
CA HIS C 169 31.35 18.05 -1.53
C HIS C 169 32.39 18.76 -0.68
N GLN C 170 33.06 17.98 0.19
CA GLN C 170 34.08 18.55 1.11
C GLN C 170 35.10 19.33 0.28
N LEU C 171 35.64 18.69 -0.75
CA LEU C 171 36.70 19.34 -1.53
C LEU C 171 36.27 20.60 -2.24
N HIS C 172 34.97 20.65 -2.57
CA HIS C 172 34.42 21.83 -3.24
C HIS C 172 34.12 22.95 -2.22
N LYS C 173 33.63 22.53 -1.08
CA LYS C 173 33.47 23.41 0.04
C LYS C 173 34.79 24.01 0.43
N ASP C 174 35.83 23.17 0.52
CA ASP C 174 37.15 23.68 0.85
C ASP C 174 37.60 24.80 -0.07
N ALA C 175 37.42 24.54 -1.36
CA ALA C 175 37.86 25.49 -2.41
C ALA C 175 37.26 26.85 -2.26
N LEU C 176 35.93 26.87 -2.07
CA LEU C 176 35.16 28.09 -1.86
C LEU C 176 35.45 28.75 -0.52
N ASP C 177 35.68 27.95 0.50
CA ASP C 177 36.06 28.44 1.83
C ASP C 177 37.39 29.25 1.80
N LYS C 178 38.31 28.95 0.89
CA LYS C 178 39.49 29.77 0.68
C LYS C 178 39.12 31.18 0.22
N HIS C 179 37.88 31.37 -0.22
CA HIS C 179 37.45 32.71 -0.70
C HIS C 179 36.40 33.33 0.14
N ASP C 180 35.46 32.53 0.63
CA ASP C 180 34.31 33.07 1.36
C ASP C 180 33.39 31.96 1.76
N THR C 181 33.26 31.75 3.07
CA THR C 181 32.62 30.59 3.62
C THR C 181 31.12 30.55 3.37
N ALA C 182 30.51 31.71 3.06
CA ALA C 182 29.11 31.76 2.64
C ALA C 182 28.86 31.22 1.22
N LEU C 183 29.89 30.94 0.44
CA LEU C 183 29.68 30.58 -0.97
C LEU C 183 29.26 29.11 -1.08
N TYR C 184 29.88 28.23 -0.30
CA TYR C 184 29.53 26.82 -0.41
C TYR C 184 28.01 26.58 -0.18
N PRO C 185 27.48 26.97 0.97
CA PRO C 185 26.06 26.65 1.25
C PRO C 185 25.10 27.32 0.23
N ARG C 186 25.48 28.47 -0.27
CA ARG C 186 24.66 29.15 -1.28
C ARG C 186 24.83 28.43 -2.69
N PHE C 187 26.05 28.01 -3.05
CA PHE C 187 26.23 27.29 -4.30
C PHE C 187 25.78 25.81 -4.27
N LYS C 188 25.76 25.24 -3.06
CA LYS C 188 25.26 23.89 -2.84
C LYS C 188 23.72 23.84 -2.98
N LYS C 189 23.04 24.73 -2.30
CA LYS C 189 21.62 24.85 -2.50
C LYS C 189 21.22 25.07 -3.99
N TRP C 190 21.89 26.04 -4.58
CA TRP C 190 21.74 26.37 -5.97
C TRP C 190 21.84 25.13 -6.87
N CYS C 191 22.88 24.33 -6.62
CA CYS C 191 23.10 23.09 -7.32
C CYS C 191 21.97 22.06 -7.04
N ASP C 192 21.45 22.10 -5.82
CA ASP C 192 20.35 21.21 -5.44
C ASP C 192 19.07 21.56 -6.28
N GLU C 193 18.96 22.83 -6.65
CA GLU C 193 17.77 23.32 -7.30
C GLU C 193 17.88 23.28 -8.80
N TYR C 194 19.09 23.43 -9.34
CA TYR C 194 19.27 23.53 -10.77
C TYR C 194 19.10 22.19 -11.45
N PHE C 195 19.70 21.11 -10.91
CA PHE C 195 19.57 19.76 -11.50
C PHE C 195 18.33 19.01 -11.08
N TYR C 196 17.32 19.78 -10.71
CA TYR C 196 16.01 19.24 -10.45
C TYR C 196 15.27 18.94 -11.79
N ILE C 197 14.97 17.67 -12.02
CA ILE C 197 14.10 17.19 -13.11
C ILE C 197 12.61 17.37 -12.70
N THR C 198 12.10 18.54 -13.03
CA THR C 198 10.80 18.95 -12.57
C THR C 198 9.74 17.90 -12.76
N HIS C 199 9.59 17.38 -13.98
CA HIS C 199 8.57 16.41 -14.27
C HIS C 199 8.81 15.06 -13.54
N ARG C 200 10.04 14.81 -13.00
CA ARG C 200 10.33 13.61 -12.17
C ARG C 200 10.40 13.91 -10.67
N LYS C 201 10.25 15.15 -10.24
CA LYS C 201 10.36 15.54 -8.81
C LYS C 201 11.59 14.98 -8.11
N GLU C 202 12.71 15.08 -8.82
CA GLU C 202 13.97 14.70 -8.24
C GLU C 202 15.08 15.39 -8.99
N THR C 203 16.23 15.46 -8.35
CA THR C 203 17.47 15.82 -9.00
C THR C 203 18.04 14.60 -9.74
N ARG C 204 18.92 14.83 -10.69
CA ARG C 204 19.62 13.73 -11.34
C ARG C 204 20.60 12.97 -10.45
N GLY C 205 21.41 13.67 -9.66
CA GLY C 205 22.36 13.05 -8.71
C GLY C 205 22.25 13.70 -7.32
N ILE C 206 23.41 13.96 -6.72
CA ILE C 206 23.48 14.36 -5.34
C ILE C 206 24.11 15.70 -5.23
N GLY C 207 24.12 16.44 -6.33
CA GLY C 207 24.57 17.82 -6.34
C GLY C 207 26.08 18.03 -6.29
N GLY C 208 26.42 19.17 -5.70
CA GLY C 208 27.81 19.68 -5.61
C GLY C 208 27.70 21.16 -5.45
N ILE C 209 28.31 21.90 -6.35
CA ILE C 209 28.16 23.35 -6.40
C ILE C 209 27.77 23.82 -7.79
N PHE C 210 27.07 24.94 -7.82
CA PHE C 210 26.62 25.55 -9.09
C PHE C 210 26.54 26.98 -8.75
N PHE C 211 27.01 27.83 -9.66
CA PHE C 211 26.71 29.24 -9.67
C PHE C 211 26.60 29.78 -11.11
N ASP C 212 25.93 30.92 -11.26
CA ASP C 212 25.90 31.65 -12.53
C ASP C 212 25.76 33.10 -12.21
N ASP C 213 25.86 33.92 -13.26
CA ASP C 213 25.68 35.37 -13.19
C ASP C 213 26.65 35.91 -12.16
N TYR C 214 27.77 35.25 -11.94
CA TYR C 214 28.62 35.62 -10.85
C TYR C 214 29.62 36.72 -11.29
N ASP C 215 29.40 37.89 -10.74
CA ASP C 215 30.26 39.03 -11.00
C ASP C 215 30.46 39.90 -9.75
N GLU C 216 30.34 39.29 -8.58
CA GLU C 216 30.26 39.98 -7.28
C GLU C 216 31.59 40.40 -6.67
N ARG C 217 32.68 40.03 -7.32
CA ARG C 217 34.00 40.39 -6.83
C ARG C 217 34.85 40.85 -8.02
N ASP C 218 36.11 41.14 -7.73
CA ASP C 218 37.08 41.54 -8.72
C ASP C 218 37.33 40.32 -9.60
N PRO C 219 37.28 40.49 -10.91
CA PRO C 219 37.46 39.37 -11.83
C PRO C 219 38.73 38.54 -11.64
N GLN C 220 39.78 39.09 -11.02
CA GLN C 220 41.02 38.34 -10.79
C GLN C 220 40.86 37.39 -9.69
N GLU C 221 40.01 37.75 -8.72
CA GLU C 221 39.79 36.88 -7.54
C GLU C 221 38.84 35.74 -7.92
N ILE C 222 37.85 36.10 -8.73
CA ILE C 222 36.91 35.13 -9.25
C ILE C 222 37.68 34.08 -10.07
N LEU C 223 38.72 34.51 -10.80
CA LEU C 223 39.64 33.53 -11.46
C LEU C 223 40.40 32.53 -10.57
N LYS C 224 40.87 33.00 -9.43
CA LYS C 224 41.46 32.16 -8.39
C LYS C 224 40.38 31.25 -7.78
N MET C 225 39.21 31.81 -7.61
CA MET C 225 38.08 30.99 -7.17
C MET C 225 37.75 29.85 -8.12
N VAL C 226 37.60 30.18 -9.37
CA VAL C 226 37.41 29.19 -10.42
C VAL C 226 38.56 28.20 -10.45
N GLU C 227 39.78 28.71 -10.38
CA GLU C 227 40.94 27.81 -10.39
C GLU C 227 40.96 26.87 -9.19
N ASP C 228 40.60 27.39 -8.02
CA ASP C 228 40.49 26.58 -6.83
C ASP C 228 39.38 25.55 -6.96
N CYS C 229 38.29 25.93 -7.61
CA CYS C 229 37.20 24.97 -7.78
C CYS C 229 37.61 23.89 -8.76
N PHE C 230 38.18 24.27 -9.91
CA PHE C 230 38.81 23.28 -10.78
C PHE C 230 39.57 22.17 -10.01
N ASP C 231 40.41 22.58 -9.07
CA ASP C 231 41.34 21.68 -8.35
C ASP C 231 40.72 20.80 -7.33
N ALA C 232 39.45 21.09 -7.01
CA ALA C 232 38.65 20.11 -6.28
C ALA C 232 38.28 18.86 -7.08
N PHE C 233 38.45 18.89 -8.40
CA PHE C 233 37.79 17.88 -9.24
C PHE C 233 38.50 16.58 -9.16
N LEU C 234 39.73 16.57 -9.63
CA LEU C 234 40.46 15.34 -9.79
C LEU C 234 40.71 14.60 -8.47
N PRO C 235 41.12 15.30 -7.43
CA PRO C 235 41.28 14.64 -6.14
C PRO C 235 39.96 14.07 -5.59
N SER C 236 38.78 14.64 -5.95
CA SER C 236 37.48 14.01 -5.61
C SER C 236 37.29 12.72 -6.46
N TYR C 237 37.30 12.93 -7.77
CA TYR C 237 36.71 12.05 -8.73
C TYR C 237 37.63 10.92 -9.05
N LEU C 238 38.93 11.20 -9.15
CA LEU C 238 39.85 10.06 -9.36
C LEU C 238 39.70 9.13 -8.23
N THR C 239 39.69 9.68 -7.03
CA THR C 239 39.74 8.88 -5.83
C THR C 239 38.52 8.00 -5.85
N ILE C 240 37.37 8.64 -6.10
CA ILE C 240 36.07 7.95 -6.17
C ILE C 240 36.00 6.80 -7.21
N VAL C 241 36.38 7.13 -8.44
CA VAL C 241 36.44 6.10 -9.49
C VAL C 241 37.46 4.96 -9.20
N LYS C 242 38.58 5.24 -8.57
CA LYS C 242 39.54 4.20 -8.22
C LYS C 242 38.92 3.15 -7.35
N ARG C 243 38.10 3.58 -6.40
CA ARG C 243 37.54 2.65 -5.44
C ARG C 243 36.23 2.01 -5.95
N ARG C 244 35.64 2.53 -7.04
CA ARG C 244 34.43 1.90 -7.61
C ARG C 244 34.61 1.06 -8.87
N LYS C 245 35.56 1.41 -9.73
CA LYS C 245 35.55 0.92 -11.09
C LYS C 245 35.76 -0.57 -11.23
N ASP C 246 36.42 -1.18 -10.27
CA ASP C 246 36.58 -2.62 -10.26
C ASP C 246 35.53 -3.41 -9.44
N MET C 247 34.56 -2.79 -8.79
CA MET C 247 33.49 -3.57 -8.11
C MET C 247 32.73 -4.40 -9.12
N PRO C 248 32.42 -5.63 -8.80
CA PRO C 248 31.64 -6.39 -9.74
C PRO C 248 30.28 -5.79 -9.79
N TYR C 249 29.54 -6.11 -10.85
CA TYR C 249 28.15 -5.71 -10.92
C TYR C 249 27.34 -6.68 -11.72
N THR C 250 26.04 -6.57 -11.51
CA THR C 250 25.01 -7.43 -12.04
C THR C 250 24.35 -6.81 -13.24
N LYS C 251 23.60 -7.59 -14.01
CA LYS C 251 22.84 -6.99 -15.13
C LYS C 251 21.70 -6.13 -14.59
N GLU C 252 21.23 -6.43 -13.40
CA GLU C 252 20.26 -5.57 -12.71
C GLU C 252 20.84 -4.23 -12.35
N GLU C 253 22.07 -4.25 -11.85
CA GLU C 253 22.69 -3.07 -11.36
C GLU C 253 22.98 -2.20 -12.55
N GLN C 254 23.34 -2.87 -13.65
CA GLN C 254 23.51 -2.22 -14.93
C GLN C 254 22.19 -1.64 -15.53
N GLN C 255 21.05 -2.28 -15.24
CA GLN C 255 19.76 -1.68 -15.62
C GLN C 255 19.42 -0.45 -14.80
N TRP C 256 19.78 -0.43 -13.52
CA TRP C 256 19.48 0.74 -12.67
C TRP C 256 20.32 1.90 -13.16
N GLN C 257 21.57 1.66 -13.48
CA GLN C 257 22.42 2.64 -14.11
C GLN C 257 21.84 3.22 -15.43
N ALA C 258 21.35 2.35 -16.31
CA ALA C 258 20.71 2.78 -17.55
C ALA C 258 19.50 3.63 -17.26
N ILE C 259 18.67 3.22 -16.28
CA ILE C 259 17.48 4.01 -15.86
C ILE C 259 17.84 5.41 -15.38
N ARG C 260 18.84 5.42 -14.50
CA ARG C 260 19.32 6.70 -14.02
C ARG C 260 19.89 7.51 -15.17
N ARG C 261 20.45 6.83 -16.14
CA ARG C 261 20.99 7.49 -17.33
C ARG C 261 19.93 8.06 -18.30
N GLY C 262 18.78 7.40 -18.38
CA GLY C 262 17.59 7.99 -19.00
C GLY C 262 17.19 9.27 -18.28
N ARG C 263 17.26 9.28 -16.94
CA ARG C 263 16.96 10.45 -16.09
C ARG C 263 17.86 11.61 -16.41
N TYR C 264 19.14 11.31 -16.59
CA TYR C 264 20.15 12.28 -17.05
C TYR C 264 19.90 12.86 -18.45
N VAL C 265 19.54 12.02 -19.41
CA VAL C 265 19.13 12.46 -20.70
C VAL C 265 17.93 13.41 -20.61
N GLU C 266 16.91 13.05 -19.86
CA GLU C 266 15.77 13.95 -19.66
C GLU C 266 16.19 15.29 -19.12
N PHE C 267 17.07 15.31 -18.12
CA PHE C 267 17.47 16.62 -17.61
C PHE C 267 18.16 17.39 -18.68
N ASN C 268 19.11 16.70 -19.32
CA ASN C 268 19.96 17.38 -20.30
C ASN C 268 19.15 17.93 -21.48
N LEU C 269 18.13 17.16 -21.95
CA LEU C 269 17.45 17.55 -23.17
C LEU C 269 16.37 18.62 -22.98
N ILE C 270 15.81 18.67 -21.77
CA ILE C 270 14.68 19.56 -21.38
C ILE C 270 15.07 20.78 -20.54
N TYR C 271 15.99 20.62 -19.58
CA TYR C 271 16.21 21.63 -18.54
C TYR C 271 17.59 22.26 -18.57
N ASP C 272 18.54 21.64 -19.26
CA ASP C 272 19.91 22.12 -19.17
C ASP C 272 20.14 23.38 -20.03
N ARG C 273 20.43 24.52 -19.37
CA ARG C 273 20.71 25.77 -20.11
C ARG C 273 21.87 25.72 -21.09
N GLY C 274 22.95 25.07 -20.68
CA GLY C 274 24.13 25.02 -21.52
C GLY C 274 23.89 24.24 -22.75
N THR C 275 23.13 23.20 -22.63
CA THR C 275 22.76 22.42 -23.83
C THR C 275 21.91 23.26 -24.79
N GLN C 276 20.87 23.85 -24.21
CA GLN C 276 19.95 24.69 -24.91
C GLN C 276 20.83 25.70 -25.64
N PHE C 277 21.77 26.31 -24.91
CA PHE C 277 22.50 27.50 -25.38
C PHE C 277 23.44 27.13 -26.52
N GLY C 278 24.02 25.94 -26.48
CA GLY C 278 24.81 25.46 -27.59
C GLY C 278 23.96 25.02 -28.79
N LEU C 279 22.76 24.50 -28.53
CA LEU C 279 21.88 24.10 -29.64
C LEU C 279 21.32 25.28 -30.37
N ARG C 280 21.08 26.37 -29.67
CA ARG C 280 20.49 27.54 -30.21
C ARG C 280 21.50 28.61 -30.61
N THR C 281 22.81 28.32 -30.64
CA THR C 281 23.71 29.25 -31.20
C THR C 281 24.28 28.70 -32.47
N PRO C 282 24.22 29.55 -33.49
CA PRO C 282 24.57 29.13 -34.87
C PRO C 282 26.06 28.75 -35.07
N GLY C 283 26.35 27.71 -35.85
CA GLY C 283 27.73 27.21 -36.08
C GLY C 283 28.24 26.22 -35.02
N SER C 284 27.53 26.12 -33.90
CA SER C 284 27.91 25.22 -32.86
C SER C 284 27.97 23.81 -33.39
N ARG C 285 28.97 23.04 -32.93
CA ARG C 285 29.12 21.68 -33.35
C ARG C 285 28.26 20.84 -32.39
N VAL C 286 27.27 20.15 -32.97
CA VAL C 286 26.21 19.53 -32.25
C VAL C 286 26.79 18.33 -31.52
N GLU C 287 27.60 17.59 -32.24
CA GLU C 287 28.34 16.50 -31.70
C GLU C 287 29.21 16.86 -30.47
N SER C 288 29.63 18.13 -30.38
CA SER C 288 30.29 18.62 -29.16
C SER C 288 29.29 18.82 -28.00
N ILE C 289 28.17 19.49 -28.27
CA ILE C 289 27.15 19.80 -27.28
C ILE C 289 26.58 18.51 -26.69
N LEU C 290 26.32 17.53 -27.57
CA LEU C 290 25.61 16.37 -27.16
C LEU C 290 26.51 15.23 -26.70
N MET C 291 27.79 15.52 -26.49
CA MET C 291 28.69 14.51 -25.93
C MET C 291 28.31 14.19 -24.49
N SER C 292 27.59 15.12 -23.82
CA SER C 292 27.13 14.88 -22.50
C SER C 292 26.25 13.65 -22.38
N LEU C 293 25.71 13.14 -23.49
CA LEU C 293 24.76 12.03 -23.42
C LEU C 293 25.51 10.77 -23.33
N PRO C 294 25.03 9.85 -22.50
CA PRO C 294 25.70 8.56 -22.33
C PRO C 294 25.57 7.67 -23.56
N GLU C 295 26.26 6.55 -23.58
CA GLU C 295 26.21 5.72 -24.71
C GLU C 295 24.98 4.87 -24.65
N HIS C 296 24.54 4.53 -23.43
CA HIS C 296 23.31 3.78 -23.20
C HIS C 296 22.44 4.46 -22.14
N ALA C 297 21.15 4.53 -22.45
CA ALA C 297 20.16 4.72 -21.45
C ALA C 297 18.94 3.84 -21.67
N SER C 298 18.15 3.75 -20.62
CA SER C 298 16.94 2.99 -20.68
C SER C 298 15.77 3.70 -20.00
N TRP C 299 14.59 3.36 -20.48
CA TRP C 299 13.29 3.85 -19.97
C TRP C 299 12.39 2.65 -19.79
N LEU C 300 12.08 2.38 -18.53
CA LEU C 300 11.15 1.34 -18.14
C LEU C 300 9.82 1.93 -17.69
N TYR C 301 8.75 1.30 -18.16
CA TYR C 301 7.44 1.78 -17.82
C TYR C 301 7.16 1.65 -16.30
N ASN C 302 6.84 2.76 -15.66
CA ASN C 302 6.38 2.72 -14.30
C ASN C 302 7.20 1.89 -13.31
N HIS C 303 8.49 2.17 -13.25
CA HIS C 303 9.44 1.40 -12.47
C HIS C 303 9.71 2.03 -11.09
N HIS C 304 9.57 1.18 -10.08
CA HIS C 304 9.54 1.61 -8.70
C HIS C 304 10.40 0.70 -7.92
N PRO C 305 11.58 1.14 -7.57
CA PRO C 305 12.49 0.23 -6.87
C PRO C 305 11.85 -0.09 -5.50
N ALA C 306 12.11 -1.29 -5.00
CA ALA C 306 11.60 -1.77 -3.75
C ALA C 306 11.98 -0.86 -2.58
N PRO C 307 11.04 -0.54 -1.69
CA PRO C 307 11.46 0.22 -0.48
C PRO C 307 12.52 -0.57 0.35
N GLY C 308 13.42 0.18 0.95
CA GLY C 308 14.53 -0.45 1.63
C GLY C 308 15.71 -0.75 0.72
N SER C 309 15.47 -0.84 -0.60
CA SER C 309 16.53 -1.12 -1.61
C SER C 309 17.56 0.03 -1.72
N ARG C 310 18.72 -0.26 -2.28
CA ARG C 310 19.77 0.74 -2.50
C ARG C 310 19.31 1.76 -3.57
N GLU C 311 18.70 1.22 -4.62
CA GLU C 311 18.02 1.96 -5.66
C GLU C 311 17.10 2.96 -5.01
N ALA C 312 16.36 2.52 -4.01
CA ALA C 312 15.43 3.43 -3.36
C ALA C 312 16.05 4.42 -2.43
N LYS C 313 17.26 4.18 -1.93
CA LYS C 313 18.01 5.17 -1.07
C LYS C 313 18.48 6.31 -1.88
N LEU C 314 18.97 6.04 -3.08
CA LEU C 314 19.25 7.12 -4.03
C LEU C 314 18.06 8.03 -4.18
N LEU C 315 16.86 7.44 -4.26
CA LEU C 315 15.65 8.22 -4.55
C LEU C 315 15.25 9.06 -3.39
N GLU C 316 15.49 8.58 -2.17
CA GLU C 316 15.26 9.43 -0.98
C GLU C 316 16.04 10.71 -1.08
N VAL C 317 17.26 10.57 -1.54
CA VAL C 317 18.21 11.67 -1.53
C VAL C 317 17.98 12.55 -2.77
N THR C 318 17.45 11.95 -3.81
CA THR C 318 17.27 12.71 -5.04
C THR C 318 15.90 13.47 -5.04
N THR C 319 14.94 12.86 -4.33
CA THR C 319 13.64 13.48 -4.10
C THR C 319 13.79 14.50 -2.94
N LYS C 320 14.63 14.18 -1.94
CA LYS C 320 14.92 15.11 -0.83
C LYS C 320 16.42 15.25 -0.59
N PRO C 321 17.00 16.27 -1.21
CA PRO C 321 18.42 16.57 -0.99
C PRO C 321 18.88 16.81 0.48
N ARG C 322 20.12 16.35 0.74
CA ARG C 322 20.65 16.34 2.10
C ARG C 322 22.03 16.93 2.08
N GLU C 323 22.58 17.12 3.26
CA GLU C 323 23.94 17.63 3.40
C GLU C 323 24.92 16.48 3.39
N TRP C 324 26.15 16.80 2.98
CA TRP C 324 27.19 15.82 2.77
C TRP C 324 28.48 16.10 3.49
N VAL C 325 28.56 17.24 4.13
CA VAL C 325 29.81 17.87 4.47
C VAL C 325 29.89 18.06 5.96
N LYS C 326 31.13 18.12 6.46
CA LYS C 326 31.42 18.48 7.86
C LYS C 326 31.02 19.93 8.10
N ALA D 1 -16.31 17.07 -16.35
CA ALA D 1 -16.31 17.12 -17.88
C ALA D 1 -17.32 18.12 -18.37
N PRO D 2 -16.92 19.06 -19.20
CA PRO D 2 -17.86 20.07 -19.64
C PRO D 2 -19.12 19.48 -20.21
N GLN D 3 -20.24 20.03 -19.79
CA GLN D 3 -21.51 19.67 -20.37
C GLN D 3 -21.90 20.68 -21.44
N ASP D 4 -21.10 21.72 -21.56
CA ASP D 4 -21.39 22.71 -22.57
C ASP D 4 -22.06 22.07 -23.80
N PRO D 5 -23.29 22.46 -24.16
CA PRO D 5 -24.01 21.70 -25.12
C PRO D 5 -23.42 21.75 -26.49
N ARG D 6 -22.94 22.92 -26.93
CA ARG D 6 -22.72 23.14 -28.38
C ARG D 6 -21.85 22.08 -29.14
N ASN D 7 -20.80 21.58 -28.51
CA ASN D 7 -19.91 20.66 -29.15
C ASN D 7 -19.80 19.38 -28.37
N LEU D 8 -20.65 19.22 -27.34
CA LEU D 8 -20.70 17.95 -26.59
C LEU D 8 -20.86 16.72 -27.51
N PRO D 9 -21.78 16.77 -28.50
CA PRO D 9 -21.87 15.65 -29.43
C PRO D 9 -20.53 15.21 -30.01
N ILE D 10 -19.78 16.17 -30.50
CA ILE D 10 -18.40 15.94 -31.01
C ILE D 10 -17.45 15.34 -29.97
N ARG D 11 -17.49 15.91 -28.76
CA ARG D 11 -16.59 15.47 -27.67
C ARG D 11 -16.88 14.00 -27.35
N GLN D 12 -18.16 13.68 -27.26
CA GLN D 12 -18.67 12.35 -27.02
C GLN D 12 -18.33 11.35 -28.17
N GLN D 13 -18.66 11.73 -29.38
CA GLN D 13 -18.31 10.95 -30.53
C GLN D 13 -16.78 10.72 -30.64
N MET D 14 -15.98 11.72 -30.31
CA MET D 14 -14.52 11.59 -30.41
C MET D 14 -14.03 10.64 -29.33
N GLU D 15 -14.60 10.74 -28.16
CA GLU D 15 -14.22 9.84 -27.12
C GLU D 15 -14.58 8.40 -27.44
N ALA D 16 -15.80 8.18 -27.87
CA ALA D 16 -16.26 6.82 -28.22
C ALA D 16 -15.34 6.23 -29.33
N LEU D 17 -15.09 6.98 -30.39
CA LEU D 17 -14.17 6.57 -31.42
C LEU D 17 -12.81 6.17 -30.85
N ILE D 18 -12.19 7.05 -30.07
CA ILE D 18 -10.83 6.72 -29.60
C ILE D 18 -10.79 5.51 -28.67
N ARG D 19 -11.84 5.38 -27.87
CA ARG D 19 -11.99 4.18 -27.01
C ARG D 19 -12.14 2.92 -27.86
N ARG D 20 -12.92 2.99 -28.93
CA ARG D 20 -13.04 1.85 -29.85
C ARG D 20 -11.68 1.41 -30.38
N LYS D 21 -10.99 2.38 -30.95
CA LYS D 21 -9.75 2.14 -31.62
C LYS D 21 -8.65 1.75 -30.65
N GLN D 22 -8.70 2.19 -29.39
CA GLN D 22 -7.69 1.77 -28.48
C GLN D 22 -7.84 0.26 -28.31
N ALA D 23 -9.07 -0.18 -28.18
CA ALA D 23 -9.38 -1.60 -28.05
C ALA D 23 -9.02 -2.34 -29.30
N GLU D 24 -9.40 -1.79 -30.45
CA GLU D 24 -9.25 -2.52 -31.68
C GLU D 24 -7.74 -2.57 -32.12
N ILE D 25 -7.05 -1.45 -31.96
CA ILE D 25 -5.64 -1.42 -32.21
C ILE D 25 -4.81 -2.29 -31.30
N THR D 26 -5.05 -2.35 -30.01
CA THR D 26 -4.30 -3.25 -29.15
C THR D 26 -4.51 -4.74 -29.46
N GLN D 27 -5.73 -5.09 -29.90
CA GLN D 27 -6.05 -6.48 -30.29
C GLN D 27 -5.23 -6.83 -31.47
N GLY D 28 -5.32 -5.99 -32.50
CA GLY D 28 -4.58 -6.18 -33.76
C GLY D 28 -3.09 -6.40 -33.49
N LEU D 29 -2.54 -5.58 -32.61
CA LEU D 29 -1.13 -5.68 -32.27
C LEU D 29 -0.83 -6.94 -31.47
N GLU D 30 -1.78 -7.34 -30.64
CA GLU D 30 -1.64 -8.52 -29.79
C GLU D 30 -1.68 -9.82 -30.62
N SER D 31 -2.43 -9.80 -31.71
CA SER D 31 -2.55 -10.94 -32.55
C SER D 31 -1.22 -11.37 -33.22
N ILE D 32 -0.18 -10.54 -33.18
CA ILE D 32 1.13 -10.94 -33.72
C ILE D 32 2.23 -10.91 -32.68
N ASP D 33 1.87 -11.00 -31.41
CA ASP D 33 2.83 -11.12 -30.32
C ASP D 33 2.35 -12.22 -29.37
N THR D 34 3.18 -12.51 -28.37
CA THR D 34 2.91 -13.49 -27.33
C THR D 34 2.66 -12.83 -25.98
N VAL D 35 2.06 -11.67 -25.98
CA VAL D 35 2.04 -10.85 -24.80
C VAL D 35 0.86 -9.88 -24.99
N LYS D 36 0.35 -9.38 -23.87
CA LYS D 36 -0.86 -8.59 -23.88
C LYS D 36 -0.63 -7.17 -23.41
N PHE D 37 -1.50 -6.30 -23.91
CA PHE D 37 -1.63 -4.99 -23.32
C PHE D 37 -2.26 -5.00 -21.93
N HIS D 38 -1.70 -4.17 -21.06
CA HIS D 38 -2.13 -4.07 -19.70
C HIS D 38 -2.57 -2.66 -19.51
N ALA D 39 -3.70 -2.46 -18.83
CA ALA D 39 -4.31 -1.15 -18.62
C ALA D 39 -4.01 -0.57 -17.25
N ASP D 40 -3.79 0.75 -17.19
CA ASP D 40 -3.69 1.55 -16.00
C ASP D 40 -4.53 2.81 -16.24
N THR D 41 -5.47 3.07 -15.35
CA THR D 41 -6.36 4.18 -15.47
C THR D 41 -5.86 5.14 -14.47
N TRP D 42 -5.79 6.41 -14.81
CA TRP D 42 -5.23 7.42 -13.92
C TRP D 42 -6.14 8.59 -14.00
N THR D 43 -6.04 9.48 -13.01
CA THR D 43 -6.72 10.78 -13.04
C THR D 43 -5.75 11.93 -12.89
N ARG D 44 -6.05 13.10 -13.45
CA ARG D 44 -5.29 14.35 -13.19
C ARG D 44 -5.24 14.95 -11.75
N GLY D 45 -6.26 14.78 -10.93
CA GLY D 45 -6.23 15.44 -9.62
C GLY D 45 -7.23 16.55 -9.73
N ASN D 46 -8.13 16.59 -8.78
CA ASN D 46 -9.45 16.36 -9.26
C ASN D 46 -10.18 17.32 -10.16
N ASP D 47 -10.98 16.62 -10.94
CA ASP D 47 -11.97 17.12 -11.80
C ASP D 47 -11.42 17.68 -13.10
N GLY D 48 -10.18 17.30 -13.41
CA GLY D 48 -9.54 17.61 -14.69
C GLY D 48 -9.38 16.37 -15.61
N GLY D 49 -10.08 15.29 -15.27
CA GLY D 49 -10.17 14.14 -16.12
C GLY D 49 -9.03 13.20 -15.88
N GLY D 50 -8.52 12.67 -16.97
CA GLY D 50 -7.56 11.61 -16.88
C GLY D 50 -7.55 10.76 -18.12
N GLY D 51 -7.15 9.51 -17.97
CA GLY D 51 -7.11 8.65 -19.11
C GLY D 51 -6.90 7.25 -18.73
N THR D 52 -6.75 6.44 -19.74
CA THR D 52 -6.45 5.06 -19.61
C THR D 52 -5.26 4.72 -20.52
N SER D 53 -4.11 4.41 -19.91
CA SER D 53 -2.93 3.95 -20.64
C SER D 53 -2.95 2.47 -20.82
N MET D 54 -2.53 2.01 -22.01
CA MET D 54 -2.36 0.59 -22.25
C MET D 54 -0.97 0.29 -22.78
N VAL D 55 -0.28 -0.57 -22.04
CA VAL D 55 1.10 -0.85 -22.27
C VAL D 55 1.36 -2.31 -22.57
N ILE D 56 2.16 -2.50 -23.58
CA ILE D 56 2.73 -3.78 -23.85
C ILE D 56 4.28 -3.72 -23.68
N GLN D 57 4.87 -4.76 -23.07
CA GLN D 57 6.31 -4.84 -22.87
C GLN D 57 6.81 -6.23 -22.95
N ASP D 58 8.12 -6.33 -23.18
CA ASP D 58 8.88 -7.62 -23.16
C ASP D 58 8.28 -8.65 -24.09
N GLY D 59 7.68 -8.19 -25.19
CA GLY D 59 7.07 -9.11 -26.19
C GLY D 59 8.13 -9.90 -26.94
N THR D 60 7.72 -10.83 -27.80
CA THR D 60 8.63 -11.47 -28.74
C THR D 60 8.68 -10.61 -30.00
N THR D 61 7.58 -9.87 -30.24
CA THR D 61 7.51 -8.88 -31.33
C THR D 61 7.79 -7.45 -30.87
N PHE D 62 7.06 -7.00 -29.86
CA PHE D 62 7.07 -5.60 -29.40
C PHE D 62 7.76 -5.48 -28.08
N GLU D 63 8.85 -4.73 -28.04
CA GLU D 63 9.67 -4.55 -26.81
C GLU D 63 8.99 -3.58 -25.82
N LYS D 64 8.55 -2.44 -26.33
CA LYS D 64 7.75 -1.50 -25.55
C LYS D 64 6.66 -0.83 -26.46
N GLY D 65 5.51 -0.53 -25.89
CA GLY D 65 4.45 -0.01 -26.69
C GLY D 65 3.35 0.50 -25.85
N GLY D 66 2.84 1.68 -26.21
CA GLY D 66 1.70 2.23 -25.50
C GLY D 66 0.61 2.70 -26.40
N VAL D 67 -0.62 2.47 -26.01
CA VAL D 67 -1.83 2.92 -26.73
C VAL D 67 -2.64 3.57 -25.65
N ASN D 68 -2.59 4.88 -25.59
CA ASN D 68 -3.14 5.67 -24.48
C ASN D 68 -4.29 6.50 -24.95
N VAL D 69 -5.30 6.58 -24.09
CA VAL D 69 -6.45 7.44 -24.30
C VAL D 69 -6.52 8.39 -23.14
N SER D 70 -6.73 9.67 -23.43
CA SER D 70 -6.96 10.67 -22.38
C SER D 70 -8.11 11.64 -22.64
N VAL D 71 -8.88 11.90 -21.59
CA VAL D 71 -9.99 12.84 -21.69
C VAL D 71 -9.74 13.81 -20.58
N VAL D 72 -9.38 15.02 -20.94
CA VAL D 72 -8.79 15.90 -20.00
C VAL D 72 -9.40 17.27 -20.20
N TYR D 73 -9.53 18.01 -19.11
CA TYR D 73 -10.13 19.32 -19.14
C TYR D 73 -9.85 20.12 -17.89
N GLY D 74 -9.99 21.44 -18.01
CA GLY D 74 -9.78 22.35 -16.89
C GLY D 74 -9.17 23.68 -17.28
N GLN D 75 -8.39 24.26 -16.38
CA GLN D 75 -7.78 25.57 -16.58
C GLN D 75 -6.61 25.34 -17.49
N LEU D 76 -6.46 26.18 -18.49
CA LEU D 76 -5.36 26.04 -19.39
C LEU D 76 -4.14 26.65 -18.75
N SER D 77 -3.22 25.76 -18.41
CA SER D 77 -1.93 26.17 -17.90
C SER D 77 -1.29 27.13 -18.92
N PRO D 78 -0.78 28.27 -18.44
CA PRO D 78 -0.12 29.26 -19.35
C PRO D 78 1.11 28.70 -20.09
N ALA D 79 1.81 27.81 -19.39
CA ALA D 79 3.04 27.10 -19.85
C ALA D 79 2.75 26.01 -20.90
N ALA D 80 1.52 25.51 -20.90
CA ALA D 80 1.04 24.52 -21.88
C ALA D 80 0.75 25.16 -23.22
N VAL D 81 0.13 26.34 -23.23
CA VAL D 81 -0.33 27.02 -24.48
C VAL D 81 0.45 26.71 -25.81
N SER D 82 1.72 27.10 -25.91
CA SER D 82 2.49 26.94 -27.18
C SER D 82 2.50 25.50 -27.70
N ALA D 83 2.47 24.51 -26.81
CA ALA D 83 2.47 23.10 -27.19
C ALA D 83 1.10 22.49 -27.51
N MET D 84 -0.01 23.21 -27.30
CA MET D 84 -1.37 22.74 -27.73
C MET D 84 -1.56 22.58 -29.24
N LYS D 85 -0.90 23.49 -29.97
CA LYS D 85 -1.25 23.90 -31.33
C LYS D 85 -0.03 24.34 -32.12
N ALA D 86 -0.12 24.13 -33.42
CA ALA D 86 0.81 24.74 -34.35
C ALA D 86 0.82 26.22 -34.02
N ASP D 87 -0.31 26.91 -34.27
CA ASP D 87 -0.42 28.31 -33.95
C ASP D 87 -1.57 28.64 -33.00
N HIS D 88 -1.18 29.39 -31.97
CA HIS D 88 -1.99 29.65 -30.77
C HIS D 88 -2.32 31.13 -30.67
N LYS D 89 -2.30 31.75 -31.73
CA LYS D 89 -2.67 33.16 -31.76
C LYS D 89 -4.17 33.18 -31.97
N ASN D 90 -4.76 31.98 -31.95
CA ASN D 90 -6.14 31.79 -32.33
C ASN D 90 -7.01 31.61 -31.08
N LEU D 91 -6.26 31.90 -30.18
CA LEU D 91 -6.81 32.03 -28.85
C LEU D 91 -6.51 33.45 -28.32
N ARG D 92 -5.95 33.56 -27.10
CA ARG D 92 -5.14 34.76 -26.66
C ARG D 92 -5.32 35.03 -25.16
N LEU D 93 -6.49 35.59 -24.83
CA LEU D 93 -6.91 36.08 -23.46
C LEU D 93 -6.17 37.36 -22.94
N PRO D 94 -6.78 38.53 -23.14
CA PRO D 94 -6.19 39.82 -22.69
C PRO D 94 -6.29 40.25 -21.18
N GLU D 95 -6.56 39.29 -20.25
CA GLU D 95 -6.81 39.60 -18.80
C GLU D 95 -5.54 40.04 -17.98
N ASP D 96 -5.76 40.98 -17.04
CA ASP D 96 -4.72 41.91 -16.46
C ASP D 96 -4.38 41.78 -14.94
N PRO D 97 -3.07 41.72 -14.58
CA PRO D 97 -2.60 41.79 -13.15
C PRO D 97 -2.18 43.23 -12.60
N LYS D 98 -1.00 43.74 -13.05
CA LYS D 98 -0.60 45.17 -12.86
C LYS D 98 0.06 45.88 -14.11
N THR D 99 1.40 45.95 -14.16
CA THR D 99 2.15 47.04 -14.88
C THR D 99 1.82 47.30 -16.39
N GLY D 100 1.42 46.23 -17.14
CA GLY D 100 1.05 46.33 -18.58
C GLY D 100 0.93 45.00 -19.37
N LEU D 101 1.61 43.94 -18.90
CA LEU D 101 1.52 42.58 -19.48
C LEU D 101 0.11 41.92 -19.24
N PRO D 102 -0.67 41.74 -20.33
CA PRO D 102 -1.96 41.07 -20.25
C PRO D 102 -2.02 39.54 -20.62
N VAL D 103 -1.50 39.15 -21.82
CA VAL D 103 -2.04 37.97 -22.60
C VAL D 103 -1.77 36.52 -22.09
N THR D 104 -2.43 36.14 -20.98
CA THR D 104 -2.68 34.72 -20.52
C THR D 104 -3.68 34.79 -19.30
N ASP D 105 -4.65 33.82 -19.11
CA ASP D 105 -5.45 33.68 -17.79
C ASP D 105 -6.54 32.56 -17.60
N GLY D 106 -7.74 32.94 -17.10
CA GLY D 106 -8.85 32.00 -16.75
C GLY D 106 -9.50 31.12 -17.86
N VAL D 107 -8.75 30.82 -18.93
CA VAL D 107 -9.25 30.02 -20.04
C VAL D 107 -9.17 28.47 -19.85
N LYS D 108 -10.22 27.82 -20.33
CA LYS D 108 -10.44 26.41 -20.07
C LYS D 108 -10.45 25.69 -21.37
N PHE D 109 -10.19 24.95 -21.31
CA PHE D 109 -9.94 23.81 -22.23
C PHE D 109 -10.50 22.37 -21.91
N PHE D 110 -10.75 21.63 -23.02
CA PHE D 110 -10.99 20.16 -23.05
C PHE D 110 -10.05 19.55 -24.11
N ALA D 111 -9.58 18.35 -23.89
CA ALA D 111 -8.82 17.61 -24.92
C ALA D 111 -9.06 16.09 -24.80
N CYS D 112 -9.37 15.42 -25.91
CA CYS D 112 -9.37 13.96 -25.88
C CYS D 112 -8.69 13.40 -27.09
N GLY D 113 -7.85 12.43 -26.83
CA GLY D 113 -7.07 11.86 -27.90
C GLY D 113 -6.55 10.51 -27.56
N LEU D 114 -6.14 9.79 -28.61
CA LEU D 114 -5.38 8.58 -28.50
C LEU D 114 -3.99 8.94 -28.96
N SER D 115 -2.99 8.50 -28.21
CA SER D 115 -1.58 8.58 -28.56
C SER D 115 -1.00 7.22 -28.43
N MET D 116 -0.25 6.80 -29.42
CA MET D 116 0.37 5.54 -29.36
C MET D 116 1.73 5.56 -30.06
N VAL D 117 2.70 4.95 -29.41
CA VAL D 117 4.02 4.63 -29.97
C VAL D 117 4.36 3.15 -29.76
N ILE D 118 4.80 2.49 -30.83
CA ILE D 118 5.12 1.08 -30.75
C ILE D 118 6.55 0.94 -31.21
N HIS D 119 7.37 0.21 -30.42
CA HIS D 119 8.80 -0.01 -30.66
C HIS D 119 9.06 -1.53 -30.64
N PRO D 120 9.22 -2.07 -31.84
CA PRO D 120 9.61 -3.47 -32.02
C PRO D 120 11.00 -3.85 -31.48
N VAL D 121 11.10 -5.09 -31.02
CA VAL D 121 12.34 -5.81 -30.80
C VAL D 121 13.30 -5.80 -32.02
N ASN D 122 12.84 -6.27 -33.17
CA ASN D 122 13.70 -6.45 -34.33
C ASN D 122 13.99 -5.11 -34.90
N PRO D 123 15.27 -4.85 -35.12
CA PRO D 123 15.73 -3.66 -35.79
C PRO D 123 15.17 -3.53 -37.19
N HIS D 124 14.68 -4.64 -37.74
CA HIS D 124 14.14 -4.60 -39.10
C HIS D 124 12.69 -4.24 -39.12
N ALA D 125 12.03 -4.32 -37.96
CA ALA D 125 10.65 -3.77 -37.78
C ALA D 125 10.62 -2.30 -37.24
N PRO D 126 9.94 -1.39 -37.94
CA PRO D 126 9.97 -0.01 -37.60
C PRO D 126 9.15 0.32 -36.36
N THR D 127 9.65 1.27 -35.63
CA THR D 127 8.84 2.05 -34.72
C THR D 127 7.75 2.78 -35.50
N THR D 128 6.63 2.98 -34.85
CA THR D 128 5.58 3.82 -35.39
C THR D 128 4.90 4.68 -34.30
N HIS D 129 4.31 5.80 -34.73
CA HIS D 129 3.51 6.68 -33.88
C HIS D 129 2.17 6.97 -34.55
N LEU D 130 1.13 7.07 -33.73
CA LEU D 130 -0.19 7.47 -34.18
C LEU D 130 -0.85 8.34 -33.08
N ASN D 131 -1.51 9.40 -33.50
CA ASN D 131 -2.20 10.28 -32.60
C ASN D 131 -3.38 10.95 -33.38
N TYR D 132 -4.59 10.88 -32.78
CA TYR D 132 -5.78 11.57 -33.26
C TYR D 132 -6.41 12.15 -32.00
N ARG D 133 -6.69 13.43 -32.06
CA ARG D 133 -7.21 14.17 -30.93
C ARG D 133 -8.05 15.35 -31.33
N TYR D 134 -8.84 15.83 -30.34
CA TYR D 134 -9.73 16.95 -30.52
C TYR D 134 -9.47 17.89 -29.35
N PHE D 135 -9.45 19.20 -29.63
CA PHE D 135 -9.35 20.21 -28.59
C PHE D 135 -10.51 21.17 -28.63
N GLU D 136 -10.82 21.70 -27.44
CA GLU D 136 -11.74 22.82 -27.31
C GLU D 136 -11.35 23.80 -26.19
N THR D 137 -11.57 25.10 -26.50
CA THR D 137 -11.47 26.19 -25.54
C THR D 137 -12.69 27.06 -25.43
N TRP D 138 -12.85 27.60 -24.24
CA TRP D 138 -13.85 28.59 -23.95
C TRP D 138 -13.17 29.93 -23.61
N ASN D 139 -13.95 30.99 -23.77
CA ASN D 139 -13.59 32.30 -23.30
C ASN D 139 -13.80 32.32 -21.79
N GLN D 140 -13.07 33.21 -21.13
CA GLN D 140 -13.15 33.43 -19.69
C GLN D 140 -14.56 33.55 -19.18
N ASP D 141 -15.40 34.30 -19.91
CA ASP D 141 -16.86 34.39 -19.65
C ASP D 141 -17.60 33.07 -19.86
N GLY D 142 -16.97 32.04 -20.39
CA GLY D 142 -17.61 30.73 -20.50
C GLY D 142 -18.20 30.50 -21.89
N THR D 143 -18.06 31.45 -22.78
CA THR D 143 -18.57 31.21 -24.10
C THR D 143 -17.53 30.45 -24.94
N PRO D 144 -17.98 29.58 -25.82
CA PRO D 144 -17.07 28.84 -26.72
C PRO D 144 -16.11 29.76 -27.45
N GLN D 145 -14.84 29.40 -27.58
CA GLN D 145 -14.02 30.08 -28.61
C GLN D 145 -13.55 29.29 -29.81
N THR D 146 -12.80 28.20 -29.66
CA THR D 146 -12.55 27.29 -30.81
C THR D 146 -12.46 25.89 -30.37
N TRP D 147 -12.45 25.07 -31.42
CA TRP D 147 -12.16 23.67 -31.37
C TRP D 147 -11.25 23.38 -32.52
N TRP D 148 -10.55 22.27 -32.43
CA TRP D 148 -9.81 21.75 -33.57
C TRP D 148 -9.46 20.25 -33.32
N PHE D 149 -9.11 19.62 -34.41
CA PHE D 149 -8.56 18.30 -34.43
C PHE D 149 -7.11 18.44 -34.86
N GLY D 150 -6.28 17.50 -34.41
CA GLY D 150 -4.91 17.32 -34.88
C GLY D 150 -4.72 15.80 -34.94
N GLY D 151 -3.78 15.35 -35.76
CA GLY D 151 -3.43 13.93 -35.80
C GLY D 151 -2.49 13.52 -36.91
N GLY D 152 -2.41 12.21 -37.07
CA GLY D 152 -1.75 11.53 -38.19
C GLY D 152 -0.98 10.35 -37.68
N ALA D 153 -0.11 9.80 -38.52
CA ALA D 153 0.63 8.62 -38.10
C ALA D 153 1.86 8.58 -38.96
N ASP D 154 2.87 7.85 -38.53
CA ASP D 154 4.17 8.03 -39.14
C ASP D 154 5.02 6.85 -38.81
N LEU D 155 6.04 6.67 -39.63
CA LEU D 155 6.80 5.49 -39.58
C LEU D 155 8.27 5.83 -39.41
N THR D 156 8.95 5.04 -38.54
CA THR D 156 10.33 5.29 -38.12
C THR D 156 11.14 3.97 -38.16
N PRO D 157 11.60 3.66 -39.37
CA PRO D 157 12.48 2.54 -39.59
C PRO D 157 13.96 2.83 -39.26
N SER D 158 14.67 1.81 -38.82
CA SER D 158 16.11 1.92 -38.73
C SER D 158 16.73 1.40 -40.00
N TYR D 159 16.14 0.36 -40.55
CA TYR D 159 16.47 -0.21 -41.88
C TYR D 159 15.34 0.00 -42.87
N LEU D 160 15.70 0.67 -43.95
CA LEU D 160 14.72 1.09 -44.91
C LEU D 160 14.31 -0.07 -45.78
N TYR D 161 12.98 -0.28 -45.90
CA TYR D 161 12.38 -1.17 -46.89
C TYR D 161 11.36 -0.42 -47.63
N GLU D 162 11.69 -0.12 -48.89
CA GLU D 162 10.88 0.77 -49.76
C GLU D 162 9.42 0.43 -49.71
N GLU D 163 9.11 -0.86 -49.88
CA GLU D 163 7.74 -1.35 -49.91
C GLU D 163 6.93 -1.05 -48.61
N ASP D 164 7.66 -0.99 -47.48
CA ASP D 164 7.06 -0.64 -46.17
C ASP D 164 6.58 0.83 -46.20
N GLY D 165 7.45 1.73 -46.61
CA GLY D 165 7.09 3.15 -46.74
C GLY D 165 5.95 3.35 -47.73
N GLN D 166 5.94 2.57 -48.80
CA GLN D 166 4.91 2.71 -49.82
C GLN D 166 3.59 2.29 -49.26
N LEU D 167 3.56 1.09 -48.68
CA LEU D 167 2.32 0.63 -48.04
C LEU D 167 1.75 1.65 -47.03
N PHE D 168 2.58 2.01 -46.03
CA PHE D 168 2.15 2.94 -44.96
C PHE D 168 1.62 4.24 -45.55
N HIS D 169 2.38 4.83 -46.45
CA HIS D 169 1.97 6.09 -46.98
C HIS D 169 0.75 5.93 -47.86
N GLN D 170 0.75 4.85 -48.68
CA GLN D 170 -0.31 4.63 -49.67
C GLN D 170 -1.61 4.40 -48.92
N LEU D 171 -1.58 3.62 -47.84
CA LEU D 171 -2.87 3.42 -47.14
C LEU D 171 -3.37 4.68 -46.43
N HIS D 172 -2.50 5.67 -46.23
CA HIS D 172 -2.94 6.91 -45.55
C HIS D 172 -3.46 7.94 -46.59
N LYS D 173 -2.84 7.87 -47.76
CA LYS D 173 -3.27 8.62 -48.91
C LYS D 173 -4.65 8.18 -49.30
N ASP D 174 -4.84 6.91 -49.56
CA ASP D 174 -6.17 6.40 -49.82
C ASP D 174 -7.27 6.88 -48.84
N ALA D 175 -6.98 6.75 -47.56
CA ALA D 175 -7.89 7.24 -46.54
C ALA D 175 -8.27 8.72 -46.76
N LEU D 176 -7.30 9.57 -46.90
CA LEU D 176 -7.58 11.00 -47.14
C LEU D 176 -8.21 11.34 -48.51
N ASP D 177 -7.93 10.55 -49.56
CA ASP D 177 -8.55 10.75 -50.87
C ASP D 177 -10.10 10.56 -50.83
N LYS D 178 -10.62 9.72 -49.94
CA LYS D 178 -12.07 9.60 -49.76
C LYS D 178 -12.72 10.87 -49.24
N HIS D 179 -11.91 11.89 -48.92
CA HIS D 179 -12.44 13.17 -48.36
C HIS D 179 -12.05 14.30 -49.23
N ASP D 180 -10.81 14.29 -49.67
CA ASP D 180 -10.31 15.38 -50.47
C ASP D 180 -8.89 15.04 -50.89
N THR D 181 -8.64 15.00 -52.20
CA THR D 181 -7.34 14.58 -52.68
C THR D 181 -6.31 15.66 -52.49
N ALA D 182 -6.69 16.85 -52.07
CA ALA D 182 -5.69 17.86 -51.73
C ALA D 182 -5.02 17.68 -50.30
N LEU D 183 -5.58 16.77 -49.50
CA LEU D 183 -5.08 16.58 -48.14
C LEU D 183 -3.77 15.77 -48.00
N TYR D 184 -3.61 14.69 -48.74
CA TYR D 184 -2.47 13.87 -48.50
C TYR D 184 -1.15 14.65 -48.74
N PRO D 185 -0.97 15.27 -49.90
CA PRO D 185 0.27 15.97 -50.20
C PRO D 185 0.57 17.07 -49.21
N ARG D 186 -0.51 17.73 -48.79
CA ARG D 186 -0.44 18.75 -47.74
C ARG D 186 -0.02 18.12 -46.36
N PHE D 187 -0.71 17.04 -45.95
CA PHE D 187 -0.41 16.42 -44.64
C PHE D 187 0.88 15.64 -44.67
N LYS D 188 1.21 15.15 -45.87
CA LYS D 188 2.42 14.36 -46.05
C LYS D 188 3.63 15.26 -45.85
N LYS D 189 3.63 16.36 -46.55
CA LYS D 189 4.66 17.36 -46.43
C LYS D 189 4.70 17.95 -44.99
N TRP D 190 3.55 18.21 -44.35
CA TRP D 190 3.55 18.70 -42.97
C TRP D 190 4.22 17.70 -41.97
N CYS D 191 4.10 16.39 -42.22
CA CYS D 191 4.79 15.38 -41.45
C CYS D 191 6.34 15.37 -41.72
N ASP D 192 6.75 15.53 -42.99
CA ASP D 192 8.18 15.79 -43.28
C ASP D 192 8.82 16.94 -42.44
N GLU D 193 8.06 17.99 -42.22
CA GLU D 193 8.60 19.18 -41.55
C GLU D 193 8.53 19.01 -40.06
N TYR D 194 7.39 18.51 -39.59
CA TYR D 194 7.13 18.47 -38.16
C TYR D 194 8.12 17.62 -37.40
N PHE D 195 8.41 16.42 -37.95
CA PHE D 195 9.30 15.46 -37.33
C PHE D 195 10.78 15.66 -37.74
N TYR D 196 11.11 16.92 -38.06
CA TYR D 196 12.46 17.29 -38.40
C TYR D 196 13.27 17.62 -37.14
N ILE D 197 14.36 16.89 -36.98
CA ILE D 197 15.22 17.06 -35.79
C ILE D 197 16.18 18.14 -36.20
N THR D 198 15.80 19.35 -35.84
CA THR D 198 16.43 20.52 -36.34
C THR D 198 17.93 20.37 -36.21
N HIS D 199 18.42 20.27 -34.96
CA HIS D 199 19.93 20.24 -34.68
C HIS D 199 20.67 19.05 -35.32
N ARG D 200 19.91 18.11 -35.88
CA ARG D 200 20.43 16.98 -36.60
C ARG D 200 20.23 17.07 -38.11
N LYS D 201 19.46 18.04 -38.63
CA LYS D 201 19.30 18.17 -40.10
C LYS D 201 18.69 16.89 -40.72
N GLU D 202 17.78 16.30 -39.94
CA GLU D 202 17.06 15.16 -40.42
C GLU D 202 15.81 14.94 -39.64
N THR D 203 14.90 14.17 -40.24
CA THR D 203 13.73 13.70 -39.59
C THR D 203 14.02 12.41 -38.92
N ARG D 204 13.22 12.13 -37.90
CA ARG D 204 13.41 10.90 -37.16
C ARG D 204 13.17 9.64 -38.03
N GLY D 205 12.13 9.69 -38.91
CA GLY D 205 11.83 8.60 -39.81
C GLY D 205 11.40 9.02 -41.22
N ILE D 206 10.44 8.29 -41.78
CA ILE D 206 9.99 8.55 -43.16
C ILE D 206 8.56 9.06 -43.30
N GLY D 207 8.04 9.53 -42.18
CA GLY D 207 6.90 10.40 -42.20
C GLY D 207 5.68 9.53 -42.37
N GLY D 208 4.70 10.09 -43.07
CA GLY D 208 3.34 9.56 -43.10
C GLY D 208 2.54 10.83 -43.26
N ILE D 209 1.65 11.12 -42.32
CA ILE D 209 0.81 12.33 -42.39
C ILE D 209 0.69 12.91 -41.01
N PHE D 210 0.30 14.17 -40.99
CA PHE D 210 0.29 14.97 -39.82
C PHE D 210 -0.51 16.16 -40.23
N PHE D 211 -1.43 16.53 -39.34
CA PHE D 211 -2.20 17.79 -39.44
C PHE D 211 -2.41 18.28 -38.03
N ASP D 212 -2.57 19.57 -37.85
CA ASP D 212 -2.92 20.12 -36.55
C ASP D 212 -3.78 21.30 -36.82
N ASP D 213 -4.44 21.83 -35.78
CA ASP D 213 -5.25 23.05 -35.89
C ASP D 213 -6.37 22.96 -36.90
N TYR D 214 -6.85 21.75 -37.18
CA TYR D 214 -7.70 21.53 -38.32
C TYR D 214 -9.16 21.64 -37.97
N ASP D 215 -9.81 22.61 -38.60
CA ASP D 215 -11.18 22.98 -38.28
C ASP D 215 -11.93 23.58 -39.50
N GLU D 216 -11.52 23.18 -40.69
CA GLU D 216 -11.95 23.83 -41.92
C GLU D 216 -13.11 23.08 -42.63
N ARG D 217 -13.49 21.94 -42.09
CA ARG D 217 -14.67 21.18 -42.50
C ARG D 217 -15.60 20.98 -41.27
N ASP D 218 -16.87 20.69 -41.52
CA ASP D 218 -17.80 20.37 -40.43
C ASP D 218 -17.18 19.27 -39.62
N PRO D 219 -17.17 19.44 -38.31
CA PRO D 219 -16.66 18.41 -37.39
C PRO D 219 -17.15 16.99 -37.59
N GLN D 220 -18.37 16.79 -38.06
CA GLN D 220 -18.84 15.44 -38.41
C GLN D 220 -18.06 14.89 -39.54
N GLU D 221 -17.75 15.76 -40.53
CA GLU D 221 -16.90 15.38 -41.66
C GLU D 221 -15.47 15.11 -41.22
N ILE D 222 -14.98 15.91 -40.26
CA ILE D 222 -13.64 15.67 -39.79
C ILE D 222 -13.57 14.33 -39.06
N LEU D 223 -14.54 14.05 -38.22
CA LEU D 223 -14.57 12.82 -37.49
C LEU D 223 -14.50 11.62 -38.40
N LYS D 224 -15.09 11.73 -39.60
CA LYS D 224 -15.10 10.58 -40.51
C LYS D 224 -13.75 10.42 -41.22
N MET D 225 -13.10 11.51 -41.58
CA MET D 225 -11.73 11.43 -42.01
C MET D 225 -10.80 10.83 -40.90
N VAL D 226 -11.06 11.10 -39.62
CA VAL D 226 -10.24 10.61 -38.57
C VAL D 226 -10.39 9.11 -38.54
N GLU D 227 -11.63 8.68 -38.52
CA GLU D 227 -11.89 7.26 -38.47
C GLU D 227 -11.27 6.55 -39.71
N ASP D 228 -11.37 7.17 -40.86
CA ASP D 228 -10.69 6.63 -42.03
C ASP D 228 -9.19 6.60 -41.87
N CYS D 229 -8.63 7.66 -41.39
CA CYS D 229 -7.22 7.70 -41.05
C CYS D 229 -6.85 6.58 -40.05
N PHE D 230 -7.53 6.46 -38.90
CA PHE D 230 -7.31 5.32 -37.99
C PHE D 230 -7.23 4.01 -38.73
N ASP D 231 -8.15 3.80 -39.69
CA ASP D 231 -8.25 2.52 -40.34
C ASP D 231 -7.16 2.19 -41.33
N ALA D 232 -6.31 3.13 -41.64
CA ALA D 232 -5.16 2.87 -42.44
C ALA D 232 -4.01 2.29 -41.63
N PHE D 233 -4.17 2.23 -40.31
CA PHE D 233 -3.02 1.87 -39.47
C PHE D 233 -2.81 0.38 -39.39
N LEU D 234 -3.80 -0.33 -38.90
CA LEU D 234 -3.58 -1.77 -38.73
C LEU D 234 -3.16 -2.48 -40.05
N PRO D 235 -3.84 -2.20 -41.17
CA PRO D 235 -3.54 -2.87 -42.46
C PRO D 235 -2.13 -2.60 -43.07
N SER D 236 -1.52 -1.50 -42.71
CA SER D 236 -0.13 -1.19 -43.13
C SER D 236 0.86 -1.75 -42.13
N TYR D 237 0.69 -1.34 -40.87
CA TYR D 237 1.63 -1.63 -39.75
C TYR D 237 1.68 -3.10 -39.37
N LEU D 238 0.56 -3.77 -39.26
CA LEU D 238 0.61 -5.24 -39.06
C LEU D 238 1.31 -5.96 -40.22
N THR D 239 1.02 -5.54 -41.44
CA THR D 239 1.60 -6.21 -42.61
C THR D 239 3.07 -6.00 -42.62
N ILE D 240 3.49 -4.75 -42.44
CA ILE D 240 4.91 -4.42 -42.32
C ILE D 240 5.59 -5.23 -41.23
N VAL D 241 5.06 -5.16 -40.01
CA VAL D 241 5.76 -5.81 -38.93
C VAL D 241 5.86 -7.35 -39.14
N LYS D 242 4.76 -7.96 -39.61
CA LYS D 242 4.73 -9.42 -39.88
C LYS D 242 5.85 -9.76 -40.82
N ARG D 243 6.05 -8.94 -41.86
CA ARG D 243 7.17 -9.22 -42.76
C ARG D 243 8.58 -8.82 -42.32
N ARG D 244 8.75 -8.32 -41.07
CA ARG D 244 10.09 -7.94 -40.56
C ARG D 244 10.54 -8.53 -39.26
N LYS D 245 9.58 -8.89 -38.41
CA LYS D 245 9.87 -9.38 -37.07
C LYS D 245 10.73 -10.66 -36.96
N ASP D 246 10.67 -11.51 -37.98
CA ASP D 246 11.31 -12.82 -37.96
C ASP D 246 12.61 -12.80 -38.75
N MET D 247 12.80 -11.71 -39.50
CA MET D 247 14.06 -11.46 -40.18
C MET D 247 15.24 -11.55 -39.19
N PRO D 248 16.36 -12.15 -39.63
CA PRO D 248 17.53 -12.28 -38.76
C PRO D 248 18.25 -10.93 -38.67
N TYR D 249 18.87 -10.68 -37.55
CA TYR D 249 19.70 -9.49 -37.40
C TYR D 249 20.93 -9.74 -36.56
N THR D 250 21.87 -8.85 -36.75
CA THR D 250 23.13 -8.81 -36.07
C THR D 250 23.17 -7.82 -34.90
N LYS D 251 24.16 -7.99 -34.01
CA LYS D 251 24.59 -6.90 -33.06
C LYS D 251 24.79 -5.52 -33.74
N GLU D 252 25.27 -5.52 -34.98
CA GLU D 252 25.55 -4.26 -35.72
C GLU D 252 24.27 -3.42 -35.96
N GLU D 253 23.25 -4.15 -36.35
CA GLU D 253 21.94 -3.62 -36.64
C GLU D 253 21.20 -3.22 -35.36
N GLN D 254 21.36 -4.04 -34.34
CA GLN D 254 20.99 -3.73 -33.00
C GLN D 254 21.54 -2.32 -32.64
N GLN D 255 22.81 -2.07 -32.92
CA GLN D 255 23.43 -0.82 -32.46
C GLN D 255 22.83 0.33 -33.21
N TRP D 256 22.64 0.15 -34.50
CA TRP D 256 22.04 1.15 -35.36
C TRP D 256 20.62 1.53 -34.93
N GLN D 257 19.77 0.54 -34.72
CA GLN D 257 18.47 0.76 -34.14
C GLN D 257 18.59 1.64 -32.85
N ALA D 258 19.44 1.23 -31.90
CA ALA D 258 19.69 1.96 -30.70
C ALA D 258 20.00 3.43 -30.96
N ILE D 259 20.92 3.68 -31.89
CA ILE D 259 21.27 5.05 -32.34
C ILE D 259 20.05 5.81 -32.88
N ARG D 260 19.29 5.15 -33.74
CA ARG D 260 18.03 5.71 -34.22
C ARG D 260 17.05 6.02 -33.08
N ARG D 261 17.02 5.19 -32.06
CA ARG D 261 16.16 5.41 -30.90
C ARG D 261 16.65 6.61 -30.09
N GLY D 262 17.98 6.79 -30.05
CA GLY D 262 18.52 8.06 -29.55
C GLY D 262 18.03 9.29 -30.27
N ARG D 263 17.99 9.26 -31.60
CA ARG D 263 17.43 10.37 -32.36
C ARG D 263 15.93 10.53 -32.02
N TYR D 264 15.22 9.41 -31.77
CA TYR D 264 13.81 9.41 -31.45
C TYR D 264 13.63 10.15 -30.10
N VAL D 265 14.44 9.76 -29.12
CA VAL D 265 14.45 10.49 -27.85
C VAL D 265 14.72 12.02 -27.95
N GLU D 266 15.70 12.40 -28.75
CA GLU D 266 15.94 13.81 -29.00
C GLU D 266 14.79 14.50 -29.70
N PHE D 267 14.15 13.89 -30.70
CA PHE D 267 12.92 14.47 -31.18
C PHE D 267 11.90 14.74 -30.10
N ASN D 268 11.56 13.69 -29.36
CA ASN D 268 10.47 13.74 -28.36
C ASN D 268 10.68 14.65 -27.18
N LEU D 269 11.92 14.78 -26.70
CA LEU D 269 12.18 15.62 -25.49
C LEU D 269 12.49 17.04 -25.85
N ILE D 270 12.85 17.31 -27.12
CA ILE D 270 13.18 18.70 -27.56
C ILE D 270 12.11 19.31 -28.41
N TYR D 271 11.60 18.54 -29.39
CA TYR D 271 10.65 19.13 -30.35
C TYR D 271 9.20 18.73 -30.26
N ASP D 272 8.87 17.56 -29.69
CA ASP D 272 7.51 17.05 -29.72
C ASP D 272 6.52 17.80 -28.83
N ARG D 273 5.60 18.53 -29.46
CA ARG D 273 4.58 19.29 -28.74
C ARG D 273 3.67 18.46 -27.81
N GLY D 274 3.24 17.30 -28.29
CA GLY D 274 2.49 16.39 -27.45
C GLY D 274 3.18 16.19 -26.14
N THR D 275 4.47 15.89 -26.22
CA THR D 275 5.26 15.63 -25.02
C THR D 275 5.32 16.85 -24.12
N GLN D 276 5.52 18.05 -24.69
CA GLN D 276 5.61 19.30 -23.93
C GLN D 276 4.25 19.57 -23.33
N PHE D 277 3.19 19.26 -24.06
CA PHE D 277 1.86 19.60 -23.56
C PHE D 277 1.53 18.76 -22.37
N GLY D 278 1.72 17.47 -22.51
CA GLY D 278 1.60 16.54 -21.41
C GLY D 278 2.42 16.92 -20.21
N LEU D 279 3.71 17.20 -20.42
CA LEU D 279 4.59 17.50 -19.28
C LEU D 279 4.29 18.81 -18.59
N ARG D 280 3.84 19.79 -19.36
CA ARG D 280 3.56 21.13 -18.83
C ARG D 280 2.08 21.32 -18.37
N THR D 281 1.25 20.25 -18.34
CA THR D 281 -0.12 20.37 -17.81
C THR D 281 -0.23 19.63 -16.49
N PRO D 282 -0.59 20.37 -15.42
CA PRO D 282 -0.65 19.82 -14.08
C PRO D 282 -1.48 18.52 -13.93
N GLY D 283 -0.89 17.55 -13.24
CA GLY D 283 -1.55 16.29 -12.88
C GLY D 283 -1.44 15.26 -13.97
N SER D 284 -0.86 15.63 -15.09
CA SER D 284 -0.53 14.64 -16.10
C SER D 284 0.33 13.50 -15.55
N ARG D 285 0.14 12.32 -16.09
CA ARG D 285 0.86 11.16 -15.63
C ARG D 285 2.08 10.97 -16.53
N VAL D 286 3.24 11.33 -15.97
CA VAL D 286 4.50 11.34 -16.62
C VAL D 286 4.76 9.99 -17.22
N GLU D 287 4.56 8.94 -16.45
CA GLU D 287 4.75 7.60 -17.02
C GLU D 287 3.93 7.38 -18.30
N SER D 288 2.67 7.85 -18.33
CA SER D 288 1.88 7.88 -19.56
C SER D 288 2.53 8.65 -20.69
N ILE D 289 2.92 9.87 -20.41
CA ILE D 289 3.46 10.78 -21.44
C ILE D 289 4.77 10.32 -22.02
N LEU D 290 5.62 9.77 -21.17
CA LEU D 290 6.96 9.36 -21.55
C LEU D 290 6.99 7.90 -21.98
N MET D 291 5.85 7.26 -21.92
CA MET D 291 5.59 5.98 -22.61
C MET D 291 6.14 5.89 -24.01
N SER D 292 6.21 7.03 -24.71
CA SER D 292 6.75 7.11 -26.05
C SER D 292 8.24 6.80 -26.24
N LEU D 293 9.04 6.94 -25.16
CA LEU D 293 10.46 6.68 -25.21
C LEU D 293 10.68 5.24 -25.26
N PRO D 294 11.65 4.83 -26.07
CA PRO D 294 11.92 3.41 -26.25
C PRO D 294 12.53 2.84 -25.01
N GLU D 295 12.68 1.52 -24.94
CA GLU D 295 13.23 0.95 -23.74
C GLU D 295 14.71 1.24 -23.54
N HIS D 296 15.43 1.27 -24.65
CA HIS D 296 16.87 1.49 -24.72
C HIS D 296 17.14 2.51 -25.85
N ALA D 297 18.16 3.32 -25.69
CA ALA D 297 18.71 4.05 -26.80
C ALA D 297 20.20 4.25 -26.58
N SER D 298 20.91 4.62 -27.64
CA SER D 298 22.35 4.83 -27.57
C SER D 298 22.69 6.11 -28.26
N TRP D 299 23.84 6.68 -27.83
CA TRP D 299 24.46 7.84 -28.43
C TRP D 299 25.94 7.51 -28.60
N LEU D 300 26.42 7.40 -29.85
CA LEU D 300 27.86 7.35 -30.14
C LEU D 300 28.37 8.73 -30.60
N TYR D 301 29.56 9.13 -30.19
CA TYR D 301 30.09 10.41 -30.59
C TYR D 301 30.54 10.41 -32.02
N ASN D 302 30.10 11.38 -32.79
CA ASN D 302 30.56 11.50 -34.18
C ASN D 302 30.48 10.20 -35.02
N HIS D 303 29.29 9.62 -35.05
CA HIS D 303 29.05 8.42 -35.78
C HIS D 303 28.51 8.73 -37.22
N HIS D 304 29.07 8.03 -38.21
CA HIS D 304 28.72 8.11 -39.66
C HIS D 304 28.74 6.74 -40.25
N PRO D 305 27.64 6.35 -40.84
CA PRO D 305 27.58 5.12 -41.59
C PRO D 305 28.49 5.18 -42.81
N ALA D 306 29.06 4.03 -43.15
CA ALA D 306 29.71 3.87 -44.44
C ALA D 306 28.82 4.37 -45.60
N PRO D 307 29.47 5.01 -46.56
CA PRO D 307 28.86 5.70 -47.69
C PRO D 307 27.77 5.02 -48.53
N GLY D 308 27.95 3.71 -48.79
CA GLY D 308 26.93 2.93 -49.53
C GLY D 308 26.18 1.92 -48.69
N SER D 309 26.24 2.12 -47.39
CA SER D 309 25.65 1.21 -46.47
C SER D 309 24.12 1.38 -46.41
N ARG D 310 23.49 0.36 -45.86
CA ARG D 310 22.07 0.41 -45.61
C ARG D 310 21.77 1.54 -44.66
N GLU D 311 22.57 1.64 -43.60
CA GLU D 311 22.35 2.65 -42.61
C GLU D 311 22.43 4.02 -43.29
N ALA D 312 23.35 4.17 -44.23
CA ALA D 312 23.49 5.45 -44.99
C ALA D 312 22.31 5.66 -45.91
N LYS D 313 21.71 4.56 -46.35
CA LYS D 313 20.55 4.71 -47.23
C LYS D 313 19.41 5.38 -46.47
N LEU D 314 19.25 4.95 -45.20
CA LEU D 314 18.33 5.57 -44.27
C LEU D 314 18.50 7.08 -44.23
N LEU D 315 19.72 7.59 -44.08
CA LEU D 315 19.93 9.07 -43.99
C LEU D 315 19.67 9.82 -45.30
N GLU D 316 19.86 9.18 -46.44
CA GLU D 316 19.54 9.85 -47.70
C GLU D 316 18.13 10.49 -47.61
N VAL D 317 17.26 9.70 -47.02
CA VAL D 317 15.81 9.84 -47.02
C VAL D 317 15.22 10.54 -45.75
N THR D 318 16.11 10.68 -44.78
CA THR D 318 15.88 11.38 -43.52
C THR D 318 16.37 12.82 -43.68
N THR D 319 17.52 12.99 -44.29
CA THR D 319 18.00 14.31 -44.68
C THR D 319 17.25 14.94 -45.86
N LYS D 320 16.88 14.13 -46.84
CA LYS D 320 16.17 14.57 -48.04
C LYS D 320 14.91 13.69 -48.24
N PRO D 321 13.79 14.10 -47.64
CA PRO D 321 12.50 13.37 -47.76
C PRO D 321 12.05 13.11 -49.19
N ARG D 322 11.50 11.94 -49.42
CA ARG D 322 11.08 11.51 -50.76
C ARG D 322 9.64 11.09 -50.74
N GLU D 323 9.15 10.85 -51.95
CA GLU D 323 7.82 10.31 -52.15
C GLU D 323 7.79 8.77 -52.12
N TRP D 324 6.59 8.27 -51.84
CA TRP D 324 6.38 6.86 -51.57
C TRP D 324 5.15 6.26 -52.23
N VAL D 325 4.38 7.06 -52.95
CA VAL D 325 2.96 6.79 -53.28
C VAL D 325 2.69 6.73 -54.85
N LYS D 326 1.71 5.91 -55.26
CA LYS D 326 1.29 5.78 -56.69
C LYS D 326 0.86 7.15 -57.28
N ALA E 1 -4.29 3.34 -7.97
CA ALA E 1 -4.78 1.91 -8.13
C ALA E 1 -3.74 0.89 -7.69
N PRO E 2 -4.13 -0.08 -6.87
CA PRO E 2 -3.15 -0.90 -6.15
C PRO E 2 -2.09 -1.46 -7.10
N GLN E 3 -0.83 -1.19 -6.80
CA GLN E 3 0.26 -1.81 -7.61
C GLN E 3 0.68 -3.17 -7.09
N ASP E 4 0.15 -3.61 -5.95
CA ASP E 4 0.43 -4.93 -5.41
C ASP E 4 0.58 -6.03 -6.51
N PRO E 5 1.82 -6.44 -6.72
CA PRO E 5 2.17 -7.16 -7.93
C PRO E 5 1.61 -8.56 -8.09
N ARG E 6 1.08 -9.18 -7.02
CA ARG E 6 0.79 -10.63 -7.07
C ARG E 6 -0.25 -10.91 -8.16
N ASN E 7 -1.34 -10.15 -8.13
CA ASN E 7 -2.35 -10.18 -9.20
C ASN E 7 -2.52 -8.86 -9.98
N LEU E 8 -1.69 -7.85 -9.69
CA LEU E 8 -1.64 -6.67 -10.59
C LEU E 8 -1.92 -7.01 -12.09
N PRO E 9 -1.28 -8.00 -12.70
CA PRO E 9 -1.43 -8.17 -14.15
C PRO E 9 -2.84 -8.67 -14.61
N ILE E 10 -3.40 -9.65 -13.86
CA ILE E 10 -4.79 -10.08 -14.02
C ILE E 10 -5.76 -8.89 -13.91
N ARG E 11 -5.42 -7.94 -13.03
CA ARG E 11 -6.24 -6.76 -12.79
C ARG E 11 -6.22 -5.84 -14.01
N GLN E 12 -5.03 -5.59 -14.57
CA GLN E 12 -4.82 -4.70 -15.73
C GLN E 12 -5.37 -5.30 -17.02
N GLN E 13 -5.43 -6.64 -17.09
CA GLN E 13 -5.94 -7.37 -18.25
C GLN E 13 -7.42 -7.35 -18.23
N MET E 14 -7.98 -7.56 -17.04
CA MET E 14 -9.41 -7.55 -16.81
C MET E 14 -9.96 -6.19 -17.13
N GLU E 15 -9.25 -5.16 -16.63
CA GLU E 15 -9.56 -3.79 -16.94
C GLU E 15 -9.59 -3.59 -18.44
N ALA E 16 -8.54 -4.04 -19.12
CA ALA E 16 -8.43 -3.95 -20.57
C ALA E 16 -9.56 -4.63 -21.30
N LEU E 17 -9.96 -5.80 -20.81
CA LEU E 17 -10.90 -6.61 -21.57
C LEU E 17 -12.30 -6.00 -21.48
N ILE E 18 -12.67 -5.48 -20.32
CA ILE E 18 -14.01 -5.02 -20.07
C ILE E 18 -14.17 -3.69 -20.77
N ARG E 19 -13.10 -2.88 -20.83
CA ARG E 19 -13.17 -1.57 -21.55
C ARG E 19 -13.39 -1.82 -23.06
N ARG E 20 -12.75 -2.89 -23.55
CA ARG E 20 -12.90 -3.33 -24.92
C ARG E 20 -14.35 -3.73 -25.20
N LYS E 21 -14.90 -4.57 -24.33
CA LYS E 21 -16.23 -5.07 -24.54
C LYS E 21 -17.26 -3.95 -24.34
N GLN E 22 -17.00 -3.04 -23.42
CA GLN E 22 -17.87 -1.90 -23.32
C GLN E 22 -17.98 -1.18 -24.68
N ALA E 23 -16.82 -0.80 -25.24
CA ALA E 23 -16.72 -0.16 -26.55
C ALA E 23 -17.42 -0.99 -27.59
N GLU E 24 -17.16 -2.28 -27.61
CA GLU E 24 -17.71 -3.15 -28.60
C GLU E 24 -19.26 -3.29 -28.51
N ILE E 25 -19.70 -3.44 -27.28
CA ILE E 25 -21.12 -3.59 -27.02
C ILE E 25 -21.93 -2.33 -27.24
N THR E 26 -21.39 -1.17 -26.89
CA THR E 26 -22.14 0.04 -27.08
C THR E 26 -22.29 0.27 -28.55
N GLN E 27 -21.22 0.09 -29.28
CA GLN E 27 -21.17 0.13 -30.71
C GLN E 27 -22.24 -0.73 -31.42
N GLY E 28 -22.35 -2.01 -31.01
CA GLY E 28 -23.23 -2.98 -31.61
C GLY E 28 -24.69 -2.65 -31.29
N LEU E 29 -24.93 -2.31 -30.03
CA LEU E 29 -26.24 -1.81 -29.63
C LEU E 29 -26.68 -0.56 -30.42
N GLU E 30 -25.74 0.36 -30.63
CA GLU E 30 -26.04 1.60 -31.35
C GLU E 30 -26.42 1.43 -32.84
N SER E 31 -25.97 0.30 -33.41
CA SER E 31 -26.07 -0.04 -34.78
C SER E 31 -27.38 -0.65 -35.13
N ILE E 32 -28.22 -0.88 -34.13
CA ILE E 32 -29.63 -1.25 -34.38
C ILE E 32 -30.53 -0.18 -33.77
N ASP E 33 -29.97 0.99 -33.48
CA ASP E 33 -30.74 2.08 -32.93
C ASP E 33 -30.45 3.35 -33.79
N THR E 34 -30.89 4.52 -33.32
CA THR E 34 -30.63 5.75 -34.07
C THR E 34 -30.04 6.84 -33.19
N VAL E 35 -29.61 6.45 -32.03
CA VAL E 35 -29.26 7.38 -31.00
C VAL E 35 -27.96 6.76 -30.48
N LYS E 36 -27.18 7.57 -29.78
CA LYS E 36 -25.84 7.16 -29.30
C LYS E 36 -25.73 7.26 -27.80
N PHE E 37 -24.86 6.44 -27.23
CA PHE E 37 -24.53 6.54 -25.82
C PHE E 37 -23.93 7.90 -25.51
N HIS E 38 -24.22 8.42 -24.32
CA HIS E 38 -23.52 9.54 -23.71
C HIS E 38 -22.67 8.89 -22.62
N ALA E 39 -21.35 9.05 -22.73
CA ALA E 39 -20.39 8.68 -21.69
C ALA E 39 -20.21 9.76 -20.58
N ASP E 40 -20.29 9.31 -19.33
CA ASP E 40 -19.94 10.12 -18.16
C ASP E 40 -18.85 9.34 -17.45
N THR E 41 -17.71 10.03 -17.28
CA THR E 41 -16.63 9.47 -16.48
C THR E 41 -16.66 10.18 -15.15
N TRP E 42 -16.41 9.38 -14.10
CA TRP E 42 -16.63 9.79 -12.72
C TRP E 42 -15.53 9.16 -11.86
N THR E 43 -15.34 9.74 -10.66
CA THR E 43 -14.46 9.18 -9.62
C THR E 43 -15.16 9.05 -8.27
N ARG E 44 -14.52 8.33 -7.36
CA ARG E 44 -15.11 7.94 -6.07
C ARG E 44 -14.85 8.87 -4.89
N GLY E 45 -13.73 9.54 -4.92
CA GLY E 45 -13.31 10.41 -3.80
C GLY E 45 -11.81 10.65 -3.82
N ASN E 46 -11.31 10.90 -5.04
CA ASN E 46 -10.01 11.51 -5.31
C ASN E 46 -8.83 10.57 -5.35
N ASP E 47 -8.91 9.43 -4.64
CA ASP E 47 -8.14 8.24 -5.05
C ASP E 47 -8.77 6.88 -4.63
N GLY E 48 -10.10 6.82 -4.51
CA GLY E 48 -10.80 5.53 -4.51
C GLY E 48 -11.08 4.83 -5.86
N GLY E 49 -10.49 5.31 -6.95
CA GLY E 49 -10.89 4.87 -8.30
C GLY E 49 -12.13 5.59 -8.79
N GLY E 50 -12.96 4.89 -9.53
CA GLY E 50 -14.08 5.51 -10.25
C GLY E 50 -14.43 4.71 -11.49
N GLY E 51 -14.94 5.39 -12.51
CA GLY E 51 -15.32 4.67 -13.74
C GLY E 51 -15.94 5.44 -14.89
N THR E 52 -16.39 4.64 -15.87
CA THR E 52 -17.03 5.15 -17.10
C THR E 52 -18.36 4.48 -17.36
N SER E 53 -19.38 5.32 -17.39
CA SER E 53 -20.76 4.90 -17.40
C SER E 53 -21.31 5.40 -18.70
N MET E 54 -21.71 4.49 -19.58
CA MET E 54 -22.32 4.88 -20.83
C MET E 54 -23.80 4.59 -20.86
N VAL E 55 -24.57 5.63 -21.16
CA VAL E 55 -25.99 5.54 -21.15
C VAL E 55 -26.65 5.93 -22.48
N ILE E 56 -27.64 5.12 -22.85
CA ILE E 56 -28.49 5.36 -24.01
C ILE E 56 -29.93 5.57 -23.50
N GLN E 57 -30.64 6.52 -24.12
CA GLN E 57 -32.03 6.78 -23.85
C GLN E 57 -32.73 7.44 -25.04
N ASP E 58 -34.06 7.43 -25.01
CA ASP E 58 -34.83 8.16 -25.99
C ASP E 58 -34.57 7.66 -27.43
N GLY E 59 -34.11 6.43 -27.59
CA GLY E 59 -33.88 5.95 -28.94
C GLY E 59 -35.12 5.35 -29.58
N THR E 60 -35.00 4.97 -30.86
CA THR E 60 -36.06 4.23 -31.52
C THR E 60 -36.14 2.79 -31.03
N THR E 61 -35.02 2.23 -30.57
CA THR E 61 -34.96 0.84 -30.14
C THR E 61 -34.89 0.73 -28.63
N PHE E 62 -33.95 1.43 -28.07
CA PHE E 62 -33.67 1.27 -26.66
C PHE E 62 -34.16 2.50 -25.95
N GLU E 63 -35.09 2.28 -25.02
CA GLU E 63 -35.64 3.35 -24.20
C GLU E 63 -34.65 3.75 -23.13
N LYS E 64 -33.95 2.77 -22.59
CA LYS E 64 -32.92 3.03 -21.65
C LYS E 64 -31.97 1.85 -21.62
N GLY E 65 -30.69 2.14 -21.67
CA GLY E 65 -29.62 1.15 -21.51
C GLY E 65 -28.44 1.78 -20.83
N GLY E 66 -27.63 0.93 -20.20
CA GLY E 66 -26.38 1.31 -19.58
C GLY E 66 -25.31 0.24 -19.82
N VAL E 67 -24.13 0.65 -20.30
CA VAL E 67 -22.96 -0.25 -20.32
C VAL E 67 -21.87 0.43 -19.44
N ASN E 68 -21.70 -0.15 -18.26
CA ASN E 68 -20.95 0.50 -17.23
C ASN E 68 -19.65 -0.26 -16.99
N VAL E 69 -18.60 0.53 -16.99
CA VAL E 69 -17.27 0.06 -16.62
C VAL E 69 -16.80 0.74 -15.32
N SER E 70 -16.34 -0.10 -14.39
CA SER E 70 -16.06 0.35 -13.04
C SER E 70 -14.76 -0.26 -12.55
N VAL E 71 -13.86 0.57 -12.04
CA VAL E 71 -12.57 0.11 -11.47
C VAL E 71 -12.40 0.87 -10.16
N VAL E 72 -12.68 0.22 -9.07
CA VAL E 72 -12.85 0.92 -7.80
C VAL E 72 -11.94 0.25 -6.77
N TYR E 73 -11.50 0.97 -5.75
CA TYR E 73 -10.60 0.43 -4.73
C TYR E 73 -10.53 1.28 -3.49
N GLY E 74 -10.18 0.63 -2.37
CA GLY E 74 -9.81 1.29 -1.11
C GLY E 74 -10.30 0.53 0.12
N GLN E 75 -10.70 1.30 1.13
CA GLN E 75 -11.48 0.83 2.29
C GLN E 75 -12.61 -0.11 1.93
N LEU E 76 -12.64 -1.28 2.53
CA LEU E 76 -13.89 -2.03 2.61
C LEU E 76 -14.75 -1.44 3.69
N SER E 77 -15.88 -0.86 3.28
CA SER E 77 -16.90 -0.38 4.21
C SER E 77 -17.66 -1.62 4.80
N PRO E 78 -17.77 -1.74 6.14
CA PRO E 78 -18.67 -2.75 6.75
C PRO E 78 -20.05 -2.83 6.06
N ALA E 79 -20.67 -1.64 5.88
CA ALA E 79 -21.95 -1.43 5.18
C ALA E 79 -22.07 -2.17 3.87
N ALA E 80 -20.96 -2.23 3.11
CA ALA E 80 -20.89 -2.93 1.80
C ALA E 80 -20.40 -4.41 1.83
N VAL E 81 -19.83 -4.86 2.97
CA VAL E 81 -19.31 -6.26 3.13
C VAL E 81 -20.38 -7.32 2.77
N SER E 82 -21.63 -7.00 3.08
CA SER E 82 -22.76 -7.87 2.90
C SER E 82 -23.07 -8.16 1.42
N ALA E 83 -23.14 -7.10 0.60
CA ALA E 83 -23.53 -7.21 -0.82
C ALA E 83 -22.35 -7.53 -1.80
N MET E 84 -21.14 -7.63 -1.23
CA MET E 84 -19.85 -7.90 -1.93
C MET E 84 -19.85 -9.13 -2.86
N LYS E 85 -20.30 -10.23 -2.28
CA LYS E 85 -20.49 -11.48 -2.99
C LYS E 85 -21.54 -12.29 -2.20
N ALA E 86 -21.74 -13.55 -2.62
CA ALA E 86 -22.65 -14.48 -1.95
C ALA E 86 -22.16 -14.77 -0.56
N ASP E 87 -21.04 -15.48 -0.45
CA ASP E 87 -20.61 -15.99 0.84
C ASP E 87 -19.50 -15.15 1.44
N HIS E 88 -19.88 -13.97 1.91
CA HIS E 88 -19.00 -13.14 2.74
C HIS E 88 -18.54 -13.87 4.01
N LYS E 89 -18.03 -15.11 3.89
CA LYS E 89 -17.37 -15.87 4.97
C LYS E 89 -15.86 -16.13 4.67
N ASN E 90 -15.49 -16.17 3.39
CA ASN E 90 -14.05 -16.20 3.01
C ASN E 90 -13.40 -14.87 3.41
N LEU E 91 -13.76 -14.23 3.72
CA LEU E 91 -13.05 -13.08 4.24
C LEU E 91 -12.60 -13.31 5.70
N ARG E 92 -13.35 -14.15 6.42
CA ARG E 92 -13.13 -14.41 7.82
C ARG E 92 -12.76 -13.11 8.54
N LEU E 93 -13.69 -12.16 8.59
CA LEU E 93 -13.41 -10.85 9.19
C LEU E 93 -14.41 -10.43 10.32
N PRO E 94 -14.10 -10.82 11.57
CA PRO E 94 -14.80 -10.35 12.76
C PRO E 94 -14.03 -9.23 13.49
N GLU E 95 -13.55 -8.22 12.77
CA GLU E 95 -13.05 -6.99 13.43
C GLU E 95 -14.29 -6.18 13.95
N ASP E 96 -14.51 -6.30 15.26
CA ASP E 96 -15.76 -5.84 15.90
C ASP E 96 -15.77 -4.29 16.21
N PRO E 97 -16.75 -3.56 15.59
CA PRO E 97 -16.84 -2.07 15.61
C PRO E 97 -16.53 -1.27 16.90
N LYS E 98 -16.46 0.06 16.69
CA LYS E 98 -16.50 1.05 17.77
C LYS E 98 -17.98 1.47 17.98
N THR E 99 -18.25 2.11 19.13
CA THR E 99 -19.62 2.25 19.68
C THR E 99 -20.24 0.84 20.04
N GLY E 100 -21.09 0.28 19.16
CA GLY E 100 -21.74 -1.01 19.45
C GLY E 100 -22.25 -1.82 18.25
N LEU E 101 -21.38 -2.66 17.71
CA LEU E 101 -21.79 -3.62 16.69
C LEU E 101 -20.79 -4.76 16.51
N PRO E 102 -21.26 -5.85 15.84
CA PRO E 102 -20.42 -7.00 15.44
C PRO E 102 -19.66 -6.85 14.10
N VAL E 103 -18.88 -7.90 13.77
CA VAL E 103 -18.33 -8.15 12.41
C VAL E 103 -18.07 -6.86 11.53
N THR E 104 -16.80 -6.56 11.23
CA THR E 104 -16.41 -5.59 10.14
C THR E 104 -16.08 -4.11 10.54
N ASP E 105 -14.77 -3.86 10.67
CA ASP E 105 -14.14 -2.55 11.00
C ASP E 105 -13.27 -2.19 9.74
N GLY E 106 -11.93 -2.14 9.87
CA GLY E 106 -11.02 -1.48 8.89
C GLY E 106 -10.02 -2.38 8.15
N VAL E 107 -10.30 -2.52 6.80
CA VAL E 107 -9.63 -3.47 5.77
C VAL E 107 -9.65 -2.91 4.26
N LYS E 108 -9.20 -3.70 3.24
CA LYS E 108 -9.19 -3.23 1.82
C LYS E 108 -9.44 -4.13 0.53
N PHE E 109 -9.87 -3.80 -0.38
CA PHE E 109 -10.56 -4.14 -1.67
C PHE E 109 -10.16 -3.34 -2.97
N PHE E 110 -10.22 -4.08 -4.08
CA PHE E 110 -10.21 -3.54 -5.43
C PHE E 110 -11.32 -4.21 -6.25
N ALA E 111 -12.11 -3.42 -6.97
CA ALA E 111 -13.11 -4.07 -7.84
C ALA E 111 -13.10 -3.47 -9.26
N CYS E 112 -13.04 -4.34 -10.28
CA CYS E 112 -13.21 -3.88 -11.67
C CYS E 112 -14.23 -4.70 -12.51
N GLY E 113 -15.29 -4.05 -12.98
CA GLY E 113 -16.31 -4.82 -13.76
C GLY E 113 -17.07 -4.03 -14.80
N LEU E 114 -17.62 -4.78 -15.74
CA LEU E 114 -18.70 -4.34 -16.67
C LEU E 114 -20.10 -4.86 -16.25
N SER E 115 -20.98 -3.89 -16.09
CA SER E 115 -22.35 -4.15 -15.73
C SER E 115 -23.19 -3.42 -16.80
N MET E 116 -24.14 -4.16 -17.39
CA MET E 116 -25.17 -3.58 -18.27
C MET E 116 -26.62 -4.14 -18.17
N VAL E 117 -27.55 -3.20 -18.34
CA VAL E 117 -28.98 -3.48 -18.49
C VAL E 117 -29.55 -2.62 -19.59
N ILE E 118 -30.29 -3.27 -20.48
CA ILE E 118 -30.90 -2.62 -21.65
C ILE E 118 -32.41 -2.82 -21.58
N HIS E 119 -33.13 -1.73 -21.63
CA HIS E 119 -34.57 -1.78 -21.66
C HIS E 119 -35.08 -1.28 -22.98
N PRO E 120 -35.48 -2.18 -23.88
CA PRO E 120 -36.06 -1.76 -25.14
C PRO E 120 -37.42 -1.02 -25.02
N VAL E 121 -37.69 -0.18 -26.00
CA VAL E 121 -38.98 0.49 -26.10
C VAL E 121 -40.07 -0.56 -26.39
N ASN E 122 -39.85 -1.41 -27.37
CA ASN E 122 -40.91 -2.30 -27.76
C ASN E 122 -41.17 -3.44 -26.73
N PRO E 123 -42.43 -3.61 -26.25
CA PRO E 123 -42.75 -4.69 -25.34
C PRO E 123 -42.26 -6.06 -25.79
N HIS E 124 -42.23 -6.27 -27.13
CA HIS E 124 -41.85 -7.53 -27.71
C HIS E 124 -40.40 -7.69 -27.64
N ALA E 125 -39.71 -6.54 -27.52
CA ALA E 125 -38.27 -6.56 -27.27
C ALA E 125 -37.90 -6.65 -25.75
N PRO E 126 -37.23 -7.76 -25.40
CA PRO E 126 -36.93 -8.08 -24.04
C PRO E 126 -35.80 -7.25 -23.42
N THR E 127 -35.94 -7.05 -22.14
CA THR E 127 -34.88 -6.56 -21.34
C THR E 127 -33.77 -7.64 -21.29
N THR E 128 -32.54 -7.18 -21.04
CA THR E 128 -31.42 -8.10 -20.77
C THR E 128 -30.46 -7.51 -19.77
N HIS E 129 -29.73 -8.38 -19.05
CA HIS E 129 -28.65 -7.99 -18.10
C HIS E 129 -27.32 -8.74 -18.34
N LEU E 130 -26.20 -8.05 -18.10
CA LEU E 130 -24.86 -8.67 -18.16
C LEU E 130 -23.94 -8.00 -17.17
N ASN E 131 -23.26 -8.85 -16.37
CA ASN E 131 -22.12 -8.43 -15.56
C ASN E 131 -20.99 -9.38 -15.79
N TYR E 132 -19.78 -8.86 -15.95
CA TYR E 132 -18.58 -9.63 -15.60
C TYR E 132 -17.61 -8.74 -14.82
N ARG E 133 -17.13 -9.27 -13.70
CA ARG E 133 -16.32 -8.48 -12.79
C ARG E 133 -15.20 -9.27 -12.12
N TYR E 134 -14.14 -8.54 -11.78
CA TYR E 134 -13.08 -8.98 -10.87
C TYR E 134 -13.08 -8.17 -9.56
N PHE E 135 -12.99 -8.96 -8.49
CA PHE E 135 -12.83 -8.50 -7.11
C PHE E 135 -11.53 -9.04 -6.54
N GLU E 136 -10.90 -8.26 -5.67
CA GLU E 136 -9.80 -8.77 -4.84
C GLU E 136 -9.65 -8.04 -3.48
N THR E 137 -9.31 -8.81 -2.45
CA THR E 137 -9.03 -8.26 -1.11
C THR E 137 -7.60 -8.55 -0.58
N TRP E 138 -7.19 -7.68 0.35
CA TRP E 138 -5.93 -7.74 1.08
C TRP E 138 -6.17 -7.61 2.56
N ASN E 139 -5.46 -8.44 3.34
CA ASN E 139 -5.50 -8.43 4.79
C ASN E 139 -5.09 -7.08 5.29
N GLN E 140 -5.45 -6.78 6.54
CA GLN E 140 -5.08 -5.51 7.19
C GLN E 140 -3.55 -5.21 7.06
N ASP E 141 -2.74 -6.29 7.01
CA ASP E 141 -1.29 -6.21 6.84
C ASP E 141 -0.78 -6.00 5.39
N GLY E 142 -1.68 -5.78 4.42
CA GLY E 142 -1.28 -5.70 3.01
C GLY E 142 -0.99 -7.04 2.32
N THR E 143 -1.01 -8.12 3.07
CA THR E 143 -0.92 -9.41 2.42
C THR E 143 -2.17 -9.54 1.56
N PRO E 144 -2.12 -10.31 0.46
CA PRO E 144 -3.33 -10.82 -0.17
C PRO E 144 -4.29 -11.50 0.81
N GLN E 145 -5.49 -11.78 0.32
CA GLN E 145 -6.48 -12.46 1.08
C GLN E 145 -7.11 -13.34 0.03
N THR E 146 -7.91 -12.75 -0.90
CA THR E 146 -8.60 -13.50 -2.01
C THR E 146 -8.95 -12.65 -3.21
N TRP E 147 -9.40 -13.36 -4.23
CA TRP E 147 -9.87 -12.75 -5.45
C TRP E 147 -10.88 -13.71 -6.02
N TRP E 148 -11.69 -13.18 -6.92
CA TRP E 148 -12.76 -13.93 -7.50
C TRP E 148 -13.36 -13.13 -8.64
N PHE E 149 -13.92 -13.86 -9.59
CA PHE E 149 -14.72 -13.27 -10.65
C PHE E 149 -16.16 -13.66 -10.38
N GLY E 150 -17.07 -12.80 -10.87
CA GLY E 150 -18.51 -13.05 -10.87
C GLY E 150 -19.10 -12.44 -12.13
N GLY E 151 -20.26 -12.95 -12.49
CA GLY E 151 -20.96 -12.52 -13.68
C GLY E 151 -21.86 -13.50 -14.38
N GLY E 152 -22.05 -13.25 -15.66
CA GLY E 152 -23.09 -13.90 -16.45
C GLY E 152 -24.02 -12.89 -17.14
N ALA E 153 -24.95 -13.45 -17.91
CA ALA E 153 -25.93 -12.69 -18.67
C ALA E 153 -27.29 -13.35 -18.58
N ASP E 154 -28.35 -12.52 -18.61
CA ASP E 154 -29.76 -13.02 -18.50
C ASP E 154 -30.80 -12.25 -19.39
N LEU E 155 -31.86 -12.97 -19.78
CA LEU E 155 -32.93 -12.44 -20.64
C LEU E 155 -34.32 -12.35 -19.94
N THR E 156 -34.95 -11.18 -20.08
CA THR E 156 -36.17 -10.75 -19.36
C THR E 156 -37.29 -10.25 -20.28
N PRO E 157 -37.93 -11.19 -20.97
CA PRO E 157 -39.06 -10.84 -21.85
C PRO E 157 -40.38 -10.50 -21.10
N SER E 158 -41.27 -9.73 -21.77
CA SER E 158 -42.64 -9.56 -21.30
C SER E 158 -43.48 -10.54 -22.11
N TYR E 159 -43.21 -10.67 -23.41
CA TYR E 159 -43.86 -11.67 -24.30
C TYR E 159 -42.83 -12.69 -24.73
N LEU E 160 -43.18 -13.93 -24.42
CA LEU E 160 -42.27 -15.05 -24.46
C LEU E 160 -42.24 -15.65 -25.83
N TYR E 161 -41.05 -15.70 -26.46
CA TYR E 161 -40.84 -16.35 -27.76
C TYR E 161 -39.80 -17.45 -27.60
N GLU E 162 -40.07 -18.62 -28.21
CA GLU E 162 -39.20 -19.82 -28.16
C GLU E 162 -37.81 -19.61 -28.77
N GLU E 163 -37.82 -19.11 -30.01
CA GLU E 163 -36.64 -18.59 -30.71
C GLU E 163 -35.60 -17.96 -29.78
N ASP E 164 -36.09 -17.02 -28.96
CA ASP E 164 -35.24 -16.07 -28.30
C ASP E 164 -34.62 -16.62 -27.08
N GLY E 165 -35.39 -17.46 -26.40
CA GLY E 165 -34.94 -18.14 -25.19
C GLY E 165 -33.92 -19.22 -25.45
N GLN E 166 -34.19 -20.01 -26.49
CA GLN E 166 -33.25 -20.97 -27.05
C GLN E 166 -31.88 -20.33 -27.38
N LEU E 167 -31.91 -19.38 -28.32
CA LEU E 167 -30.71 -18.72 -28.77
C LEU E 167 -29.86 -18.15 -27.61
N PHE E 168 -30.49 -17.39 -26.72
CA PHE E 168 -29.75 -16.69 -25.66
C PHE E 168 -29.02 -17.73 -24.80
N HIS E 169 -29.76 -18.75 -24.38
CA HIS E 169 -29.21 -19.77 -23.48
C HIS E 169 -28.15 -20.59 -24.21
N GLN E 170 -28.45 -20.95 -25.45
CA GLN E 170 -27.56 -21.79 -26.25
C GLN E 170 -26.13 -21.25 -26.41
N LEU E 171 -26.03 -20.03 -26.92
CA LEU E 171 -24.77 -19.42 -27.19
C LEU E 171 -24.08 -19.12 -25.88
N HIS E 172 -24.79 -19.24 -24.78
CA HIS E 172 -24.08 -19.15 -23.51
C HIS E 172 -23.52 -20.51 -23.01
N LYS E 173 -24.27 -21.61 -23.26
CA LYS E 173 -23.77 -23.00 -23.13
C LYS E 173 -22.43 -23.13 -23.88
N ASP E 174 -22.49 -22.82 -25.19
CA ASP E 174 -21.37 -22.81 -26.12
C ASP E 174 -20.13 -22.09 -25.60
N ALA E 175 -20.29 -20.82 -25.26
CA ALA E 175 -19.25 -20.10 -24.58
C ALA E 175 -18.62 -20.99 -23.50
N LEU E 176 -19.39 -21.24 -22.43
CA LEU E 176 -18.98 -22.03 -21.28
C LEU E 176 -18.42 -23.42 -21.55
N ASP E 177 -19.12 -24.19 -22.38
CA ASP E 177 -18.68 -25.49 -22.91
C ASP E 177 -17.20 -25.58 -23.40
N LYS E 178 -16.64 -24.45 -23.86
CA LYS E 178 -15.23 -24.38 -24.17
C LYS E 178 -14.34 -24.32 -22.93
N HIS E 179 -14.84 -24.66 -21.76
CA HIS E 179 -14.00 -24.60 -20.56
C HIS E 179 -14.27 -25.78 -19.63
N ASP E 180 -15.53 -25.98 -19.25
CA ASP E 180 -15.97 -27.21 -18.60
C ASP E 180 -17.49 -27.23 -18.86
N THR E 181 -17.96 -28.36 -19.39
CA THR E 181 -19.36 -28.48 -19.81
C THR E 181 -20.31 -28.60 -18.60
N ALA E 182 -19.75 -28.77 -17.40
CA ALA E 182 -20.54 -28.66 -16.15
C ALA E 182 -20.65 -27.22 -15.66
N LEU E 183 -20.10 -26.27 -16.41
CA LEU E 183 -20.19 -24.88 -15.98
C LEU E 183 -21.60 -24.29 -16.33
N TYR E 184 -22.15 -24.67 -17.49
CA TYR E 184 -23.48 -24.18 -17.87
C TYR E 184 -24.63 -24.54 -16.91
N PRO E 185 -24.96 -25.84 -16.85
CA PRO E 185 -26.08 -26.30 -16.05
C PRO E 185 -26.03 -25.75 -14.64
N ARG E 186 -24.85 -25.80 -14.06
CA ARG E 186 -24.57 -25.15 -12.79
C ARG E 186 -24.83 -23.61 -12.78
N PHE E 187 -24.26 -22.89 -13.74
CA PHE E 187 -24.47 -21.43 -13.84
C PHE E 187 -25.89 -21.06 -14.28
N LYS E 188 -26.51 -21.94 -15.06
CA LYS E 188 -27.93 -21.83 -15.37
C LYS E 188 -28.82 -21.87 -14.11
N LYS E 189 -28.91 -23.06 -13.52
CA LYS E 189 -29.66 -23.27 -12.28
C LYS E 189 -29.41 -22.06 -11.43
N TRP E 190 -28.16 -21.81 -11.09
CA TRP E 190 -27.83 -20.68 -10.20
C TRP E 190 -28.45 -19.30 -10.66
N CYS E 191 -28.48 -19.04 -11.96
CA CYS E 191 -29.23 -17.87 -12.51
C CYS E 191 -30.74 -17.90 -12.13
N ASP E 192 -31.43 -19.02 -12.41
CA ASP E 192 -32.81 -19.29 -11.88
C ASP E 192 -32.93 -19.09 -10.40
N GLU E 193 -31.87 -19.33 -9.67
CA GLU E 193 -32.00 -19.18 -8.23
C GLU E 193 -31.75 -17.73 -7.88
N TYR E 194 -30.74 -17.17 -8.52
CA TYR E 194 -30.36 -15.80 -8.15
C TYR E 194 -31.52 -14.82 -8.41
N PHE E 195 -32.18 -14.96 -9.57
CA PHE E 195 -33.18 -13.99 -9.99
C PHE E 195 -34.63 -14.31 -9.57
N TYR E 196 -34.77 -15.07 -8.45
CA TYR E 196 -36.07 -15.37 -7.82
C TYR E 196 -36.50 -14.18 -7.01
N ILE E 197 -37.71 -13.70 -7.25
CA ILE E 197 -38.20 -12.56 -6.50
C ILE E 197 -39.04 -13.23 -5.45
N THR E 198 -38.61 -13.10 -4.21
CA THR E 198 -39.07 -14.03 -3.19
C THR E 198 -40.54 -13.86 -2.92
N HIS E 199 -40.86 -12.64 -2.49
CA HIS E 199 -42.22 -12.26 -2.27
C HIS E 199 -43.16 -12.43 -3.49
N ARG E 200 -42.65 -12.50 -4.72
CA ARG E 200 -43.53 -12.70 -5.85
C ARG E 200 -43.55 -14.12 -6.35
N LYS E 201 -42.76 -15.00 -5.75
CA LYS E 201 -42.76 -16.39 -6.13
C LYS E 201 -42.49 -16.63 -7.63
N GLU E 202 -41.63 -15.78 -8.18
CA GLU E 202 -41.31 -15.91 -9.59
C GLU E 202 -39.95 -15.31 -9.85
N THR E 203 -39.37 -15.70 -10.95
CA THR E 203 -38.20 -14.97 -11.46
C THR E 203 -38.65 -13.76 -12.25
N ARG E 204 -37.73 -12.85 -12.41
CA ARG E 204 -37.94 -11.67 -13.20
C ARG E 204 -38.10 -12.01 -14.69
N GLY E 205 -37.20 -12.84 -15.23
CA GLY E 205 -37.23 -13.30 -16.63
C GLY E 205 -37.14 -14.81 -16.73
N ILE E 206 -36.52 -15.27 -17.84
CA ILE E 206 -36.25 -16.69 -18.20
C ILE E 206 -34.74 -16.99 -18.12
N GLY E 207 -34.02 -16.09 -17.46
CA GLY E 207 -32.70 -16.39 -16.92
C GLY E 207 -31.55 -16.28 -17.89
N GLY E 208 -30.46 -16.99 -17.54
CA GLY E 208 -29.33 -17.25 -18.45
C GLY E 208 -28.24 -18.07 -17.77
N ILE E 209 -27.08 -17.44 -17.59
CA ILE E 209 -26.03 -18.00 -16.78
C ILE E 209 -25.73 -16.97 -15.71
N PHE E 210 -25.46 -17.52 -14.53
CA PHE E 210 -25.03 -16.73 -13.41
C PHE E 210 -23.88 -17.48 -12.69
N PHE E 211 -22.94 -16.68 -12.15
CA PHE E 211 -21.91 -17.17 -11.22
C PHE E 211 -21.32 -16.12 -10.25
N ASP E 212 -20.92 -16.59 -9.08
CA ASP E 212 -20.17 -15.74 -8.16
C ASP E 212 -19.06 -16.50 -7.40
N ASP E 213 -18.29 -15.74 -6.61
CA ASP E 213 -17.23 -16.21 -5.70
C ASP E 213 -16.19 -17.07 -6.43
N TYR E 214 -16.08 -16.91 -7.75
CA TYR E 214 -15.44 -17.89 -8.58
C TYR E 214 -13.93 -17.58 -8.71
N ASP E 215 -13.18 -18.38 -7.94
CA ASP E 215 -11.75 -18.42 -7.94
C ASP E 215 -11.27 -19.88 -8.00
N GLU E 216 -12.04 -20.75 -8.65
CA GLU E 216 -11.72 -22.16 -8.70
C GLU E 216 -10.51 -22.44 -9.58
N ARG E 217 -10.46 -21.79 -10.76
CA ARG E 217 -9.39 -22.06 -11.73
C ARG E 217 -8.31 -20.98 -11.68
N ASP E 218 -7.23 -21.25 -12.40
CA ASP E 218 -6.19 -20.25 -12.67
C ASP E 218 -6.85 -19.01 -13.38
N PRO E 219 -6.64 -17.81 -12.83
CA PRO E 219 -7.24 -16.56 -13.33
C PRO E 219 -7.03 -16.23 -14.81
N GLN E 220 -5.94 -16.69 -15.40
CA GLN E 220 -5.77 -16.60 -16.84
C GLN E 220 -6.78 -17.51 -17.55
N GLU E 221 -7.15 -18.61 -16.87
CA GLU E 221 -8.24 -19.49 -17.31
C GLU E 221 -9.57 -18.73 -17.28
N ILE E 222 -9.86 -18.11 -16.15
CA ILE E 222 -11.14 -17.41 -15.94
C ILE E 222 -11.25 -16.21 -16.88
N LEU E 223 -10.20 -15.38 -17.00
CA LEU E 223 -10.19 -14.35 -18.06
C LEU E 223 -10.54 -14.87 -19.44
N LYS E 224 -10.12 -16.10 -19.77
CA LYS E 224 -10.56 -16.65 -21.08
C LYS E 224 -12.03 -16.97 -21.10
N MET E 225 -12.50 -17.67 -20.08
CA MET E 225 -13.89 -18.03 -19.99
C MET E 225 -14.77 -16.74 -20.13
N VAL E 226 -14.51 -15.78 -19.23
CA VAL E 226 -15.17 -14.47 -19.19
C VAL E 226 -15.21 -13.81 -20.57
N GLU E 227 -14.10 -13.83 -21.29
CA GLU E 227 -14.09 -13.28 -22.66
C GLU E 227 -15.02 -13.96 -23.69
N ASP E 228 -15.13 -15.30 -23.65
CA ASP E 228 -16.02 -16.03 -24.58
C ASP E 228 -17.46 -15.91 -24.11
N CYS E 229 -17.64 -15.69 -22.84
CA CYS E 229 -18.96 -15.44 -22.32
C CYS E 229 -19.46 -14.16 -22.95
N PHE E 230 -18.74 -13.07 -22.67
CA PHE E 230 -18.95 -11.79 -23.33
C PHE E 230 -19.42 -11.94 -24.76
N ASP E 231 -18.78 -12.83 -25.51
CA ASP E 231 -19.05 -12.95 -26.95
C ASP E 231 -20.24 -13.81 -27.30
N ALA E 232 -20.92 -14.33 -26.30
CA ALA E 232 -22.27 -14.92 -26.44
C ALA E 232 -23.42 -13.86 -26.56
N PHE E 233 -23.17 -12.63 -26.12
CA PHE E 233 -24.25 -11.61 -26.00
C PHE E 233 -24.78 -10.99 -27.33
N LEU E 234 -23.94 -10.25 -28.02
CA LEU E 234 -24.34 -9.59 -29.27
C LEU E 234 -24.99 -10.48 -30.32
N PRO E 235 -24.46 -11.67 -30.59
CA PRO E 235 -25.05 -12.52 -31.65
C PRO E 235 -26.43 -12.97 -31.27
N SER E 236 -26.70 -13.09 -29.98
CA SER E 236 -28.01 -13.58 -29.51
C SER E 236 -28.92 -12.35 -29.29
N TYR E 237 -28.46 -11.38 -28.48
CA TYR E 237 -29.28 -10.21 -28.18
C TYR E 237 -29.62 -9.30 -29.35
N LEU E 238 -28.64 -8.82 -30.10
CA LEU E 238 -28.91 -8.09 -31.33
C LEU E 238 -29.84 -8.82 -32.30
N THR E 239 -29.53 -10.07 -32.60
CA THR E 239 -30.45 -10.95 -33.37
C THR E 239 -31.90 -10.88 -32.85
N ILE E 240 -32.10 -11.09 -31.56
CA ILE E 240 -33.46 -11.09 -30.95
C ILE E 240 -34.10 -9.75 -31.10
N VAL E 241 -33.39 -8.72 -30.70
CA VAL E 241 -33.94 -7.37 -30.74
C VAL E 241 -34.30 -6.96 -32.17
N LYS E 242 -33.41 -7.23 -33.13
CA LYS E 242 -33.76 -7.09 -34.55
C LYS E 242 -35.10 -7.73 -34.94
N ARG E 243 -35.40 -8.93 -34.47
CA ARG E 243 -36.67 -9.54 -34.86
C ARG E 243 -37.84 -9.14 -33.97
N ARG E 244 -37.63 -8.42 -32.85
CA ARG E 244 -38.82 -7.97 -32.07
C ARG E 244 -39.14 -6.45 -32.12
N LYS E 245 -38.14 -5.63 -32.42
CA LYS E 245 -38.25 -4.19 -32.27
C LYS E 245 -39.26 -3.49 -33.18
N ASP E 246 -39.52 -4.04 -34.38
CA ASP E 246 -40.52 -3.46 -35.29
C ASP E 246 -41.85 -4.22 -35.28
N MET E 247 -42.01 -5.22 -34.40
CA MET E 247 -43.34 -5.81 -34.15
C MET E 247 -44.28 -4.75 -33.56
N PRO E 248 -45.44 -4.51 -34.17
CA PRO E 248 -46.43 -3.58 -33.53
C PRO E 248 -47.00 -4.09 -32.20
N TYR E 249 -47.38 -3.16 -31.36
CA TYR E 249 -47.83 -3.46 -30.03
C TYR E 249 -48.92 -2.48 -29.64
N THR E 250 -49.79 -2.96 -28.76
CA THR E 250 -50.99 -2.25 -28.30
C THR E 250 -50.75 -1.62 -26.94
N LYS E 251 -51.64 -0.76 -26.50
CA LYS E 251 -51.64 -0.19 -25.13
C LYS E 251 -51.51 -1.24 -24.00
N GLU E 252 -52.06 -2.42 -24.22
CA GLU E 252 -52.22 -3.41 -23.16
C GLU E 252 -50.89 -4.16 -23.03
N GLU E 253 -50.16 -4.31 -24.15
CA GLU E 253 -48.84 -4.87 -24.13
C GLU E 253 -47.84 -3.88 -23.53
N GLN E 254 -48.05 -2.58 -23.74
CA GLN E 254 -47.17 -1.65 -23.03
C GLN E 254 -47.44 -1.72 -21.52
N GLN E 255 -48.70 -1.85 -21.13
CA GLN E 255 -49.05 -2.02 -19.70
C GLN E 255 -48.44 -3.27 -19.06
N TRP E 256 -48.42 -4.36 -19.79
CA TRP E 256 -47.87 -5.58 -19.27
C TRP E 256 -46.34 -5.40 -19.09
N GLN E 257 -45.74 -4.79 -20.09
CA GLN E 257 -44.35 -4.53 -20.08
C GLN E 257 -44.01 -3.66 -18.84
N ALA E 258 -44.89 -2.72 -18.56
CA ALA E 258 -44.70 -1.80 -17.46
C ALA E 258 -44.77 -2.60 -16.13
N ILE E 259 -45.75 -3.45 -16.04
CA ILE E 259 -45.94 -4.39 -14.94
C ILE E 259 -44.72 -5.24 -14.74
N ARG E 260 -44.21 -5.83 -15.83
CA ARG E 260 -42.99 -6.63 -15.76
C ARG E 260 -41.80 -5.79 -15.37
N ARG E 261 -41.84 -4.53 -15.74
CA ARG E 261 -40.82 -3.60 -15.35
C ARG E 261 -40.86 -3.36 -13.85
N GLY E 262 -42.04 -3.20 -13.28
CA GLY E 262 -42.16 -3.07 -11.87
C GLY E 262 -41.48 -4.21 -11.12
N ARG E 263 -41.61 -5.42 -11.66
CA ARG E 263 -41.12 -6.65 -11.09
C ARG E 263 -39.60 -6.64 -11.12
N TYR E 264 -39.09 -6.05 -12.19
CA TYR E 264 -37.70 -5.91 -12.37
C TYR E 264 -37.15 -5.03 -11.30
N VAL E 265 -37.83 -3.90 -11.12
CA VAL E 265 -37.43 -2.90 -10.16
C VAL E 265 -37.47 -3.47 -8.73
N GLU E 266 -38.43 -4.37 -8.48
CA GLU E 266 -38.56 -5.07 -7.20
C GLU E 266 -37.38 -6.01 -6.90
N PHE E 267 -36.84 -6.66 -7.93
CA PHE E 267 -35.62 -7.43 -7.69
C PHE E 267 -34.42 -6.52 -7.36
N ASN E 268 -34.11 -5.58 -8.24
CA ASN E 268 -32.92 -4.72 -8.09
C ASN E 268 -32.82 -3.92 -6.77
N LEU E 269 -33.98 -3.53 -6.25
CA LEU E 269 -34.02 -2.71 -5.07
C LEU E 269 -34.14 -3.51 -3.78
N ILE E 270 -34.49 -4.79 -3.90
CA ILE E 270 -34.63 -5.59 -2.71
C ILE E 270 -33.55 -6.69 -2.65
N TYR E 271 -33.50 -7.54 -3.67
CA TYR E 271 -32.66 -8.71 -3.66
C TYR E 271 -31.31 -8.59 -4.33
N ASP E 272 -31.07 -7.52 -5.07
CA ASP E 272 -29.93 -7.57 -5.98
C ASP E 272 -28.65 -7.05 -5.31
N ARG E 273 -27.68 -7.95 -5.22
CA ARG E 273 -26.42 -7.69 -4.47
C ARG E 273 -25.57 -6.54 -5.01
N GLY E 274 -25.41 -6.49 -6.31
CA GLY E 274 -24.58 -5.51 -6.93
C GLY E 274 -25.17 -4.13 -6.69
N THR E 275 -26.50 -4.04 -6.71
CA THR E 275 -27.14 -2.78 -6.41
C THR E 275 -26.89 -2.31 -4.96
N GLN E 276 -27.06 -3.20 -3.99
CA GLN E 276 -26.82 -2.83 -2.54
C GLN E 276 -25.33 -2.50 -2.40
N PHE E 277 -24.51 -3.32 -3.02
CA PHE E 277 -23.11 -3.11 -2.90
C PHE E 277 -22.79 -1.72 -3.42
N GLY E 278 -23.36 -1.32 -4.55
CA GLY E 278 -23.07 -0.02 -5.08
C GLY E 278 -23.53 1.06 -4.12
N LEU E 279 -24.78 0.94 -3.71
CA LEU E 279 -25.41 1.88 -2.78
C LEU E 279 -24.64 2.02 -1.49
N ARG E 280 -24.08 0.92 -0.99
CA ARG E 280 -23.47 0.95 0.31
C ARG E 280 -21.95 1.30 0.31
N THR E 281 -21.34 1.40 -0.89
CA THR E 281 -19.94 1.83 -0.98
C THR E 281 -19.81 3.35 -1.16
N PRO E 282 -19.01 3.94 -0.27
CA PRO E 282 -18.93 5.42 -0.17
C PRO E 282 -18.44 6.11 -1.43
N GLY E 283 -18.99 7.29 -1.70
CA GLY E 283 -18.81 7.99 -2.97
C GLY E 283 -19.05 7.17 -4.24
N SER E 284 -19.82 6.06 -4.16
CA SER E 284 -20.32 5.40 -5.37
C SER E 284 -21.31 6.32 -6.15
N ARG E 285 -21.25 6.24 -7.47
CA ARG E 285 -22.04 7.17 -8.29
C ARG E 285 -23.43 6.61 -8.37
N VAL E 286 -24.37 7.31 -7.75
CA VAL E 286 -25.72 6.74 -7.55
C VAL E 286 -26.42 6.56 -8.86
N GLU E 287 -26.50 7.67 -9.60
CA GLU E 287 -27.00 7.65 -10.97
C GLU E 287 -26.34 6.56 -11.84
N SER E 288 -25.09 6.17 -11.55
CA SER E 288 -24.46 5.06 -12.27
C SER E 288 -25.04 3.71 -11.88
N ILE E 289 -25.40 3.54 -10.63
CA ILE E 289 -25.78 2.17 -10.16
C ILE E 289 -27.23 1.85 -10.50
N LEU E 290 -28.04 2.88 -10.39
CA LEU E 290 -29.45 2.83 -10.64
C LEU E 290 -29.85 3.11 -12.13
N MET E 291 -28.87 3.08 -13.01
CA MET E 291 -29.18 3.11 -14.45
C MET E 291 -29.89 1.82 -14.92
N SER E 292 -29.85 0.78 -14.10
CA SER E 292 -30.49 -0.48 -14.44
C SER E 292 -32.03 -0.41 -14.32
N LEU E 293 -32.54 0.63 -13.68
CA LEU E 293 -33.94 0.79 -13.53
C LEU E 293 -34.46 1.45 -14.82
N PRO E 294 -35.60 0.93 -15.31
CA PRO E 294 -36.15 1.35 -16.59
C PRO E 294 -36.63 2.73 -16.39
N GLU E 295 -36.86 3.43 -17.49
CA GLU E 295 -37.48 4.70 -17.45
C GLU E 295 -38.89 4.63 -16.89
N HIS E 296 -39.64 3.59 -17.21
CA HIS E 296 -41.01 3.43 -16.68
C HIS E 296 -41.29 2.02 -16.12
N ALA E 297 -42.06 2.00 -15.05
CA ALA E 297 -42.63 0.82 -14.43
C ALA E 297 -44.01 1.16 -13.90
N SER E 298 -44.83 0.12 -13.74
CA SER E 298 -46.11 0.31 -13.12
C SER E 298 -46.41 -0.79 -12.14
N TRP E 299 -47.33 -0.49 -11.19
CA TRP E 299 -47.85 -1.46 -10.23
C TRP E 299 -49.35 -1.40 -10.22
N LEU E 300 -49.97 -2.50 -10.67
CA LEU E 300 -51.42 -2.66 -10.63
C LEU E 300 -51.84 -3.53 -9.45
N TYR E 301 -52.76 -3.04 -8.63
CA TYR E 301 -53.25 -3.83 -7.50
C TYR E 301 -53.97 -5.13 -7.91
N ASN E 302 -53.51 -6.24 -7.32
CA ASN E 302 -54.07 -7.56 -7.55
C ASN E 302 -54.30 -7.92 -9.03
N HIS E 303 -53.25 -7.86 -9.85
CA HIS E 303 -53.42 -8.05 -11.28
C HIS E 303 -53.02 -9.48 -11.52
N HIS E 304 -53.87 -10.17 -12.28
CA HIS E 304 -53.73 -11.60 -12.58
C HIS E 304 -54.22 -11.76 -13.97
N PRO E 305 -53.32 -12.08 -14.90
CA PRO E 305 -53.72 -12.37 -16.24
C PRO E 305 -54.57 -13.64 -16.39
N ALA E 306 -55.53 -13.52 -17.30
CA ALA E 306 -56.51 -14.55 -17.61
C ALA E 306 -55.80 -15.77 -18.13
N PRO E 307 -56.21 -16.96 -17.66
CA PRO E 307 -55.68 -18.19 -18.20
C PRO E 307 -55.82 -18.15 -19.70
N GLY E 308 -54.92 -18.80 -20.43
CA GLY E 308 -54.93 -18.69 -21.92
C GLY E 308 -54.24 -17.51 -22.62
N SER E 309 -54.17 -16.38 -21.91
CA SER E 309 -53.37 -15.19 -22.33
C SER E 309 -51.85 -15.48 -22.51
N ARG E 310 -51.19 -14.58 -23.27
CA ARG E 310 -49.71 -14.65 -23.39
C ARG E 310 -49.03 -14.18 -22.13
N GLU E 311 -49.66 -13.25 -21.44
CA GLU E 311 -49.18 -12.76 -20.19
C GLU E 311 -49.18 -13.93 -19.21
N ALA E 312 -50.22 -14.77 -19.26
CA ALA E 312 -50.25 -15.97 -18.40
C ALA E 312 -49.10 -16.94 -18.76
N LYS E 313 -48.88 -17.11 -20.06
CA LYS E 313 -47.81 -17.90 -20.61
C LYS E 313 -46.51 -17.57 -19.93
N LEU E 314 -46.20 -16.29 -19.87
CA LEU E 314 -45.01 -15.85 -19.20
C LEU E 314 -45.00 -16.26 -17.73
N LEU E 315 -46.11 -16.11 -17.03
CA LEU E 315 -46.09 -16.42 -15.60
C LEU E 315 -45.66 -17.85 -15.34
N GLU E 316 -45.98 -18.75 -16.26
CA GLU E 316 -45.69 -20.17 -16.08
C GLU E 316 -44.20 -20.45 -15.96
N VAL E 317 -43.42 -19.81 -16.83
CA VAL E 317 -41.98 -20.02 -16.88
C VAL E 317 -41.22 -19.16 -15.86
N THR E 318 -41.88 -18.11 -15.35
CA THR E 318 -41.27 -17.29 -14.27
C THR E 318 -41.53 -17.99 -12.98
N THR E 319 -42.69 -18.66 -12.89
CA THR E 319 -43.07 -19.32 -11.66
C THR E 319 -42.39 -20.71 -11.62
N LYS E 320 -42.43 -21.41 -12.76
CA LYS E 320 -41.68 -22.65 -12.92
C LYS E 320 -40.60 -22.55 -14.03
N PRO E 321 -39.39 -22.16 -13.63
CA PRO E 321 -38.31 -22.10 -14.59
C PRO E 321 -38.16 -23.41 -15.34
N ARG E 322 -38.03 -23.32 -16.66
CA ARG E 322 -37.87 -24.46 -17.54
C ARG E 322 -36.45 -24.48 -18.12
N GLU E 323 -36.20 -25.42 -19.02
CA GLU E 323 -34.93 -25.52 -19.72
C GLU E 323 -35.12 -25.00 -21.11
N TRP E 324 -34.00 -24.64 -21.73
CA TRP E 324 -34.03 -23.81 -22.94
C TRP E 324 -33.32 -24.34 -24.14
N VAL E 325 -32.46 -25.33 -23.88
CA VAL E 325 -31.34 -25.67 -24.76
C VAL E 325 -31.26 -27.17 -25.24
N LYS E 326 -30.42 -27.34 -26.27
CA LYS E 326 -29.93 -28.64 -26.78
C LYS E 326 -29.03 -29.35 -25.75
N ALA F 1 -56.61 -15.40 18.36
CA ALA F 1 -56.14 -14.03 18.75
C ALA F 1 -55.87 -13.93 20.25
N PRO F 2 -54.84 -13.16 20.64
CA PRO F 2 -54.44 -13.02 22.06
C PRO F 2 -55.52 -12.60 23.07
N GLN F 3 -55.82 -13.53 24.00
CA GLN F 3 -56.81 -13.31 25.06
C GLN F 3 -56.24 -12.51 26.23
N ASP F 4 -54.92 -12.54 26.44
CA ASP F 4 -54.29 -11.89 27.63
C ASP F 4 -55.14 -10.73 28.19
N PRO F 5 -55.84 -11.01 29.28
CA PRO F 5 -56.69 -10.00 29.95
C PRO F 5 -56.11 -8.59 30.14
N ARG F 6 -54.79 -8.43 30.14
CA ARG F 6 -54.18 -7.24 30.72
C ARG F 6 -54.37 -5.90 29.97
N ASN F 7 -53.97 -5.84 28.70
CA ASN F 7 -54.17 -4.61 27.88
C ASN F 7 -55.12 -4.85 26.71
N LEU F 8 -55.90 -5.94 26.81
CA LEU F 8 -56.93 -6.31 25.82
C LEU F 8 -58.03 -5.26 25.71
N PRO F 9 -58.24 -4.46 26.77
CA PRO F 9 -58.98 -3.21 26.59
C PRO F 9 -58.39 -2.35 25.45
N ILE F 10 -57.11 -1.99 25.57
CA ILE F 10 -56.50 -1.08 24.61
C ILE F 10 -56.48 -1.69 23.21
N ARG F 11 -56.14 -2.99 23.14
CA ARG F 11 -56.17 -3.73 21.88
C ARG F 11 -57.54 -3.62 21.21
N GLN F 12 -58.58 -4.10 21.85
CA GLN F 12 -59.89 -4.09 21.23
C GLN F 12 -60.32 -2.69 20.84
N GLN F 13 -59.94 -1.70 21.64
CA GLN F 13 -60.25 -0.30 21.35
C GLN F 13 -59.46 0.24 20.14
N MET F 14 -58.20 -0.20 19.99
CA MET F 14 -57.43 0.02 18.73
C MET F 14 -57.97 -0.70 17.49
N GLU F 15 -58.33 -2.00 17.56
CA GLU F 15 -59.01 -2.64 16.41
C GLU F 15 -60.25 -1.84 16.05
N ALA F 16 -61.06 -1.48 17.04
CA ALA F 16 -62.32 -0.81 16.74
C ALA F 16 -62.10 0.62 16.27
N LEU F 17 -61.01 1.24 16.71
CA LEU F 17 -60.74 2.64 16.32
C LEU F 17 -60.38 2.73 14.86
N ILE F 18 -59.55 1.77 14.43
CA ILE F 18 -58.99 1.75 13.07
C ILE F 18 -59.99 1.31 11.99
N ARG F 19 -60.80 0.30 12.27
CA ARG F 19 -61.97 0.00 11.41
C ARG F 19 -62.85 1.23 11.20
N ARG F 20 -63.02 2.02 12.27
CA ARG F 20 -63.97 3.15 12.26
C ARG F 20 -63.33 4.24 11.41
N LYS F 21 -62.04 4.42 11.62
CA LYS F 21 -61.28 5.36 10.84
C LYS F 21 -61.11 4.92 9.39
N GLN F 22 -61.01 3.61 9.16
CA GLN F 22 -60.92 3.07 7.81
C GLN F 22 -62.17 3.36 7.01
N ALA F 23 -63.33 3.21 7.63
CA ALA F 23 -64.58 3.51 6.95
C ALA F 23 -64.70 5.01 6.78
N GLU F 24 -64.32 5.74 7.84
CA GLU F 24 -64.52 7.16 7.92
C GLU F 24 -63.65 7.92 6.92
N ILE F 25 -62.40 7.51 6.88
CA ILE F 25 -61.43 8.11 5.97
C ILE F 25 -61.73 7.78 4.52
N THR F 26 -62.07 6.52 4.23
CA THR F 26 -62.36 6.15 2.83
C THR F 26 -63.56 6.90 2.27
N GLN F 27 -64.61 7.08 3.08
CA GLN F 27 -65.77 7.80 2.57
C GLN F 27 -65.43 9.27 2.26
N GLY F 28 -64.67 9.91 3.15
CA GLY F 28 -64.14 11.25 2.92
C GLY F 28 -63.42 11.42 1.60
N LEU F 29 -62.38 10.61 1.38
CA LEU F 29 -61.67 10.58 0.10
C LEU F 29 -62.57 10.32 -1.15
N GLU F 30 -63.58 9.46 -1.00
CA GLU F 30 -64.55 9.22 -2.08
C GLU F 30 -65.40 10.45 -2.43
N SER F 31 -65.70 11.29 -1.44
CA SER F 31 -66.53 12.49 -1.65
C SER F 31 -65.97 13.43 -2.72
N ILE F 32 -64.67 13.32 -2.97
CA ILE F 32 -63.95 14.18 -3.90
C ILE F 32 -63.43 13.47 -5.15
N ASP F 33 -63.92 12.25 -5.33
CA ASP F 33 -63.61 11.45 -6.50
C ASP F 33 -64.92 10.92 -7.06
N THR F 34 -64.86 10.30 -8.23
CA THR F 34 -66.06 9.77 -8.85
C THR F 34 -66.17 8.26 -8.67
N VAL F 35 -65.47 7.73 -7.66
CA VAL F 35 -65.18 6.30 -7.60
C VAL F 35 -65.09 5.84 -6.12
N LYS F 36 -65.42 4.58 -5.92
CA LYS F 36 -65.57 4.03 -4.58
C LYS F 36 -64.42 3.08 -4.22
N PHE F 37 -64.06 3.08 -2.94
CA PHE F 37 -63.07 2.09 -2.47
C PHE F 37 -63.72 0.74 -2.50
N HIS F 38 -62.89 -0.28 -2.60
CA HIS F 38 -63.33 -1.65 -2.76
C HIS F 38 -62.70 -2.53 -1.70
N ALA F 39 -63.53 -3.39 -1.13
CA ALA F 39 -63.14 -4.16 0.02
C ALA F 39 -62.59 -5.48 -0.41
N ASP F 40 -61.62 -5.89 0.37
CA ASP F 40 -60.86 -7.02 0.07
C ASP F 40 -60.25 -7.61 1.32
N THR F 41 -60.88 -8.66 1.79
CA THR F 41 -60.49 -9.21 3.06
C THR F 41 -59.63 -10.47 2.86
N TRP F 42 -58.55 -10.54 3.62
CA TRP F 42 -57.52 -11.60 3.51
C TRP F 42 -56.95 -12.02 4.90
N THR F 43 -56.07 -13.00 4.86
CA THR F 43 -55.66 -13.64 6.08
C THR F 43 -54.34 -14.38 5.89
N ARG F 44 -53.99 -15.23 6.85
CA ARG F 44 -52.83 -16.12 6.74
C ARG F 44 -53.45 -17.58 6.66
N GLY F 45 -53.22 -18.54 7.55
CA GLY F 45 -52.13 -18.59 8.53
C GLY F 45 -51.80 -20.05 8.80
N ASN F 46 -52.61 -20.75 9.63
CA ASN F 46 -53.87 -20.20 10.20
C ASN F 46 -53.77 -19.19 11.38
N ASP F 47 -54.41 -19.40 12.52
CA ASP F 47 -54.74 -18.26 13.42
C ASP F 47 -53.57 -17.26 13.73
N GLY F 48 -53.10 -16.55 12.69
CA GLY F 48 -52.13 -15.43 12.83
C GLY F 48 -52.78 -14.06 12.58
N GLY F 49 -54.06 -14.12 12.21
CA GLY F 49 -54.89 -12.92 12.02
C GLY F 49 -54.99 -12.66 10.53
N GLY F 50 -55.09 -11.38 10.19
CA GLY F 50 -55.12 -10.99 8.81
C GLY F 50 -55.66 -9.62 8.60
N GLY F 51 -56.39 -9.45 7.51
CA GLY F 51 -56.80 -8.09 7.20
C GLY F 51 -57.90 -7.87 6.21
N THR F 52 -58.26 -6.57 6.16
CA THR F 52 -59.21 -6.00 5.16
C THR F 52 -58.58 -4.81 4.48
N SER F 53 -58.33 -5.00 3.18
CA SER F 53 -57.73 -3.98 2.33
C SER F 53 -58.83 -3.26 1.52
N MET F 54 -58.77 -1.93 1.55
CA MET F 54 -59.64 -1.07 0.70
C MET F 54 -58.83 -0.30 -0.32
N VAL F 55 -59.21 -0.49 -1.57
CA VAL F 55 -58.46 0.07 -2.65
C VAL F 55 -59.35 0.93 -3.53
N ILE F 56 -58.84 2.10 -3.87
CA ILE F 56 -59.45 3.01 -4.85
C ILE F 56 -58.52 3.12 -6.06
N GLN F 57 -59.12 3.04 -7.27
CA GLN F 57 -58.35 3.05 -8.50
C GLN F 57 -58.94 3.86 -9.62
N ASP F 58 -58.06 4.49 -10.41
CA ASP F 58 -58.48 5.15 -11.65
C ASP F 58 -59.63 6.09 -11.40
N GLY F 59 -59.45 7.00 -10.45
CA GLY F 59 -60.40 8.05 -10.22
C GLY F 59 -60.14 9.16 -11.23
N THR F 60 -60.89 10.23 -11.08
CA THR F 60 -60.55 11.49 -11.71
C THR F 60 -59.77 12.32 -10.71
N THR F 61 -59.69 11.86 -9.47
CA THR F 61 -58.85 12.49 -8.46
C THR F 61 -57.65 11.55 -8.16
N PHE F 62 -57.94 10.41 -7.56
CA PHE F 62 -56.93 9.45 -7.06
C PHE F 62 -56.63 8.34 -8.07
N GLU F 63 -55.37 8.26 -8.47
CA GLU F 63 -54.96 7.24 -9.40
C GLU F 63 -54.99 5.87 -8.72
N LYS F 64 -54.55 5.86 -7.46
CA LYS F 64 -54.37 4.65 -6.66
C LYS F 64 -54.33 5.03 -5.21
N GLY F 65 -55.06 4.28 -4.39
CA GLY F 65 -55.10 4.56 -2.94
C GLY F 65 -55.49 3.29 -2.21
N GLY F 66 -54.79 3.04 -1.11
CA GLY F 66 -55.05 1.94 -0.23
C GLY F 66 -55.23 2.43 1.19
N VAL F 67 -56.24 1.92 1.86
CA VAL F 67 -56.49 2.27 3.26
C VAL F 67 -56.76 0.98 3.93
N ASN F 68 -55.71 0.46 4.56
CA ASN F 68 -55.64 -0.94 4.94
C ASN F 68 -55.66 -1.17 6.43
N VAL F 69 -56.30 -2.28 6.80
CA VAL F 69 -56.46 -2.64 8.21
C VAL F 69 -56.08 -4.14 8.40
N SER F 70 -55.21 -4.32 9.38
CA SER F 70 -54.67 -5.61 9.65
C SER F 70 -54.58 -5.84 11.16
N VAL F 71 -54.96 -7.02 11.59
CA VAL F 71 -54.79 -7.45 12.97
C VAL F 71 -54.19 -8.84 12.88
N VAL F 72 -52.97 -8.85 13.37
CA VAL F 72 -52.05 -9.91 13.14
C VAL F 72 -51.29 -10.09 14.47
N TYR F 73 -50.89 -11.33 14.69
CA TYR F 73 -50.42 -11.78 15.98
C TYR F 73 -49.92 -13.23 15.82
N GLY F 74 -49.00 -13.65 16.71
CA GLY F 74 -48.49 -15.02 16.69
C GLY F 74 -46.97 -15.11 16.76
N GLN F 75 -46.40 -16.04 15.98
CA GLN F 75 -44.94 -16.36 15.88
C GLN F 75 -44.14 -15.21 15.27
N LEU F 76 -43.50 -14.37 16.06
CA LEU F 76 -42.70 -13.30 15.49
C LEU F 76 -41.42 -13.86 14.86
N SER F 77 -41.54 -14.36 13.62
CA SER F 77 -40.41 -14.95 12.86
C SER F 77 -39.21 -13.99 12.83
N PRO F 78 -38.01 -14.56 12.70
CA PRO F 78 -36.77 -13.81 13.03
C PRO F 78 -36.43 -12.71 12.02
N ALA F 79 -36.86 -12.89 10.78
CA ALA F 79 -36.57 -11.94 9.72
C ALA F 79 -37.21 -10.53 9.98
N ALA F 80 -38.29 -10.49 10.80
CA ALA F 80 -39.16 -9.31 10.86
C ALA F 80 -38.79 -8.28 11.95
N VAL F 81 -37.88 -8.70 12.84
CA VAL F 81 -37.60 -8.02 14.08
C VAL F 81 -36.97 -6.66 13.76
N SER F 82 -35.94 -6.69 12.90
CA SER F 82 -35.42 -5.49 12.21
C SER F 82 -36.39 -4.27 12.10
N ALA F 83 -37.56 -4.53 11.53
CA ALA F 83 -38.49 -3.49 11.09
C ALA F 83 -39.53 -3.15 12.13
N MET F 84 -40.02 -4.16 12.86
CA MET F 84 -40.96 -4.00 13.97
C MET F 84 -40.95 -2.64 14.64
N LYS F 85 -39.76 -2.15 14.98
CA LYS F 85 -39.64 -0.84 15.59
C LYS F 85 -38.26 -0.28 15.46
N ALA F 86 -38.12 0.99 15.79
CA ALA F 86 -36.88 1.75 15.60
C ALA F 86 -35.74 1.20 16.47
N ASP F 87 -36.12 0.72 17.65
CA ASP F 87 -35.20 0.27 18.68
C ASP F 87 -36.01 -0.74 19.52
N HIS F 88 -35.96 -2.05 19.27
CA HIS F 88 -34.93 -2.78 18.51
C HIS F 88 -33.51 -2.65 19.10
N LYS F 89 -33.00 -3.53 19.80
CA LYS F 89 -33.74 -4.73 20.25
C LYS F 89 -34.02 -4.70 21.75
N ASN F 90 -35.01 -3.90 22.11
CA ASN F 90 -35.55 -3.90 23.46
C ASN F 90 -36.27 -5.24 23.64
N LEU F 91 -35.76 -6.21 23.30
CA LEU F 91 -36.49 -7.47 23.33
C LEU F 91 -35.49 -8.63 23.56
N ARG F 92 -35.06 -9.31 22.48
CA ARG F 92 -33.86 -10.21 22.46
C ARG F 92 -34.07 -11.73 22.74
N LEU F 93 -33.18 -12.55 22.14
CA LEU F 93 -33.33 -14.02 22.08
C LEU F 93 -32.08 -14.91 21.76
N PRO F 94 -30.98 -14.86 22.54
CA PRO F 94 -29.99 -16.02 22.62
C PRO F 94 -29.72 -16.89 23.96
N GLU F 95 -30.65 -17.77 24.41
CA GLU F 95 -30.33 -18.98 25.23
C GLU F 95 -29.55 -20.01 24.36
N ASP F 96 -28.24 -20.05 24.57
CA ASP F 96 -27.25 -20.61 23.60
C ASP F 96 -27.25 -22.17 23.43
N PRO F 97 -27.58 -22.66 22.22
CA PRO F 97 -27.33 -24.08 21.83
C PRO F 97 -25.84 -24.45 21.59
N LYS F 98 -25.56 -25.55 20.89
CA LYS F 98 -24.18 -26.02 20.73
C LYS F 98 -23.44 -25.31 19.56
N THR F 99 -22.30 -24.68 19.93
CA THR F 99 -21.35 -23.90 19.05
C THR F 99 -21.80 -22.44 18.62
N GLY F 100 -22.55 -22.26 17.52
CA GLY F 100 -22.56 -20.95 16.78
C GLY F 100 -23.74 -19.97 16.69
N LEU F 101 -24.51 -20.06 15.59
CA LEU F 101 -25.43 -19.00 15.12
C LEU F 101 -26.69 -18.83 16.01
N PRO F 102 -26.91 -17.62 16.53
CA PRO F 102 -27.63 -17.45 17.78
C PRO F 102 -29.01 -16.73 17.76
N VAL F 103 -28.97 -15.41 17.59
CA VAL F 103 -29.91 -14.48 18.22
C VAL F 103 -31.21 -14.27 17.43
N THR F 104 -32.27 -14.94 17.92
CA THR F 104 -33.70 -14.81 17.50
C THR F 104 -34.48 -16.15 17.85
N ASP F 105 -35.59 -16.49 17.14
CA ASP F 105 -36.41 -17.78 17.25
C ASP F 105 -37.98 -17.70 17.50
N GLY F 106 -38.43 -18.06 18.71
CA GLY F 106 -39.83 -18.55 18.97
C GLY F 106 -40.61 -18.05 20.22
N VAL F 107 -41.33 -16.94 20.00
CA VAL F 107 -41.91 -16.05 21.03
C VAL F 107 -43.29 -15.52 20.45
N LYS F 108 -43.77 -14.34 20.90
CA LYS F 108 -45.18 -13.93 20.67
C LYS F 108 -45.50 -12.40 20.57
N PHE F 109 -46.02 -11.97 19.57
CA PHE F 109 -46.39 -10.60 19.19
C PHE F 109 -47.88 -10.42 18.80
N PHE F 110 -48.33 -9.17 18.94
CA PHE F 110 -49.60 -8.71 18.39
C PHE F 110 -49.42 -7.31 17.77
N ALA F 111 -49.92 -7.17 16.55
CA ALA F 111 -50.10 -5.87 15.91
C ALA F 111 -51.46 -5.77 15.20
N CYS F 112 -52.09 -4.63 15.42
CA CYS F 112 -53.14 -4.16 14.58
C CYS F 112 -52.84 -2.73 14.27
N GLY F 113 -53.23 -2.32 13.08
CA GLY F 113 -52.95 -0.97 12.63
C GLY F 113 -53.59 -0.69 11.29
N LEU F 114 -53.71 0.61 11.06
CA LEU F 114 -54.13 1.15 9.80
C LEU F 114 -52.89 1.61 9.06
N SER F 115 -52.88 1.31 7.76
CA SER F 115 -51.84 1.75 6.84
C SER F 115 -52.49 2.31 5.59
N MET F 116 -52.12 3.50 5.21
CA MET F 116 -52.65 4.00 3.99
C MET F 116 -51.66 4.89 3.20
N VAL F 117 -51.70 4.65 1.88
CA VAL F 117 -51.06 5.52 0.91
C VAL F 117 -52.13 5.92 -0.10
N ILE F 118 -52.03 7.15 -0.57
CA ILE F 118 -52.95 7.67 -1.58
C ILE F 118 -52.10 8.43 -2.57
N HIS F 119 -52.24 8.13 -3.85
CA HIS F 119 -51.55 8.84 -4.90
C HIS F 119 -52.56 9.46 -5.88
N PRO F 120 -52.70 10.78 -5.81
CA PRO F 120 -53.47 11.54 -6.81
C PRO F 120 -52.96 11.50 -8.28
N VAL F 121 -53.94 11.56 -9.20
CA VAL F 121 -53.72 11.68 -10.62
C VAL F 121 -52.98 12.97 -10.97
N ASN F 122 -53.40 14.08 -10.37
CA ASN F 122 -52.86 15.43 -10.72
C ASN F 122 -51.50 15.63 -10.01
N PRO F 123 -50.46 15.87 -10.80
CA PRO F 123 -49.11 16.20 -10.30
C PRO F 123 -49.10 17.18 -9.16
N HIS F 124 -49.99 18.16 -9.27
CA HIS F 124 -50.05 19.30 -8.38
C HIS F 124 -50.61 18.89 -7.03
N ALA F 125 -51.39 17.80 -6.99
CA ALA F 125 -51.96 17.21 -5.77
C ALA F 125 -51.03 16.11 -5.23
N PRO F 126 -50.67 16.22 -3.94
CA PRO F 126 -49.68 15.36 -3.32
C PRO F 126 -50.18 13.98 -2.91
N THR F 127 -49.25 13.04 -2.97
CA THR F 127 -49.37 11.75 -2.34
C THR F 127 -49.35 11.99 -0.85
N THR F 128 -49.78 11.01 -0.08
CA THR F 128 -49.76 11.15 1.36
C THR F 128 -49.83 9.82 2.01
N HIS F 129 -49.18 9.68 3.15
CA HIS F 129 -49.20 8.41 3.86
C HIS F 129 -49.74 8.66 5.26
N LEU F 130 -50.32 7.61 5.83
CA LEU F 130 -50.77 7.62 7.21
C LEU F 130 -50.72 6.19 7.82
N ASN F 131 -50.26 6.09 9.04
CA ASN F 131 -50.21 4.78 9.74
C ASN F 131 -50.42 5.05 11.25
N TYR F 132 -51.20 4.20 11.89
CA TYR F 132 -51.38 4.19 13.36
C TYR F 132 -51.59 2.73 13.71
N ARG F 133 -50.77 2.24 14.62
CA ARG F 133 -50.83 0.85 14.98
C ARG F 133 -50.47 0.66 16.44
N TYR F 134 -50.95 -0.43 17.01
CA TYR F 134 -50.44 -0.86 18.29
C TYR F 134 -49.82 -2.25 18.13
N PHE F 135 -48.63 -2.34 18.73
CA PHE F 135 -47.82 -3.54 18.85
C PHE F 135 -47.75 -3.95 20.31
N GLU F 136 -47.88 -5.24 20.57
CA GLU F 136 -47.55 -5.76 21.90
C GLU F 136 -46.82 -7.08 21.81
N THR F 137 -45.90 -7.26 22.75
CA THR F 137 -45.05 -8.44 22.77
C THR F 137 -45.15 -9.12 24.11
N TRP F 138 -44.96 -10.43 24.06
CA TRP F 138 -45.04 -11.32 25.20
C TRP F 138 -43.64 -11.91 25.43
N ASN F 139 -43.40 -12.61 26.53
CA ASN F 139 -42.13 -13.37 26.69
C ASN F 139 -42.33 -14.78 26.21
N GLN F 140 -41.22 -15.50 26.11
CA GLN F 140 -41.19 -16.91 25.72
C GLN F 140 -42.28 -17.73 26.43
N ASP F 141 -42.39 -17.51 27.74
CA ASP F 141 -43.25 -18.30 28.65
C ASP F 141 -44.73 -17.87 28.74
N GLY F 142 -45.22 -17.16 27.72
CA GLY F 142 -46.62 -16.71 27.65
C GLY F 142 -46.85 -15.43 28.41
N THR F 143 -45.77 -14.92 28.97
CA THR F 143 -45.86 -13.86 29.96
C THR F 143 -45.91 -12.51 29.26
N PRO F 144 -46.26 -11.47 30.02
CA PRO F 144 -46.27 -10.11 29.50
C PRO F 144 -44.88 -9.57 29.21
N GLN F 145 -44.62 -9.08 27.99
CA GLN F 145 -43.37 -8.36 27.68
C GLN F 145 -43.61 -6.86 27.48
N THR F 146 -43.92 -6.40 26.27
CA THR F 146 -44.03 -4.96 26.05
C THR F 146 -45.13 -4.60 25.09
N TRP F 147 -45.34 -3.29 24.95
CA TRP F 147 -46.16 -2.74 23.89
C TRP F 147 -45.74 -1.28 23.67
N TRP F 148 -46.20 -0.74 22.53
CA TRP F 148 -45.87 0.59 22.09
C TRP F 148 -46.78 0.95 20.93
N PHE F 149 -46.83 2.25 20.70
CA PHE F 149 -47.52 2.87 19.57
C PHE F 149 -46.52 3.32 18.49
N GLY F 150 -46.89 3.06 17.25
CA GLY F 150 -46.24 3.66 16.10
C GLY F 150 -47.23 4.60 15.43
N GLY F 151 -46.75 5.46 14.55
CA GLY F 151 -47.65 6.08 13.62
C GLY F 151 -47.32 7.42 13.06
N GLY F 152 -48.25 7.91 12.26
CA GLY F 152 -48.18 9.25 11.76
C GLY F 152 -48.81 9.41 10.40
N ALA F 153 -48.66 10.61 9.88
CA ALA F 153 -49.08 10.96 8.55
C ALA F 153 -48.06 11.96 8.00
N ASP F 154 -47.74 11.77 6.73
CA ASP F 154 -46.77 12.61 6.07
C ASP F 154 -47.32 13.10 4.74
N LEU F 155 -46.59 14.04 4.14
CA LEU F 155 -47.04 14.61 2.88
C LEU F 155 -45.91 14.62 1.84
N THR F 156 -46.25 14.16 0.64
CA THR F 156 -45.29 13.98 -0.43
C THR F 156 -45.81 14.73 -1.67
N PRO F 157 -45.57 16.03 -1.66
CA PRO F 157 -45.82 16.84 -2.85
C PRO F 157 -44.87 16.55 -4.00
N SER F 158 -45.32 16.91 -5.20
CA SER F 158 -44.40 17.02 -6.32
C SER F 158 -44.16 18.51 -6.67
N TYR F 159 -45.19 19.33 -6.55
CA TYR F 159 -45.06 20.75 -6.63
C TYR F 159 -45.46 21.30 -5.23
N LEU F 160 -44.58 22.12 -4.65
CA LEU F 160 -44.80 22.70 -3.33
C LEU F 160 -45.82 23.82 -3.43
N TYR F 161 -46.81 23.73 -2.57
CA TYR F 161 -47.66 24.84 -2.30
C TYR F 161 -47.51 25.07 -0.81
N GLU F 162 -47.00 26.25 -0.50
CA GLU F 162 -46.84 26.75 0.88
C GLU F 162 -48.00 26.41 1.82
N GLU F 163 -49.20 26.85 1.43
CA GLU F 163 -50.45 26.61 2.18
C GLU F 163 -50.68 25.15 2.61
N ASP F 164 -50.49 24.22 1.67
CA ASP F 164 -50.72 22.78 1.87
C ASP F 164 -49.84 22.26 3.01
N GLY F 165 -48.53 22.45 2.87
CA GLY F 165 -47.57 22.02 3.91
C GLY F 165 -47.84 22.70 5.24
N GLN F 166 -48.23 23.98 5.17
CA GLN F 166 -48.60 24.73 6.38
C GLN F 166 -49.85 24.15 7.06
N LEU F 167 -50.91 23.98 6.27
CA LEU F 167 -52.13 23.35 6.73
C LEU F 167 -51.88 21.96 7.32
N PHE F 168 -51.11 21.15 6.61
CA PHE F 168 -50.93 19.76 6.98
C PHE F 168 -50.24 19.76 8.35
N HIS F 169 -49.10 20.43 8.37
CA HIS F 169 -48.27 20.51 9.57
C HIS F 169 -49.01 21.13 10.77
N GLN F 170 -49.84 22.13 10.54
CA GLN F 170 -50.59 22.80 11.62
C GLN F 170 -51.66 21.94 12.28
N LEU F 171 -52.55 21.32 11.49
CA LEU F 171 -53.67 20.56 12.08
C LEU F 171 -53.17 19.37 12.83
N HIS F 172 -51.99 18.89 12.46
CA HIS F 172 -51.31 17.83 13.19
C HIS F 172 -50.73 18.39 14.50
N LYS F 173 -50.12 19.57 14.44
CA LYS F 173 -49.73 20.32 15.64
C LYS F 173 -50.96 20.47 16.56
N ASP F 174 -51.99 21.16 16.09
CA ASP F 174 -53.20 21.35 16.87
C ASP F 174 -53.61 20.08 17.62
N ALA F 175 -53.54 18.96 16.92
CA ALA F 175 -53.98 17.68 17.47
C ALA F 175 -53.08 17.29 18.63
N LEU F 176 -51.76 17.32 18.41
CA LEU F 176 -50.81 16.86 19.43
C LEU F 176 -50.77 17.86 20.56
N ASP F 177 -50.75 19.16 20.22
CA ASP F 177 -50.88 20.27 21.19
C ASP F 177 -51.82 20.05 22.38
N LYS F 178 -52.90 19.31 22.17
CA LYS F 178 -53.87 19.06 23.21
C LYS F 178 -53.31 18.13 24.32
N HIS F 179 -52.34 17.31 23.94
CA HIS F 179 -51.67 16.40 24.85
C HIS F 179 -50.28 16.81 25.23
N ASP F 180 -49.61 17.56 24.35
CA ASP F 180 -48.26 18.03 24.63
C ASP F 180 -47.85 18.97 23.54
N THR F 181 -47.49 20.19 23.97
CA THR F 181 -46.80 21.17 23.12
C THR F 181 -45.34 20.75 22.82
N ALA F 182 -44.84 19.77 23.55
CA ALA F 182 -43.54 19.15 23.25
C ALA F 182 -43.51 18.14 22.08
N LEU F 183 -44.65 17.53 21.74
CA LEU F 183 -44.64 16.36 20.83
C LEU F 183 -44.47 16.67 19.33
N TYR F 184 -45.15 17.70 18.83
CA TYR F 184 -44.98 18.05 17.41
C TYR F 184 -43.50 18.25 17.09
N PRO F 185 -42.80 19.16 17.79
CA PRO F 185 -41.37 19.39 17.54
C PRO F 185 -40.59 18.10 17.40
N ARG F 186 -40.84 17.20 18.35
CA ARG F 186 -40.18 15.91 18.45
C ARG F 186 -40.56 15.08 17.26
N PHE F 187 -41.87 14.95 17.05
CA PHE F 187 -42.39 14.05 16.00
C PHE F 187 -42.20 14.56 14.57
N LYS F 188 -42.06 15.88 14.42
CA LYS F 188 -41.87 16.53 13.13
C LYS F 188 -40.41 16.40 12.70
N LYS F 189 -39.51 16.61 13.67
CA LYS F 189 -38.08 16.40 13.44
C LYS F 189 -37.81 14.91 13.17
N TRP F 190 -38.53 14.05 13.85
CA TRP F 190 -38.46 12.62 13.58
C TRP F 190 -38.97 12.32 12.13
N CYS F 191 -40.06 13.00 11.75
CA CYS F 191 -40.67 12.82 10.45
C CYS F 191 -39.65 13.12 9.37
N ASP F 192 -39.03 14.29 9.47
CA ASP F 192 -37.91 14.65 8.59
C ASP F 192 -36.80 13.63 8.57
N GLU F 193 -36.57 12.93 9.66
CA GLU F 193 -35.42 12.00 9.69
C GLU F 193 -35.74 10.64 9.09
N TYR F 194 -36.94 10.14 9.38
CA TYR F 194 -37.30 8.79 8.97
C TYR F 194 -37.37 8.51 7.46
N PHE F 195 -38.00 9.46 6.71
CA PHE F 195 -38.26 9.31 5.25
C PHE F 195 -37.16 9.88 4.32
N TYR F 196 -36.03 10.22 4.91
CA TYR F 196 -34.80 10.53 4.21
C TYR F 196 -34.36 9.28 3.42
N ILE F 197 -34.12 9.50 2.13
CA ILE F 197 -33.67 8.45 1.24
C ILE F 197 -32.19 8.70 1.24
N THR F 198 -31.44 7.76 1.81
CA THR F 198 -30.05 8.03 2.20
C THR F 198 -29.24 8.31 0.94
N HIS F 199 -29.33 7.35 0.01
CA HIS F 199 -28.56 7.36 -1.24
C HIS F 199 -28.99 8.46 -2.19
N ARG F 200 -30.16 9.04 -1.94
CA ARG F 200 -30.60 10.19 -2.68
C ARG F 200 -30.32 11.44 -1.90
N LYS F 201 -29.92 11.31 -0.63
CA LYS F 201 -29.54 12.52 0.15
C LYS F 201 -30.72 13.55 0.25
N GLU F 202 -31.94 13.01 0.38
CA GLU F 202 -33.19 13.84 0.45
C GLU F 202 -34.37 13.00 0.95
N THR F 203 -35.35 13.62 1.59
CA THR F 203 -36.58 12.91 1.91
C THR F 203 -37.48 12.84 0.69
N ARG F 204 -38.43 11.93 0.71
CA ARG F 204 -39.39 11.83 -0.39
C ARG F 204 -40.35 13.06 -0.48
N GLY F 205 -40.76 13.61 0.69
CA GLY F 205 -41.74 14.69 0.78
C GLY F 205 -41.31 15.81 1.73
N ILE F 206 -42.30 16.48 2.31
CA ILE F 206 -42.10 17.52 3.33
C ILE F 206 -42.54 17.02 4.71
N GLY F 207 -42.59 15.70 4.85
CA GLY F 207 -42.75 15.08 6.14
C GLY F 207 -44.13 15.28 6.73
N GLY F 208 -44.14 15.89 7.91
CA GLY F 208 -45.33 15.99 8.75
C GLY F 208 -44.87 15.56 10.13
N ILE F 209 -45.48 14.47 10.62
CA ILE F 209 -45.17 13.90 11.92
C ILE F 209 -45.08 12.38 11.79
N PHE F 210 -44.11 11.81 12.50
CA PHE F 210 -43.91 10.39 12.52
C PHE F 210 -43.62 10.01 13.97
N PHE F 211 -43.85 8.76 14.30
CA PHE F 211 -43.38 8.22 15.57
C PHE F 211 -43.50 6.71 15.69
N ASP F 212 -42.72 6.20 16.64
CA ASP F 212 -42.67 4.81 16.96
C ASP F 212 -42.13 4.64 18.38
N ASP F 213 -42.16 3.42 18.89
CA ASP F 213 -41.73 3.06 20.26
C ASP F 213 -42.44 3.80 21.40
N TYR F 214 -43.53 4.50 21.08
CA TYR F 214 -44.17 5.37 22.05
C TYR F 214 -44.95 4.54 23.08
N ASP F 215 -44.50 4.62 24.33
CA ASP F 215 -45.20 3.99 25.48
C ASP F 215 -45.15 4.88 26.72
N GLU F 216 -45.22 6.21 26.53
CA GLU F 216 -44.80 7.17 27.56
C GLU F 216 -45.91 7.66 28.51
N ARG F 217 -47.01 8.17 27.95
CA ARG F 217 -48.21 8.44 28.76
C ARG F 217 -49.01 7.14 28.88
N ASP F 218 -50.16 7.21 29.55
CA ASP F 218 -51.08 6.05 29.69
C ASP F 218 -51.65 5.68 28.30
N PRO F 219 -51.72 4.38 27.98
CA PRO F 219 -52.34 3.93 26.73
C PRO F 219 -53.58 4.75 26.31
N GLN F 220 -54.50 4.97 27.25
CA GLN F 220 -55.75 5.71 26.99
C GLN F 220 -55.57 7.22 26.64
N GLU F 221 -54.40 7.77 26.95
CA GLU F 221 -54.06 9.15 26.52
C GLU F 221 -53.42 9.18 25.16
N ILE F 222 -52.71 8.10 24.82
CA ILE F 222 -52.12 7.93 23.48
C ILE F 222 -53.22 7.58 22.47
N LEU F 223 -54.13 6.67 22.86
CA LEU F 223 -55.37 6.41 22.09
C LEU F 223 -56.14 7.70 21.83
N LYS F 224 -56.19 8.58 22.82
CA LYS F 224 -56.86 9.88 22.68
C LYS F 224 -55.94 10.87 21.96
N MET F 225 -54.67 10.52 21.84
CA MET F 225 -53.80 11.24 20.91
C MET F 225 -54.02 10.68 19.49
N VAL F 226 -53.77 9.38 19.34
CA VAL F 226 -53.98 8.65 18.06
C VAL F 226 -55.24 9.19 17.37
N GLU F 227 -56.37 9.10 18.08
CA GLU F 227 -57.67 9.56 17.58
C GLU F 227 -57.61 11.01 17.07
N ASP F 228 -57.13 11.89 17.97
CA ASP F 228 -57.03 13.33 17.69
C ASP F 228 -56.07 13.63 16.53
N CYS F 229 -55.07 12.75 16.39
CA CYS F 229 -54.15 12.76 15.24
C CYS F 229 -54.84 12.34 13.93
N PHE F 230 -55.43 11.14 13.96
CA PHE F 230 -56.43 10.72 12.97
C PHE F 230 -57.31 11.87 12.44
N ASP F 231 -57.70 12.80 13.32
CA ASP F 231 -58.69 13.84 12.94
C ASP F 231 -58.11 15.04 12.15
N ALA F 232 -56.79 15.17 12.16
CA ALA F 232 -56.09 16.20 11.37
C ALA F 232 -55.97 15.88 9.83
N PHE F 233 -56.28 14.63 9.47
CA PHE F 233 -56.07 14.18 8.12
C PHE F 233 -57.11 14.76 7.11
N LEU F 234 -58.38 14.38 7.26
CA LEU F 234 -59.41 14.78 6.29
C LEU F 234 -59.49 16.30 6.07
N PRO F 235 -59.49 17.09 7.17
CA PRO F 235 -59.56 18.57 7.11
C PRO F 235 -58.37 19.24 6.38
N SER F 236 -57.19 18.67 6.59
CA SER F 236 -56.02 19.07 5.80
C SER F 236 -56.15 18.48 4.39
N TYR F 237 -56.22 17.16 4.30
CA TYR F 237 -55.91 16.51 3.01
C TYR F 237 -56.96 16.78 1.93
N LEU F 238 -58.23 16.88 2.34
CA LEU F 238 -59.34 17.10 1.39
C LEU F 238 -59.36 18.55 0.85
N THR F 239 -59.12 19.52 1.72
CA THR F 239 -58.93 20.93 1.28
C THR F 239 -57.81 20.98 0.26
N ILE F 240 -56.62 20.53 0.67
CA ILE F 240 -55.46 20.33 -0.23
C ILE F 240 -55.85 19.73 -1.62
N VAL F 241 -56.35 18.50 -1.60
CA VAL F 241 -56.66 17.88 -2.87
C VAL F 241 -57.69 18.71 -3.67
N LYS F 242 -58.75 19.19 -2.97
CA LYS F 242 -59.87 19.90 -3.63
C LYS F 242 -59.36 21.05 -4.44
N ARG F 243 -58.34 21.74 -3.88
CA ARG F 243 -57.73 22.92 -4.51
C ARG F 243 -56.58 22.62 -5.49
N ARG F 244 -56.04 21.41 -5.49
CA ARG F 244 -54.92 21.07 -6.39
C ARG F 244 -55.33 20.22 -7.59
N LYS F 245 -56.42 19.49 -7.46
CA LYS F 245 -56.75 18.44 -8.43
C LYS F 245 -57.25 18.96 -9.77
N ASP F 246 -57.92 20.12 -9.78
CA ASP F 246 -58.40 20.74 -11.04
C ASP F 246 -57.47 21.84 -11.55
N MET F 247 -56.27 21.99 -10.95
CA MET F 247 -55.21 22.78 -11.59
C MET F 247 -54.85 22.20 -12.97
N PRO F 248 -54.53 23.06 -13.93
CA PRO F 248 -53.99 22.54 -15.20
C PRO F 248 -52.61 21.91 -15.00
N TYR F 249 -52.31 20.85 -15.77
CA TYR F 249 -50.95 20.29 -15.83
C TYR F 249 -50.44 19.93 -17.23
N THR F 250 -49.13 19.95 -17.35
CA THR F 250 -48.45 19.71 -18.60
C THR F 250 -47.82 18.36 -18.56
N LYS F 251 -47.30 17.94 -19.70
CA LYS F 251 -46.57 16.70 -19.79
C LYS F 251 -45.29 16.80 -18.90
N GLU F 252 -44.66 17.97 -18.88
CA GLU F 252 -43.43 18.16 -18.10
C GLU F 252 -43.68 17.82 -16.66
N GLU F 253 -44.84 18.21 -16.18
CA GLU F 253 -45.14 18.12 -14.78
C GLU F 253 -45.45 16.71 -14.33
N GLN F 254 -46.17 16.00 -15.21
CA GLN F 254 -46.53 14.64 -15.02
C GLN F 254 -45.25 13.78 -15.00
N GLN F 255 -44.24 14.21 -15.77
CA GLN F 255 -42.94 13.57 -15.72
C GLN F 255 -42.29 13.83 -14.41
N TRP F 256 -42.32 15.06 -13.91
CA TRP F 256 -41.72 15.35 -12.59
C TRP F 256 -42.38 14.51 -11.51
N GLN F 257 -43.70 14.40 -11.66
CA GLN F 257 -44.54 13.58 -10.75
C GLN F 257 -44.06 12.16 -10.73
N ALA F 258 -43.88 11.62 -11.95
CA ALA F 258 -43.40 10.28 -12.16
C ALA F 258 -42.00 10.01 -11.58
N ILE F 259 -41.15 11.02 -11.58
CA ILE F 259 -39.78 10.89 -11.02
C ILE F 259 -39.79 10.81 -9.49
N ARG F 260 -40.70 11.58 -8.92
CA ARG F 260 -40.94 11.61 -7.48
C ARG F 260 -41.53 10.30 -7.03
N ARG F 261 -42.51 9.81 -7.79
CA ARG F 261 -43.04 8.44 -7.56
C ARG F 261 -41.92 7.36 -7.57
N GLY F 262 -40.89 7.54 -8.40
CA GLY F 262 -39.73 6.62 -8.38
C GLY F 262 -38.86 6.72 -7.15
N ARG F 263 -38.74 7.95 -6.64
CA ARG F 263 -38.12 8.21 -5.32
C ARG F 263 -38.94 7.56 -4.22
N TYR F 264 -40.26 7.73 -4.31
CA TYR F 264 -41.21 7.09 -3.38
C TYR F 264 -41.07 5.57 -3.33
N VAL F 265 -40.97 4.98 -4.53
CA VAL F 265 -40.76 3.56 -4.64
C VAL F 265 -39.40 3.14 -4.04
N GLU F 266 -38.34 3.85 -4.39
CA GLU F 266 -37.02 3.62 -3.78
C GLU F 266 -37.02 3.65 -2.26
N PHE F 267 -37.64 4.68 -1.67
CA PHE F 267 -37.77 4.65 -0.23
C PHE F 267 -38.46 3.40 0.31
N ASN F 268 -39.61 3.03 -0.27
CA ASN F 268 -40.37 1.87 0.27
C ASN F 268 -39.78 0.51 0.12
N LEU F 269 -38.98 0.27 -0.92
CA LEU F 269 -38.39 -1.05 -1.14
C LEU F 269 -36.99 -1.11 -0.49
N ILE F 270 -36.43 0.03 -0.15
CA ILE F 270 -35.16 0.02 0.58
C ILE F 270 -35.32 0.31 2.11
N TYR F 271 -35.87 1.48 2.45
CA TYR F 271 -35.80 2.10 3.79
C TYR F 271 -37.01 1.92 4.74
N ASP F 272 -38.23 2.00 4.20
CA ASP F 272 -39.50 1.91 4.95
C ASP F 272 -39.62 0.56 5.70
N ARG F 273 -39.80 0.68 7.01
CA ARG F 273 -39.77 -0.46 7.93
C ARG F 273 -41.04 -1.28 7.77
N GLY F 274 -42.19 -0.61 7.63
CA GLY F 274 -43.48 -1.30 7.48
C GLY F 274 -43.46 -2.29 6.33
N THR F 275 -43.02 -1.84 5.18
CA THR F 275 -42.96 -2.68 3.98
C THR F 275 -42.13 -3.93 4.19
N GLN F 276 -40.93 -3.71 4.69
CA GLN F 276 -40.00 -4.78 4.93
C GLN F 276 -40.55 -5.65 6.09
N PHE F 277 -41.19 -5.02 7.07
CA PHE F 277 -41.83 -5.74 8.15
C PHE F 277 -42.91 -6.70 7.62
N GLY F 278 -43.79 -6.17 6.77
CA GLY F 278 -44.86 -6.96 6.15
C GLY F 278 -44.36 -8.08 5.24
N LEU F 279 -43.33 -7.80 4.48
CA LEU F 279 -42.73 -8.79 3.59
C LEU F 279 -41.97 -9.89 4.34
N ARG F 280 -41.30 -9.51 5.43
CA ARG F 280 -40.50 -10.47 6.19
C ARG F 280 -41.39 -11.12 7.27
N THR F 281 -42.71 -10.87 7.18
CA THR F 281 -43.72 -11.58 7.98
C THR F 281 -44.43 -12.58 7.05
N PRO F 282 -44.41 -13.86 7.39
CA PRO F 282 -45.01 -14.89 6.50
C PRO F 282 -46.53 -14.89 6.56
N GLY F 283 -47.11 -15.42 5.48
CA GLY F 283 -48.55 -15.40 5.24
C GLY F 283 -49.17 -14.05 4.88
N SER F 284 -48.39 -12.96 4.95
CA SER F 284 -48.96 -11.68 4.60
C SER F 284 -49.33 -11.57 3.12
N ARG F 285 -50.14 -10.57 2.82
CA ARG F 285 -50.67 -10.43 1.46
C ARG F 285 -49.84 -9.39 0.80
N VAL F 286 -49.03 -9.84 -0.16
CA VAL F 286 -48.09 -8.95 -0.86
C VAL F 286 -48.83 -7.80 -1.55
N GLU F 287 -49.97 -8.11 -2.15
CA GLU F 287 -50.77 -7.10 -2.85
C GLU F 287 -51.23 -5.98 -1.94
N SER F 288 -51.57 -6.32 -0.71
CA SER F 288 -51.84 -5.36 0.34
C SER F 288 -50.61 -4.55 0.78
N ILE F 289 -49.51 -5.25 1.04
CA ILE F 289 -48.33 -4.58 1.54
C ILE F 289 -47.91 -3.47 0.53
N LEU F 290 -47.86 -3.87 -0.75
CA LEU F 290 -47.31 -3.10 -1.84
C LEU F 290 -48.30 -2.11 -2.57
N MET F 291 -49.56 -2.05 -2.13
CA MET F 291 -50.40 -0.93 -2.52
C MET F 291 -49.79 0.45 -2.22
N SER F 292 -48.77 0.54 -1.35
CA SER F 292 -48.03 1.78 -1.12
C SER F 292 -47.44 2.33 -2.44
N LEU F 293 -47.21 1.41 -3.39
CA LEU F 293 -46.50 1.73 -4.60
C LEU F 293 -47.49 2.36 -5.54
N PRO F 294 -47.05 3.38 -6.28
CA PRO F 294 -47.95 4.10 -7.17
C PRO F 294 -48.17 3.28 -8.41
N GLU F 295 -49.24 3.61 -9.15
CA GLU F 295 -49.54 2.90 -10.42
C GLU F 295 -48.45 3.12 -11.43
N HIS F 296 -47.80 4.27 -11.38
CA HIS F 296 -46.70 4.58 -12.34
C HIS F 296 -45.55 5.17 -11.64
N ALA F 297 -44.34 4.72 -11.93
CA ALA F 297 -43.14 5.51 -11.56
C ALA F 297 -42.18 5.59 -12.76
N SER F 298 -41.28 6.59 -12.72
CA SER F 298 -40.18 6.74 -13.71
C SER F 298 -38.76 6.94 -13.12
N TRP F 299 -37.77 6.44 -13.86
CA TRP F 299 -36.37 6.70 -13.55
C TRP F 299 -35.69 7.23 -14.78
N LEU F 300 -35.20 8.46 -14.62
CA LEU F 300 -34.49 9.20 -15.65
C LEU F 300 -33.03 9.28 -15.29
N TYR F 301 -32.17 9.05 -16.27
CA TYR F 301 -30.74 9.07 -15.98
C TYR F 301 -30.26 10.48 -15.56
N ASN F 302 -29.57 10.53 -14.43
CA ASN F 302 -28.96 11.75 -13.94
C ASN F 302 -29.82 13.01 -14.20
N HIS F 303 -31.05 13.01 -13.68
CA HIS F 303 -32.00 14.09 -13.95
C HIS F 303 -31.68 15.22 -13.00
N HIS F 304 -31.80 16.46 -13.49
CA HIS F 304 -31.70 17.63 -12.62
C HIS F 304 -32.61 18.71 -13.04
N PRO F 305 -33.29 19.32 -12.05
CA PRO F 305 -34.16 20.47 -12.34
C PRO F 305 -33.38 21.76 -12.56
N ALA F 306 -33.88 22.60 -13.48
CA ALA F 306 -33.28 23.90 -13.80
C ALA F 306 -33.21 24.75 -12.54
N PRO F 307 -32.14 25.53 -12.40
CA PRO F 307 -32.09 26.58 -11.34
C PRO F 307 -33.34 27.46 -11.36
N GLY F 308 -33.85 27.82 -10.20
CA GLY F 308 -35.05 28.69 -10.10
C GLY F 308 -36.41 28.03 -10.25
N SER F 309 -36.44 26.81 -10.80
CA SER F 309 -37.67 26.08 -11.10
C SER F 309 -38.43 25.62 -9.87
N ARG F 310 -39.75 25.46 -10.06
CA ARG F 310 -40.64 24.84 -9.04
C ARG F 310 -40.10 23.49 -8.57
N GLU F 311 -39.47 22.75 -9.48
CA GLU F 311 -38.95 21.42 -9.16
C GLU F 311 -37.73 21.57 -8.28
N ALA F 312 -36.81 22.41 -8.73
CA ALA F 312 -35.62 22.80 -7.97
C ALA F 312 -36.00 23.32 -6.60
N LYS F 313 -37.04 24.16 -6.56
CA LYS F 313 -37.65 24.58 -5.27
C LYS F 313 -38.12 23.43 -4.34
N LEU F 314 -38.84 22.42 -4.87
CA LEU F 314 -39.10 21.18 -4.10
C LEU F 314 -37.79 20.53 -3.60
N LEU F 315 -36.80 20.46 -4.48
CA LEU F 315 -35.51 19.90 -4.08
C LEU F 315 -34.87 20.71 -2.95
N GLU F 316 -35.15 22.01 -2.88
CA GLU F 316 -34.64 22.79 -1.75
C GLU F 316 -35.12 22.21 -0.38
N VAL F 317 -36.41 21.93 -0.25
CA VAL F 317 -37.00 21.62 1.06
C VAL F 317 -36.79 20.15 1.46
N THR F 318 -36.57 19.35 0.45
CA THR F 318 -36.51 17.91 0.60
C THR F 318 -35.07 17.50 1.06
N THR F 319 -34.08 18.20 0.51
CA THR F 319 -32.69 18.10 0.87
C THR F 319 -32.42 18.88 2.14
N LYS F 320 -33.18 19.98 2.36
CA LYS F 320 -33.06 20.77 3.58
C LYS F 320 -34.45 21.12 4.11
N PRO F 321 -34.95 20.30 5.03
CA PRO F 321 -36.30 20.44 5.57
C PRO F 321 -36.58 21.80 6.23
N ARG F 322 -37.83 22.20 6.30
CA ARG F 322 -38.14 23.45 6.92
C ARG F 322 -39.29 23.29 7.85
N GLU F 323 -39.47 24.34 8.67
CA GLU F 323 -40.65 24.47 9.49
C GLU F 323 -41.73 25.11 8.65
N TRP F 324 -42.95 24.94 9.12
CA TRP F 324 -44.15 25.22 8.33
C TRP F 324 -45.25 25.83 9.18
N VAL F 325 -45.05 25.89 10.49
CA VAL F 325 -46.14 26.03 11.47
C VAL F 325 -46.03 27.34 12.31
N LYS F 326 -46.70 27.34 13.47
CA LYS F 326 -46.63 28.39 14.48
C LYS F 326 -45.45 28.18 15.45
S SO4 G . -18.71 26.82 -34.56
O1 SO4 G . -17.78 26.11 -35.46
O2 SO4 G . -19.66 25.84 -34.07
O3 SO4 G . -18.18 27.37 -33.32
O4 SO4 G . -19.33 27.92 -35.35
#